data_6AVA
# 
_entry.id   6AVA 
# 
_audit_conform.dict_name       mmcif_pdbx.dic 
_audit_conform.dict_version    5.397 
_audit_conform.dict_location   http://mmcif.pdb.org/dictionaries/ascii/mmcif_pdbx.dic 
# 
loop_
_database_2.database_id 
_database_2.database_code 
_database_2.pdbx_database_accession 
_database_2.pdbx_DOI 
PDB   6AVA         pdb_00006ava 10.2210/pdb6ava/pdb 
WWPDB D_1000229891 ?            ?                   
# 
loop_
_pdbx_audit_revision_history.ordinal 
_pdbx_audit_revision_history.data_content_type 
_pdbx_audit_revision_history.major_revision 
_pdbx_audit_revision_history.minor_revision 
_pdbx_audit_revision_history.revision_date 
1 'Structure model' 1 0 2018-02-28 
2 'Structure model' 1 1 2018-03-14 
3 'Structure model' 1 2 2023-10-04 
4 'Structure model' 1 3 2024-10-30 
# 
_pdbx_audit_revision_details.ordinal             1 
_pdbx_audit_revision_details.revision_ordinal    1 
_pdbx_audit_revision_details.data_content_type   'Structure model' 
_pdbx_audit_revision_details.provider            repository 
_pdbx_audit_revision_details.type                'Initial release' 
_pdbx_audit_revision_details.description         ? 
_pdbx_audit_revision_details.details             ? 
# 
loop_
_pdbx_audit_revision_group.ordinal 
_pdbx_audit_revision_group.revision_ordinal 
_pdbx_audit_revision_group.data_content_type 
_pdbx_audit_revision_group.group 
1 2 'Structure model' 'Database references'    
2 3 'Structure model' 'Data collection'        
3 3 'Structure model' 'Database references'    
4 3 'Structure model' 'Derived calculations'   
5 3 'Structure model' 'Refinement description' 
6 4 'Structure model' 'Structure summary'      
# 
loop_
_pdbx_audit_revision_category.ordinal 
_pdbx_audit_revision_category.revision_ordinal 
_pdbx_audit_revision_category.data_content_type 
_pdbx_audit_revision_category.category 
1 2 'Structure model' citation                      
2 2 'Structure model' citation_author               
3 3 'Structure model' chem_comp_atom                
4 3 'Structure model' chem_comp_bond                
5 3 'Structure model' database_2                    
6 3 'Structure model' pdbx_initial_refinement_model 
7 3 'Structure model' pdbx_struct_special_symmetry  
8 4 'Structure model' pdbx_entry_details            
9 4 'Structure model' pdbx_modification_feature     
# 
loop_
_pdbx_audit_revision_item.ordinal 
_pdbx_audit_revision_item.revision_ordinal 
_pdbx_audit_revision_item.data_content_type 
_pdbx_audit_revision_item.item 
1 2 'Structure model' '_citation.journal_abbrev'            
2 2 'Structure model' '_citation.journal_volume'            
3 2 'Structure model' '_citation.page_first'                
4 2 'Structure model' '_citation.page_last'                 
5 2 'Structure model' '_citation.pdbx_database_id_PubMed'   
6 2 'Structure model' '_citation.title'                     
7 2 'Structure model' '_citation_author.name'               
8 3 'Structure model' '_database_2.pdbx_DOI'                
9 3 'Structure model' '_database_2.pdbx_database_accession' 
# 
_pdbx_database_status.status_code                     REL 
_pdbx_database_status.status_code_sf                  REL 
_pdbx_database_status.status_code_mr                  ? 
_pdbx_database_status.entry_id                        6AVA 
_pdbx_database_status.recvd_initial_deposition_date   2017-09-01 
_pdbx_database_status.SG_entry                        N 
_pdbx_database_status.deposit_site                    RCSB 
_pdbx_database_status.process_site                    RCSB 
_pdbx_database_status.status_code_cs                  ? 
_pdbx_database_status.methods_development_category    ? 
_pdbx_database_status.pdb_format_compatible           Y 
_pdbx_database_status.status_code_nmr_data            ? 
# 
loop_
_pdbx_database_related.db_name 
_pdbx_database_related.details 
_pdbx_database_related.db_id 
_pdbx_database_related.content_type 
PDB . 6ATL unspecified 
PDB . 6ATM unspecified 
PDB . 6ATN unspecified 
PDB . 6ATS unspecified 
PDB . 6ATU unspecified 
PDB . 6ATW unspecified 
PDB . 6ATY unspecified 
PDB . 6AU7 unspecified 
PDB . 6AUP unspecified 
PDB . 6AV8 unspecified 
# 
loop_
_audit_author.name 
_audit_author.pdbx_ordinal 
_audit_author.identifier_ORCID 
'Gewe, M.M.'   1 ? 
'Rupert, P.'   2 ? 
'Strong, R.K.' 3 ? 
# 
_citation.abstract                  ? 
_citation.abstract_id_CAS           ? 
_citation.book_id_ISBN              ? 
_citation.book_publisher            ? 
_citation.book_publisher_city       ? 
_citation.book_title                ? 
_citation.coordinate_linkage        ? 
_citation.country                   US 
_citation.database_id_Medline       ? 
_citation.details                   ? 
_citation.id                        primary 
_citation.journal_abbrev            'Nat. Struct. Mol. Biol.' 
_citation.journal_id_ASTM           ? 
_citation.journal_id_CSD            ? 
_citation.journal_id_ISSN           1545-9985 
_citation.journal_full              ? 
_citation.journal_issue             ? 
_citation.journal_volume            25 
_citation.language                  ? 
_citation.page_first                270 
_citation.page_last                 278 
_citation.title                     
'Screening, large-scale production and structure-based classification of cystine-dense peptides.' 
_citation.year                      2018 
_citation.database_id_CSD           ? 
_citation.pdbx_database_id_DOI      10.1038/s41594-018-0033-9 
_citation.pdbx_database_id_PubMed   29483648 
_citation.unpublished_flag          ? 
# 
loop_
_citation_author.citation_id 
_citation_author.name 
_citation_author.ordinal 
_citation_author.identifier_ORCID 
primary 'Correnti, C.E.'          1  ? 
primary 'Gewe, M.M.'              2  ? 
primary 'Mehlin, C.'              3  ? 
primary 'Bandaranayake, A.D.'     4  ? 
primary 'Johnsen, W.A.'           5  ? 
primary 'Rupert, P.B.'            6  ? 
primary 'Brusniak, M.Y.'          7  ? 
primary 'Clarke, M.'              8  ? 
primary 'Burke, S.E.'             9  ? 
primary 'De Van Der Schueren, W.' 10 ? 
primary 'Pilat, K.'               11 ? 
primary 'Turnbaugh, S.M.'         12 ? 
primary 'May, D.'                 13 ? 
primary 'Watson, A.'              14 ? 
primary 'Chan, M.K.'              15 ? 
primary 'Bahl, C.D.'              16 ? 
primary 'Olson, J.M.'             17 ? 
primary 'Strong, R.K.'            18 ? 
# 
loop_
_entity.id 
_entity.type 
_entity.src_method 
_entity.pdbx_description 
_entity.formula_weight 
_entity.pdbx_number_of_molecules 
_entity.pdbx_ec 
_entity.pdbx_mutation 
_entity.pdbx_fragment 
_entity.details 
1 polymer man Insectotoxin-I1 4159.971 2  ? ? ? ? 
2 water   nat water           18.015   77 ? ? ? ? 
# 
_entity_poly.entity_id                      1 
_entity_poly.type                           'polypeptide(L)' 
_entity_poly.nstd_linkage                   no 
_entity_poly.nstd_monomer                   no 
_entity_poly.pdbx_seq_one_letter_code       GSMCMPCFTTRPDMAQQCRACCKGRGKCFGPQCLCGYD 
_entity_poly.pdbx_seq_one_letter_code_can   GSMCMPCFTTRPDMAQQCRACCKGRGKCFGPQCLCGYD 
_entity_poly.pdbx_strand_id                 A,B 
_entity_poly.pdbx_target_identifier         ? 
# 
_pdbx_entity_nonpoly.entity_id   2 
_pdbx_entity_nonpoly.name        water 
_pdbx_entity_nonpoly.comp_id     HOH 
# 
loop_
_entity_poly_seq.entity_id 
_entity_poly_seq.num 
_entity_poly_seq.mon_id 
_entity_poly_seq.hetero 
1 1  GLY n 
1 2  SER n 
1 3  MET n 
1 4  CYS n 
1 5  MET n 
1 6  PRO n 
1 7  CYS n 
1 8  PHE n 
1 9  THR n 
1 10 THR n 
1 11 ARG n 
1 12 PRO n 
1 13 ASP n 
1 14 MET n 
1 15 ALA n 
1 16 GLN n 
1 17 GLN n 
1 18 CYS n 
1 19 ARG n 
1 20 ALA n 
1 21 CYS n 
1 22 CYS n 
1 23 LYS n 
1 24 GLY n 
1 25 ARG n 
1 26 GLY n 
1 27 LYS n 
1 28 CYS n 
1 29 PHE n 
1 30 GLY n 
1 31 PRO n 
1 32 GLN n 
1 33 CYS n 
1 34 LEU n 
1 35 CYS n 
1 36 GLY n 
1 37 TYR n 
1 38 ASP n 
# 
_entity_src_gen.entity_id                          1 
_entity_src_gen.pdbx_src_id                        1 
_entity_src_gen.pdbx_alt_source_flag               sample 
_entity_src_gen.pdbx_seq_type                      'Biological sequence' 
_entity_src_gen.pdbx_beg_seq_num                   1 
_entity_src_gen.pdbx_end_seq_num                   38 
_entity_src_gen.gene_src_common_name               'Lesser Asian scorpion' 
_entity_src_gen.gene_src_genus                     ? 
_entity_src_gen.pdbx_gene_src_gene                 ? 
_entity_src_gen.gene_src_species                   ? 
_entity_src_gen.gene_src_strain                    ? 
_entity_src_gen.gene_src_tissue                    ? 
_entity_src_gen.gene_src_tissue_fraction           ? 
_entity_src_gen.gene_src_details                   ? 
_entity_src_gen.pdbx_gene_src_fragment             ? 
_entity_src_gen.pdbx_gene_src_scientific_name      'Mesobuthus eupeus' 
_entity_src_gen.pdbx_gene_src_ncbi_taxonomy_id     34648 
_entity_src_gen.pdbx_gene_src_variant              ? 
_entity_src_gen.pdbx_gene_src_cell_line            ? 
_entity_src_gen.pdbx_gene_src_atcc                 ? 
_entity_src_gen.pdbx_gene_src_organ                ? 
_entity_src_gen.pdbx_gene_src_organelle            ? 
_entity_src_gen.pdbx_gene_src_cell                 ? 
_entity_src_gen.pdbx_gene_src_cellular_location    ? 
_entity_src_gen.host_org_common_name               ? 
_entity_src_gen.pdbx_host_org_scientific_name      'Homo sapiens' 
_entity_src_gen.pdbx_host_org_ncbi_taxonomy_id     9606 
_entity_src_gen.host_org_genus                     ? 
_entity_src_gen.pdbx_host_org_gene                 ? 
_entity_src_gen.pdbx_host_org_organ                ? 
_entity_src_gen.host_org_species                   ? 
_entity_src_gen.pdbx_host_org_tissue               ? 
_entity_src_gen.pdbx_host_org_tissue_fraction      ? 
_entity_src_gen.pdbx_host_org_strain               ? 
_entity_src_gen.pdbx_host_org_variant              ? 
_entity_src_gen.pdbx_host_org_cell_line            HEK-293F 
_entity_src_gen.pdbx_host_org_atcc                 ? 
_entity_src_gen.pdbx_host_org_culture_collection   ? 
_entity_src_gen.pdbx_host_org_cell                 ? 
_entity_src_gen.pdbx_host_org_organelle            ? 
_entity_src_gen.pdbx_host_org_cellular_location    ? 
_entity_src_gen.pdbx_host_org_vector_type          ? 
_entity_src_gen.pdbx_host_org_vector               ? 
_entity_src_gen.host_org_details                   ? 
_entity_src_gen.expression_system_id               ? 
_entity_src_gen.plasmid_name                       ? 
_entity_src_gen.plasmid_details                    ? 
_entity_src_gen.pdbx_description                   ? 
# 
loop_
_chem_comp.id 
_chem_comp.type 
_chem_comp.mon_nstd_flag 
_chem_comp.name 
_chem_comp.pdbx_synonyms 
_chem_comp.formula 
_chem_comp.formula_weight 
ALA 'L-peptide linking' y ALANINE         ? 'C3 H7 N O2'     89.093  
ARG 'L-peptide linking' y ARGININE        ? 'C6 H15 N4 O2 1' 175.209 
ASP 'L-peptide linking' y 'ASPARTIC ACID' ? 'C4 H7 N O4'     133.103 
CYS 'L-peptide linking' y CYSTEINE        ? 'C3 H7 N O2 S'   121.158 
GLN 'L-peptide linking' y GLUTAMINE       ? 'C5 H10 N2 O3'   146.144 
GLY 'peptide linking'   y GLYCINE         ? 'C2 H5 N O2'     75.067  
HOH non-polymer         . WATER           ? 'H2 O'           18.015  
LEU 'L-peptide linking' y LEUCINE         ? 'C6 H13 N O2'    131.173 
LYS 'L-peptide linking' y LYSINE          ? 'C6 H15 N2 O2 1' 147.195 
MET 'L-peptide linking' y METHIONINE      ? 'C5 H11 N O2 S'  149.211 
PHE 'L-peptide linking' y PHENYLALANINE   ? 'C9 H11 N O2'    165.189 
PRO 'L-peptide linking' y PROLINE         ? 'C5 H9 N O2'     115.130 
SER 'L-peptide linking' y SERINE          ? 'C3 H7 N O3'     105.093 
THR 'L-peptide linking' y THREONINE       ? 'C4 H9 N O3'     119.119 
TYR 'L-peptide linking' y TYROSINE        ? 'C9 H11 N O3'    181.189 
# 
loop_
_pdbx_poly_seq_scheme.asym_id 
_pdbx_poly_seq_scheme.entity_id 
_pdbx_poly_seq_scheme.seq_id 
_pdbx_poly_seq_scheme.mon_id 
_pdbx_poly_seq_scheme.ndb_seq_num 
_pdbx_poly_seq_scheme.pdb_seq_num 
_pdbx_poly_seq_scheme.auth_seq_num 
_pdbx_poly_seq_scheme.pdb_mon_id 
_pdbx_poly_seq_scheme.auth_mon_id 
_pdbx_poly_seq_scheme.pdb_strand_id 
_pdbx_poly_seq_scheme.pdb_ins_code 
_pdbx_poly_seq_scheme.hetero 
A 1 1  GLY 1  1  ?  ?   ?   A . n 
A 1 2  SER 2  2  2  SER SER A . n 
A 1 3  MET 3  3  3  MET MET A . n 
A 1 4  CYS 4  4  4  CYS CYS A . n 
A 1 5  MET 5  5  5  MET MET A . n 
A 1 6  PRO 6  6  6  PRO PRO A . n 
A 1 7  CYS 7  7  7  CYS CYS A . n 
A 1 8  PHE 8  8  8  PHE PHE A . n 
A 1 9  THR 9  9  9  THR THR A . n 
A 1 10 THR 10 10 10 THR THR A . n 
A 1 11 ARG 11 11 11 ARG ARG A . n 
A 1 12 PRO 12 12 12 PRO PRO A . n 
A 1 13 ASP 13 13 13 ASP ASP A . n 
A 1 14 MET 14 14 14 MET MET A . n 
A 1 15 ALA 15 15 15 ALA ALA A . n 
A 1 16 GLN 16 16 16 GLN GLN A . n 
A 1 17 GLN 17 17 17 GLN GLN A . n 
A 1 18 CYS 18 18 18 CYS CYS A . n 
A 1 19 ARG 19 19 19 ARG ARG A . n 
A 1 20 ALA 20 20 20 ALA ALA A . n 
A 1 21 CYS 21 21 21 CYS CYS A . n 
A 1 22 CYS 22 22 22 CYS CYS A . n 
A 1 23 LYS 23 23 23 LYS LYS A . n 
A 1 24 GLY 24 24 24 GLY GLY A . n 
A 1 25 ARG 25 25 25 ARG ARG A . n 
A 1 26 GLY 26 26 26 GLY GLY A . n 
A 1 27 LYS 27 27 27 LYS LYS A . n 
A 1 28 CYS 28 28 28 CYS CYS A . n 
A 1 29 PHE 29 29 29 PHE PHE A . n 
A 1 30 GLY 30 30 30 GLY GLY A . n 
A 1 31 PRO 31 31 31 PRO PRO A . n 
A 1 32 GLN 32 32 32 GLN GLN A . n 
A 1 33 CYS 33 33 33 CYS CYS A . n 
A 1 34 LEU 34 34 34 LEU LEU A . n 
A 1 35 CYS 35 35 35 CYS CYS A . n 
A 1 36 GLY 36 36 36 GLY GLY A . n 
A 1 37 TYR 37 37 37 TYR TYR A . n 
A 1 38 ASP 38 38 38 ASP ASP A . n 
B 1 1  GLY 1  1  1  GLY GLY B . n 
B 1 2  SER 2  2  2  SER SER B . n 
B 1 3  MET 3  3  3  MET MET B . n 
B 1 4  CYS 4  4  4  CYS CYS B . n 
B 1 5  MET 5  5  5  MET MET B . n 
B 1 6  PRO 6  6  6  PRO PRO B . n 
B 1 7  CYS 7  7  7  CYS CYS B . n 
B 1 8  PHE 8  8  8  PHE PHE B . n 
B 1 9  THR 9  9  9  THR THR B . n 
B 1 10 THR 10 10 10 THR THR B . n 
B 1 11 ARG 11 11 11 ARG ARG B . n 
B 1 12 PRO 12 12 12 PRO PRO B . n 
B 1 13 ASP 13 13 13 ASP ASP B . n 
B 1 14 MET 14 14 14 MET MET B . n 
B 1 15 ALA 15 15 15 ALA ALA B . n 
B 1 16 GLN 16 16 16 GLN GLN B . n 
B 1 17 GLN 17 17 17 GLN GLN B . n 
B 1 18 CYS 18 18 18 CYS CYS B . n 
B 1 19 ARG 19 19 19 ARG ARG B . n 
B 1 20 ALA 20 20 20 ALA ALA B . n 
B 1 21 CYS 21 21 21 CYS CYS B . n 
B 1 22 CYS 22 22 22 CYS CYS B . n 
B 1 23 LYS 23 23 23 LYS LYS B . n 
B 1 24 GLY 24 24 24 GLY GLY B . n 
B 1 25 ARG 25 25 25 ARG ARG B . n 
B 1 26 GLY 26 26 26 GLY GLY B . n 
B 1 27 LYS 27 27 27 LYS LYS B . n 
B 1 28 CYS 28 28 28 CYS CYS B . n 
B 1 29 PHE 29 29 29 PHE PHE B . n 
B 1 30 GLY 30 30 30 GLY GLY B . n 
B 1 31 PRO 31 31 31 PRO PRO B . n 
B 1 32 GLN 32 32 32 GLN GLN B . n 
B 1 33 CYS 33 33 33 CYS CYS B . n 
B 1 34 LEU 34 34 34 LEU LEU B . n 
B 1 35 CYS 35 35 35 CYS CYS B . n 
B 1 36 GLY 36 36 36 GLY GLY B . n 
B 1 37 TYR 37 37 37 TYR TYR B . n 
B 1 38 ASP 38 38 38 ASP ASP B . n 
# 
loop_
_pdbx_nonpoly_scheme.asym_id 
_pdbx_nonpoly_scheme.entity_id 
_pdbx_nonpoly_scheme.mon_id 
_pdbx_nonpoly_scheme.ndb_seq_num 
_pdbx_nonpoly_scheme.pdb_seq_num 
_pdbx_nonpoly_scheme.auth_seq_num 
_pdbx_nonpoly_scheme.pdb_mon_id 
_pdbx_nonpoly_scheme.auth_mon_id 
_pdbx_nonpoly_scheme.pdb_strand_id 
_pdbx_nonpoly_scheme.pdb_ins_code 
C 2 HOH 1  101 12 HOH HOH A . 
C 2 HOH 2  102 68 HOH HOH A . 
C 2 HOH 3  103 9  HOH HOH A . 
C 2 HOH 4  104 25 HOH HOH A . 
C 2 HOH 5  105 52 HOH HOH A . 
C 2 HOH 6  106 48 HOH HOH A . 
C 2 HOH 7  107 54 HOH HOH A . 
C 2 HOH 8  108 35 HOH HOH A . 
C 2 HOH 9  109 28 HOH HOH A . 
C 2 HOH 10 110 32 HOH HOH A . 
C 2 HOH 11 111 57 HOH HOH A . 
C 2 HOH 12 112 43 HOH HOH A . 
C 2 HOH 13 113 1  HOH HOH A . 
C 2 HOH 14 114 31 HOH HOH A . 
C 2 HOH 15 115 13 HOH HOH A . 
C 2 HOH 16 116 70 HOH HOH A . 
C 2 HOH 17 117 29 HOH HOH A . 
C 2 HOH 18 118 14 HOH HOH A . 
C 2 HOH 19 119 15 HOH HOH A . 
C 2 HOH 20 120 16 HOH HOH A . 
C 2 HOH 21 121 33 HOH HOH A . 
C 2 HOH 22 122 55 HOH HOH A . 
C 2 HOH 23 123 63 HOH HOH A . 
C 2 HOH 24 124 46 HOH HOH A . 
C 2 HOH 25 125 2  HOH HOH A . 
C 2 HOH 26 126 27 HOH HOH A . 
C 2 HOH 27 127 20 HOH HOH A . 
C 2 HOH 28 128 69 HOH HOH A . 
C 2 HOH 29 129 82 HOH HOH A . 
C 2 HOH 30 130 73 HOH HOH A . 
C 2 HOH 31 131 76 HOH HOH A . 
C 2 HOH 32 132 56 HOH HOH A . 
C 2 HOH 33 133 41 HOH HOH A . 
C 2 HOH 34 134 80 HOH HOH A . 
C 2 HOH 35 135 71 HOH HOH A . 
C 2 HOH 36 136 79 HOH HOH A . 
C 2 HOH 37 137 42 HOH HOH A . 
C 2 HOH 38 138 58 HOH HOH A . 
D 2 HOH 1  101 4  HOH HOH B . 
D 2 HOH 2  102 24 HOH HOH B . 
D 2 HOH 3  103 26 HOH HOH B . 
D 2 HOH 4  104 81 HOH HOH B . 
D 2 HOH 5  105 45 HOH HOH B . 
D 2 HOH 6  106 77 HOH HOH B . 
D 2 HOH 7  107 40 HOH HOH B . 
D 2 HOH 8  108 3  HOH HOH B . 
D 2 HOH 9  109 34 HOH HOH B . 
D 2 HOH 10 110 8  HOH HOH B . 
D 2 HOH 11 111 22 HOH HOH B . 
D 2 HOH 12 112 17 HOH HOH B . 
D 2 HOH 13 113 36 HOH HOH B . 
D 2 HOH 14 114 23 HOH HOH B . 
D 2 HOH 15 115 61 HOH HOH B . 
D 2 HOH 16 116 21 HOH HOH B . 
D 2 HOH 17 117 18 HOH HOH B . 
D 2 HOH 18 118 64 HOH HOH B . 
D 2 HOH 19 119 59 HOH HOH B . 
D 2 HOH 20 120 50 HOH HOH B . 
D 2 HOH 21 121 11 HOH HOH B . 
D 2 HOH 22 122 19 HOH HOH B . 
D 2 HOH 23 123 10 HOH HOH B . 
D 2 HOH 24 124 38 HOH HOH B . 
D 2 HOH 25 125 44 HOH HOH B . 
D 2 HOH 26 126 53 HOH HOH B . 
D 2 HOH 27 127 65 HOH HOH B . 
D 2 HOH 28 128 84 HOH HOH B . 
D 2 HOH 29 129 83 HOH HOH B . 
D 2 HOH 30 130 47 HOH HOH B . 
D 2 HOH 31 131 60 HOH HOH B . 
D 2 HOH 32 132 37 HOH HOH B . 
D 2 HOH 33 133 78 HOH HOH B . 
D 2 HOH 34 134 72 HOH HOH B . 
D 2 HOH 35 135 51 HOH HOH B . 
D 2 HOH 36 136 67 HOH HOH B . 
D 2 HOH 37 137 49 HOH HOH B . 
D 2 HOH 38 138 75 HOH HOH B . 
D 2 HOH 39 139 85 HOH HOH B . 
# 
loop_
_software.citation_id 
_software.classification 
_software.compiler_name 
_software.compiler_version 
_software.contact_author 
_software.contact_author_email 
_software.date 
_software.description 
_software.dependencies 
_software.hardware 
_software.language 
_software.location 
_software.mods 
_software.name 
_software.os 
_software.os_version 
_software.type 
_software.version 
_software.pdbx_ordinal 
? refinement       ? ? ? ? ? ? ? ? ? ? ? REFMAC   ? ? ? 5.8.0124 1 
? 'data reduction' ? ? ? ? ? ? ? ? ? ? ? HKL-2000 ? ? ? .        2 
? 'data scaling'   ? ? ? ? ? ? ? ? ? ? ? HKL-2000 ? ? ? .        3 
? phasing          ? ? ? ? ? ? ? ? ? ? ? PHASER   ? ? ? .        4 
# 
_cell.angle_alpha                  90.00 
_cell.angle_alpha_esd              ? 
_cell.angle_beta                   90.00 
_cell.angle_beta_esd               ? 
_cell.angle_gamma                  90.00 
_cell.angle_gamma_esd              ? 
_cell.entry_id                     6AVA 
_cell.details                      ? 
_cell.formula_units_Z              ? 
_cell.length_a                     41.437 
_cell.length_a_esd                 ? 
_cell.length_b                     41.437 
_cell.length_b_esd                 ? 
_cell.length_c                     88.093 
_cell.length_c_esd                 ? 
_cell.volume                       ? 
_cell.volume_esd                   ? 
_cell.Z_PDB                        16 
_cell.reciprocal_angle_alpha       ? 
_cell.reciprocal_angle_beta        ? 
_cell.reciprocal_angle_gamma       ? 
_cell.reciprocal_angle_alpha_esd   ? 
_cell.reciprocal_angle_beta_esd    ? 
_cell.reciprocal_angle_gamma_esd   ? 
_cell.reciprocal_length_a          ? 
_cell.reciprocal_length_b          ? 
_cell.reciprocal_length_c          ? 
_cell.reciprocal_length_a_esd      ? 
_cell.reciprocal_length_b_esd      ? 
_cell.reciprocal_length_c_esd      ? 
_cell.pdbx_unique_axis             ? 
# 
_symmetry.entry_id                         6AVA 
_symmetry.cell_setting                     ? 
_symmetry.Int_Tables_number                96 
_symmetry.space_group_name_Hall            ? 
_symmetry.space_group_name_H-M             'P 43 21 2' 
_symmetry.pdbx_full_space_group_name_H-M   ? 
# 
_exptl.absorpt_coefficient_mu     ? 
_exptl.absorpt_correction_T_max   ? 
_exptl.absorpt_correction_T_min   ? 
_exptl.absorpt_correction_type    ? 
_exptl.absorpt_process_details    ? 
_exptl.entry_id                   6AVA 
_exptl.crystals_number            1 
_exptl.details                    ? 
_exptl.method                     'X-RAY DIFFRACTION' 
_exptl.method_details             ? 
# 
_exptl_crystal.colour                      ? 
_exptl_crystal.density_diffrn              ? 
_exptl_crystal.density_Matthews            2.27 
_exptl_crystal.density_method              ? 
_exptl_crystal.density_percent_sol         45.88 
_exptl_crystal.description                 ? 
_exptl_crystal.F_000                       ? 
_exptl_crystal.id                          1 
_exptl_crystal.preparation                 ? 
_exptl_crystal.size_max                    ? 
_exptl_crystal.size_mid                    ? 
_exptl_crystal.size_min                    ? 
_exptl_crystal.size_rad                    ? 
_exptl_crystal.colour_lustre               ? 
_exptl_crystal.colour_modifier             ? 
_exptl_crystal.colour_primary              ? 
_exptl_crystal.density_meas                ? 
_exptl_crystal.density_meas_esd            ? 
_exptl_crystal.density_meas_gt             ? 
_exptl_crystal.density_meas_lt             ? 
_exptl_crystal.density_meas_temp           ? 
_exptl_crystal.density_meas_temp_esd       ? 
_exptl_crystal.density_meas_temp_gt        ? 
_exptl_crystal.density_meas_temp_lt        ? 
_exptl_crystal.pdbx_crystal_image_url      ? 
_exptl_crystal.pdbx_crystal_image_format   ? 
_exptl_crystal.pdbx_mosaicity              ? 
_exptl_crystal.pdbx_mosaicity_esd          ? 
# 
_exptl_crystal_grow.apparatus       ? 
_exptl_crystal_grow.atmosphere      ? 
_exptl_crystal_grow.crystal_id      1 
_exptl_crystal_grow.details         ? 
_exptl_crystal_grow.method          'VAPOR DIFFUSION, SITTING DROP' 
_exptl_crystal_grow.method_ref      ? 
_exptl_crystal_grow.pH              4.5 
_exptl_crystal_grow.pressure        ? 
_exptl_crystal_grow.pressure_esd    ? 
_exptl_crystal_grow.seeding         ? 
_exptl_crystal_grow.seeding_ref     ? 
_exptl_crystal_grow.temp            298 
_exptl_crystal_grow.temp_details    ? 
_exptl_crystal_grow.temp_esd        ? 
_exptl_crystal_grow.time            ? 
_exptl_crystal_grow.pdbx_details    '100 mM Na Acetate pH 4.5, 600 mM  AmPO4' 
_exptl_crystal_grow.pdbx_pH_range   ? 
# 
_diffrn.ambient_environment    ? 
_diffrn.ambient_temp           100 
_diffrn.ambient_temp_details   ? 
_diffrn.ambient_temp_esd       ? 
_diffrn.crystal_id             1 
_diffrn.crystal_support        ? 
_diffrn.crystal_treatment      ? 
_diffrn.details                ? 
_diffrn.id                     1 
_diffrn.ambient_pressure       ? 
_diffrn.ambient_pressure_esd   ? 
_diffrn.ambient_pressure_gt    ? 
_diffrn.ambient_pressure_lt    ? 
_diffrn.ambient_temp_gt        ? 
_diffrn.ambient_temp_lt        ? 
# 
_diffrn_detector.details                      ? 
_diffrn_detector.detector                     CCD 
_diffrn_detector.diffrn_id                    1 
_diffrn_detector.type                         'RIGAKU SATURN 944' 
_diffrn_detector.area_resol_mean              ? 
_diffrn_detector.dtime                        ? 
_diffrn_detector.pdbx_frames_total            ? 
_diffrn_detector.pdbx_collection_time_total   ? 
_diffrn_detector.pdbx_collection_date         2015-07-02 
# 
_diffrn_radiation.collimation                      ? 
_diffrn_radiation.diffrn_id                        1 
_diffrn_radiation.filter_edge                      ? 
_diffrn_radiation.inhomogeneity                    ? 
_diffrn_radiation.monochromator                    ? 
_diffrn_radiation.polarisn_norm                    ? 
_diffrn_radiation.polarisn_ratio                   ? 
_diffrn_radiation.probe                            ? 
_diffrn_radiation.type                             ? 
_diffrn_radiation.xray_symbol                      ? 
_diffrn_radiation.wavelength_id                    1 
_diffrn_radiation.pdbx_monochromatic_or_laue_m_l   M 
_diffrn_radiation.pdbx_wavelength_list             ? 
_diffrn_radiation.pdbx_wavelength                  ? 
_diffrn_radiation.pdbx_diffrn_protocol             'SINGLE WAVELENGTH' 
_diffrn_radiation.pdbx_analyzer                    ? 
_diffrn_radiation.pdbx_scattering_type             x-ray 
# 
_diffrn_radiation_wavelength.id           1 
_diffrn_radiation_wavelength.wavelength   1.54 
_diffrn_radiation_wavelength.wt           1.0 
# 
_diffrn_source.current                     ? 
_diffrn_source.details                     ? 
_diffrn_source.diffrn_id                   1 
_diffrn_source.power                       ? 
_diffrn_source.size                        ? 
_diffrn_source.source                      'ROTATING ANODE' 
_diffrn_source.target                      ? 
_diffrn_source.type                        'RIGAKU MICROMAX-007 HF' 
_diffrn_source.voltage                     ? 
_diffrn_source.take-off_angle              ? 
_diffrn_source.pdbx_wavelength_list        1.54 
_diffrn_source.pdbx_wavelength             ? 
_diffrn_source.pdbx_synchrotron_beamline   ? 
_diffrn_source.pdbx_synchrotron_site       ? 
# 
_reflns.B_iso_Wilson_estimate            ? 
_reflns.entry_id                         6AVA 
_reflns.data_reduction_details           ? 
_reflns.data_reduction_method            ? 
_reflns.d_resolution_high                2.2 
_reflns.d_resolution_low                 50 
_reflns.details                          ? 
_reflns.limit_h_max                      ? 
_reflns.limit_h_min                      ? 
_reflns.limit_k_max                      ? 
_reflns.limit_k_min                      ? 
_reflns.limit_l_max                      ? 
_reflns.limit_l_min                      ? 
_reflns.number_all                       ? 
_reflns.number_obs                       4317 
_reflns.observed_criterion               ? 
_reflns.observed_criterion_F_max         ? 
_reflns.observed_criterion_F_min         ? 
_reflns.observed_criterion_I_max         ? 
_reflns.observed_criterion_I_min         ? 
_reflns.observed_criterion_sigma_F       ? 
_reflns.observed_criterion_sigma_I       ? 
_reflns.percent_possible_obs             100 
_reflns.R_free_details                   ? 
_reflns.Rmerge_F_all                     ? 
_reflns.Rmerge_F_obs                     ? 
_reflns.Friedel_coverage                 ? 
_reflns.number_gt                        ? 
_reflns.threshold_expression             ? 
_reflns.pdbx_redundancy                  58.4 
_reflns.pdbx_Rmerge_I_obs                0.124 
_reflns.pdbx_Rmerge_I_all                ? 
_reflns.pdbx_Rsym_value                  ? 
_reflns.pdbx_netI_over_av_sigmaI         ? 
_reflns.pdbx_netI_over_sigmaI            44.9 
_reflns.pdbx_res_netI_over_av_sigmaI_2   ? 
_reflns.pdbx_res_netI_over_sigmaI_2      ? 
_reflns.pdbx_chi_squared                 ? 
_reflns.pdbx_scaling_rejects             ? 
_reflns.pdbx_d_res_high_opt              ? 
_reflns.pdbx_d_res_low_opt               ? 
_reflns.pdbx_d_res_opt_method            ? 
_reflns.phase_calculation_details        ? 
_reflns.pdbx_Rrim_I_all                  ? 
_reflns.pdbx_Rpim_I_all                  0.021 
_reflns.pdbx_d_opt                       ? 
_reflns.pdbx_number_measured_all         ? 
_reflns.pdbx_diffrn_id                   1 
_reflns.pdbx_ordinal                     1 
_reflns.pdbx_CC_half                     ? 
_reflns.pdbx_R_split                     ? 
# 
_reflns_shell.d_res_high                  2.20 
_reflns_shell.d_res_low                   2.26 
_reflns_shell.meanI_over_sigI_all         ? 
_reflns_shell.meanI_over_sigI_obs         26.7 
_reflns_shell.number_measured_all         ? 
_reflns_shell.number_measured_obs         ? 
_reflns_shell.number_possible             ? 
_reflns_shell.number_unique_all           ? 
_reflns_shell.number_unique_obs           409 
_reflns_shell.percent_possible_all        100 
_reflns_shell.percent_possible_obs        ? 
_reflns_shell.Rmerge_F_all                ? 
_reflns_shell.Rmerge_F_obs                ? 
_reflns_shell.Rmerge_I_all                ? 
_reflns_shell.Rmerge_I_obs                0.348 
_reflns_shell.meanI_over_sigI_gt          ? 
_reflns_shell.meanI_over_uI_all           ? 
_reflns_shell.meanI_over_uI_gt            ? 
_reflns_shell.number_measured_gt          ? 
_reflns_shell.number_unique_gt            ? 
_reflns_shell.percent_possible_gt         ? 
_reflns_shell.Rmerge_F_gt                 ? 
_reflns_shell.Rmerge_I_gt                 ? 
_reflns_shell.pdbx_redundancy             59.5 
_reflns_shell.pdbx_Rsym_value             ? 
_reflns_shell.pdbx_chi_squared            2.488 
_reflns_shell.pdbx_netI_over_sigmaI_all   ? 
_reflns_shell.pdbx_netI_over_sigmaI_obs   ? 
_reflns_shell.pdbx_Rrim_I_all             ? 
_reflns_shell.pdbx_Rpim_I_all             0.049 
_reflns_shell.pdbx_rejects                ? 
_reflns_shell.pdbx_ordinal                1 
_reflns_shell.pdbx_diffrn_id              1 
_reflns_shell.pdbx_CC_half                0.993 
_reflns_shell.pdbx_R_split                ? 
# 
_refine.aniso_B[1][1]                            0.13 
_refine.aniso_B[1][2]                            0.00 
_refine.aniso_B[1][3]                            0.00 
_refine.aniso_B[2][2]                            0.13 
_refine.aniso_B[2][3]                            0.00 
_refine.aniso_B[3][3]                            -0.26 
_refine.B_iso_max                                ? 
_refine.B_iso_mean                               15.807 
_refine.B_iso_min                                ? 
_refine.correlation_coeff_Fo_to_Fc               0.947 
_refine.correlation_coeff_Fo_to_Fc_free          0.928 
_refine.details                                  'HYDROGENS HAVE BEEN ADDED IN THE RIDING POSITIONS' 
_refine.diff_density_max                         ? 
_refine.diff_density_max_esd                     ? 
_refine.diff_density_min                         ? 
_refine.diff_density_min_esd                     ? 
_refine.diff_density_rms                         ? 
_refine.diff_density_rms_esd                     ? 
_refine.entry_id                                 6AVA 
_refine.pdbx_refine_id                           'X-RAY DIFFRACTION' 
_refine.ls_abs_structure_details                 ? 
_refine.ls_abs_structure_Flack                   ? 
_refine.ls_abs_structure_Flack_esd               ? 
_refine.ls_abs_structure_Rogers                  ? 
_refine.ls_abs_structure_Rogers_esd              ? 
_refine.ls_d_res_high                            2.20 
_refine.ls_d_res_low                             37.50 
_refine.ls_extinction_coef                       ? 
_refine.ls_extinction_coef_esd                   ? 
_refine.ls_extinction_expression                 ? 
_refine.ls_extinction_method                     ? 
_refine.ls_goodness_of_fit_all                   ? 
_refine.ls_goodness_of_fit_all_esd               ? 
_refine.ls_goodness_of_fit_obs                   ? 
_refine.ls_goodness_of_fit_obs_esd               ? 
_refine.ls_hydrogen_treatment                    ? 
_refine.ls_matrix_type                           ? 
_refine.ls_number_constraints                    ? 
_refine.ls_number_parameters                     ? 
_refine.ls_number_reflns_all                     ? 
_refine.ls_number_reflns_obs                     4048 
_refine.ls_number_reflns_R_free                  231 
_refine.ls_number_reflns_R_work                  ? 
_refine.ls_number_restraints                     ? 
_refine.ls_percent_reflns_obs                    99.93 
_refine.ls_percent_reflns_R_free                 5.4 
_refine.ls_R_factor_all                          ? 
_refine.ls_R_factor_obs                          0.17545 
_refine.ls_R_factor_R_free                       0.23558 
_refine.ls_R_factor_R_free_error                 ? 
_refine.ls_R_factor_R_free_error_details         ? 
_refine.ls_R_factor_R_work                       0.17217 
_refine.ls_R_Fsqd_factor_obs                     ? 
_refine.ls_R_I_factor_obs                        ? 
_refine.ls_redundancy_reflns_all                 ? 
_refine.ls_redundancy_reflns_obs                 ? 
_refine.ls_restrained_S_all                      ? 
_refine.ls_restrained_S_obs                      ? 
_refine.ls_shift_over_esd_max                    ? 
_refine.ls_shift_over_esd_mean                   ? 
_refine.ls_structure_factor_coef                 ? 
_refine.ls_weighting_details                     ? 
_refine.ls_weighting_scheme                      ? 
_refine.ls_wR_factor_all                         ? 
_refine.ls_wR_factor_obs                         ? 
_refine.ls_wR_factor_R_free                      ? 
_refine.ls_wR_factor_R_work                      ? 
_refine.occupancy_max                            ? 
_refine.occupancy_min                            ? 
_refine.solvent_model_details                    ? 
_refine.solvent_model_param_bsol                 ? 
_refine.solvent_model_param_ksol                 ? 
_refine.ls_R_factor_gt                           ? 
_refine.ls_goodness_of_fit_gt                    ? 
_refine.ls_goodness_of_fit_ref                   ? 
_refine.ls_shift_over_su_max                     ? 
_refine.ls_shift_over_su_max_lt                  ? 
_refine.ls_shift_over_su_mean                    ? 
_refine.ls_shift_over_su_mean_lt                 ? 
_refine.pdbx_ls_sigma_I                          ? 
_refine.pdbx_ls_sigma_F                          ? 
_refine.pdbx_ls_sigma_Fsqd                       ? 
_refine.pdbx_data_cutoff_high_absF               ? 
_refine.pdbx_data_cutoff_high_rms_absF           ? 
_refine.pdbx_data_cutoff_low_absF                ? 
_refine.pdbx_isotropic_thermal_model             ? 
_refine.pdbx_ls_cross_valid_method               THROUGHOUT 
_refine.pdbx_method_to_determine_struct          'MOLECULAR REPLACEMENT' 
_refine.pdbx_starting_model                      1SIS 
_refine.pdbx_stereochemistry_target_values       ? 
_refine.pdbx_R_Free_selection_details            RANDOM 
_refine.pdbx_stereochem_target_val_spec_case     ? 
_refine.pdbx_overall_ESU_R                       0.249 
_refine.pdbx_overall_ESU_R_Free                  0.209 
_refine.pdbx_solvent_vdw_probe_radii             1.20 
_refine.pdbx_solvent_ion_probe_radii             0.80 
_refine.pdbx_solvent_shrinkage_radii             0.80 
_refine.pdbx_real_space_R                        ? 
_refine.pdbx_density_correlation                 ? 
_refine.pdbx_pd_number_of_powder_patterns        ? 
_refine.pdbx_pd_number_of_points                 ? 
_refine.pdbx_pd_meas_number_of_points            ? 
_refine.pdbx_pd_proc_ls_prof_R_factor            ? 
_refine.pdbx_pd_proc_ls_prof_wR_factor           ? 
_refine.pdbx_pd_Marquardt_correlation_coeff      ? 
_refine.pdbx_pd_Fsqrd_R_factor                   ? 
_refine.pdbx_pd_ls_matrix_band_width             ? 
_refine.pdbx_overall_phase_error                 ? 
_refine.pdbx_overall_SU_R_free_Cruickshank_DPI   ? 
_refine.pdbx_overall_SU_R_free_Blow_DPI          ? 
_refine.pdbx_overall_SU_R_Blow_DPI               ? 
_refine.pdbx_TLS_residual_ADP_flag               ? 
_refine.pdbx_diffrn_id                           1 
_refine.overall_SU_B                             7.766 
_refine.overall_SU_ML                            0.110 
_refine.overall_SU_R_Cruickshank_DPI             ? 
_refine.overall_SU_R_free                        ? 
_refine.overall_FOM_free_R_set                   ? 
_refine.overall_FOM_work_R_set                   ? 
_refine.pdbx_average_fsc_overall                 ? 
_refine.pdbx_average_fsc_work                    ? 
_refine.pdbx_average_fsc_free                    ? 
# 
_refine_hist.pdbx_refine_id                   'X-RAY DIFFRACTION' 
_refine_hist.cycle_id                         1 
_refine_hist.pdbx_number_atoms_protein        556 
_refine_hist.pdbx_number_atoms_nucleic_acid   0 
_refine_hist.pdbx_number_atoms_ligand         0 
_refine_hist.number_atoms_solvent             77 
_refine_hist.number_atoms_total               633 
_refine_hist.d_res_high                       2.20 
_refine_hist.d_res_low                        37.50 
# 
loop_
_refine_ls_restr.pdbx_refine_id 
_refine_ls_restr.criterion 
_refine_ls_restr.dev_ideal 
_refine_ls_restr.dev_ideal_target 
_refine_ls_restr.number 
_refine_ls_restr.rejects 
_refine_ls_restr.type 
_refine_ls_restr.weight 
_refine_ls_restr.pdbx_restraint_function 
'X-RAY DIFFRACTION' ? 0.008  0.019  574  ? r_bond_refined_d             ? ? 
'X-RAY DIFFRACTION' ? 0.002  0.020  511  ? r_bond_other_d               ? ? 
'X-RAY DIFFRACTION' ? 1.337  1.985  769  ? r_angle_refined_deg          ? ? 
'X-RAY DIFFRACTION' ? 0.922  3.000  1191 ? r_angle_other_deg            ? ? 
'X-RAY DIFFRACTION' ? 6.387  5.000  73   ? r_dihedral_angle_1_deg       ? ? 
'X-RAY DIFFRACTION' ? 17.989 21.818 22   ? r_dihedral_angle_2_deg       ? ? 
'X-RAY DIFFRACTION' ? 13.680 15.000 100  ? r_dihedral_angle_3_deg       ? ? 
'X-RAY DIFFRACTION' ? 26.111 15.000 6    ? r_dihedral_angle_4_deg       ? ? 
'X-RAY DIFFRACTION' ? 0.071  0.200  72   ? r_chiral_restr               ? ? 
'X-RAY DIFFRACTION' ? 0.004  0.021  651  ? r_gen_planes_refined         ? ? 
'X-RAY DIFFRACTION' ? 0.001  0.020  131  ? r_gen_planes_other           ? ? 
'X-RAY DIFFRACTION' ? ?      ?      ?    ? r_nbd_refined                ? ? 
'X-RAY DIFFRACTION' ? ?      ?      ?    ? r_nbd_other                  ? ? 
'X-RAY DIFFRACTION' ? ?      ?      ?    ? r_nbtor_refined              ? ? 
'X-RAY DIFFRACTION' ? ?      ?      ?    ? r_nbtor_other                ? ? 
'X-RAY DIFFRACTION' ? ?      ?      ?    ? r_xyhbond_nbd_refined        ? ? 
'X-RAY DIFFRACTION' ? ?      ?      ?    ? r_xyhbond_nbd_other          ? ? 
'X-RAY DIFFRACTION' ? ?      ?      ?    ? r_metal_ion_refined          ? ? 
'X-RAY DIFFRACTION' ? ?      ?      ?    ? r_metal_ion_other            ? ? 
'X-RAY DIFFRACTION' ? ?      ?      ?    ? r_symmetry_vdw_refined       ? ? 
'X-RAY DIFFRACTION' ? ?      ?      ?    ? r_symmetry_vdw_other         ? ? 
'X-RAY DIFFRACTION' ? ?      ?      ?    ? r_symmetry_hbond_refined     ? ? 
'X-RAY DIFFRACTION' ? ?      ?      ?    ? r_symmetry_hbond_other       ? ? 
'X-RAY DIFFRACTION' ? ?      ?      ?    ? r_symmetry_metal_ion_refined ? ? 
'X-RAY DIFFRACTION' ? ?      ?      ?    ? r_symmetry_metal_ion_other   ? ? 
'X-RAY DIFFRACTION' ? 0.454  0.889  298  ? r_mcbond_it                  ? ? 
'X-RAY DIFFRACTION' ? 0.453  0.888  297  ? r_mcbond_other               ? ? 
'X-RAY DIFFRACTION' ? 0.861  1.324  369  ? r_mcangle_it                 ? ? 
'X-RAY DIFFRACTION' ? 0.861  1.325  370  ? r_mcangle_other              ? ? 
'X-RAY DIFFRACTION' ? 0.183  0.886  276  ? r_scbond_it                  ? ? 
'X-RAY DIFFRACTION' ? 0.184  0.881  273  ? r_scbond_other               ? ? 
'X-RAY DIFFRACTION' ? ?      ?      ?    ? r_scangle_it                 ? ? 
'X-RAY DIFFRACTION' ? 0.386  1.321  399  ? r_scangle_other              ? ? 
'X-RAY DIFFRACTION' ? 4.628  7.882  660  ? r_long_range_B_refined       ? ? 
'X-RAY DIFFRACTION' ? 4.134  7.169  627  ? r_long_range_B_other         ? ? 
'X-RAY DIFFRACTION' ? ?      ?      ?    ? r_rigid_bond_restr           ? ? 
'X-RAY DIFFRACTION' ? ?      ?      ?    ? r_sphericity_free            ? ? 
'X-RAY DIFFRACTION' ? ?      ?      ?    ? r_sphericity_bonded          ? ? 
# 
_refine_ls_shell.pdbx_refine_id                   'X-RAY DIFFRACTION' 
_refine_ls_shell.d_res_high                       2.199 
_refine_ls_shell.d_res_low                        2.256 
_refine_ls_shell.number_reflns_all                ? 
_refine_ls_shell.number_reflns_obs                ? 
_refine_ls_shell.number_reflns_R_free             17 
_refine_ls_shell.number_reflns_R_work             293 
_refine_ls_shell.percent_reflns_obs               99.68 
_refine_ls_shell.percent_reflns_R_free            ? 
_refine_ls_shell.R_factor_all                     ? 
_refine_ls_shell.R_factor_obs                     ? 
_refine_ls_shell.R_factor_R_free                  0.219 
_refine_ls_shell.R_factor_R_free_error            ? 
_refine_ls_shell.R_factor_R_work                  0.102 
_refine_ls_shell.redundancy_reflns_all            ? 
_refine_ls_shell.redundancy_reflns_obs            ? 
_refine_ls_shell.wR_factor_all                    ? 
_refine_ls_shell.wR_factor_obs                    ? 
_refine_ls_shell.wR_factor_R_free                 ? 
_refine_ls_shell.wR_factor_R_work                 ? 
_refine_ls_shell.pdbx_total_number_of_bins_used   20 
_refine_ls_shell.pdbx_phase_error                 ? 
_refine_ls_shell.pdbx_fsc_work                    ? 
_refine_ls_shell.pdbx_fsc_free                    ? 
# 
_struct.entry_id                     6AVA 
_struct.title                        'Exploring Cystine Dense Peptide Space to Open a Unique Molecular Toolbox' 
_struct.pdbx_model_details           ? 
_struct.pdbx_formula_weight          ? 
_struct.pdbx_formula_weight_method   ? 
_struct.pdbx_model_type_details      ? 
_struct.pdbx_CASP_flag               N 
# 
_struct_keywords.entry_id        6AVA 
_struct_keywords.text            'Knottins, Cystine knot, Toxins, TOXIN' 
_struct_keywords.pdbx_keywords   TOXIN 
# 
loop_
_struct_asym.id 
_struct_asym.pdbx_blank_PDB_chainid_flag 
_struct_asym.pdbx_modified 
_struct_asym.entity_id 
_struct_asym.details 
A N N 1 ? 
B N N 1 ? 
C N N 2 ? 
D N N 2 ? 
# 
_struct_ref.id                         1 
_struct_ref.db_name                    UNP 
_struct_ref.db_code                    CTXI1_MESEU 
_struct_ref.pdbx_db_accession          P15220 
_struct_ref.pdbx_db_isoform            ? 
_struct_ref.entity_id                  1 
_struct_ref.pdbx_seq_one_letter_code   MCMPCFTTRPDMAQQCRACCKGRGKCFGPQCLCGYD 
_struct_ref.pdbx_align_begin           1 
# 
loop_
_struct_ref_seq.align_id 
_struct_ref_seq.ref_id 
_struct_ref_seq.pdbx_PDB_id_code 
_struct_ref_seq.pdbx_strand_id 
_struct_ref_seq.seq_align_beg 
_struct_ref_seq.pdbx_seq_align_beg_ins_code 
_struct_ref_seq.seq_align_end 
_struct_ref_seq.pdbx_seq_align_end_ins_code 
_struct_ref_seq.pdbx_db_accession 
_struct_ref_seq.db_align_beg 
_struct_ref_seq.pdbx_db_align_beg_ins_code 
_struct_ref_seq.db_align_end 
_struct_ref_seq.pdbx_db_align_end_ins_code 
_struct_ref_seq.pdbx_auth_seq_align_beg 
_struct_ref_seq.pdbx_auth_seq_align_end 
1 1 6AVA A 3 ? 38 ? P15220 1 ? 36 ? 3 38 
2 1 6AVA B 3 ? 38 ? P15220 1 ? 36 ? 3 38 
# 
loop_
_struct_ref_seq_dif.align_id 
_struct_ref_seq_dif.pdbx_pdb_id_code 
_struct_ref_seq_dif.mon_id 
_struct_ref_seq_dif.pdbx_pdb_strand_id 
_struct_ref_seq_dif.seq_num 
_struct_ref_seq_dif.pdbx_pdb_ins_code 
_struct_ref_seq_dif.pdbx_seq_db_name 
_struct_ref_seq_dif.pdbx_seq_db_accession_code 
_struct_ref_seq_dif.db_mon_id 
_struct_ref_seq_dif.pdbx_seq_db_seq_num 
_struct_ref_seq_dif.details 
_struct_ref_seq_dif.pdbx_auth_seq_num 
_struct_ref_seq_dif.pdbx_ordinal 
1 6AVA GLY A 1 ? UNP P15220 ? ? 'expression tag' 1 1 
1 6AVA SER A 2 ? UNP P15220 ? ? 'expression tag' 2 2 
2 6AVA GLY B 1 ? UNP P15220 ? ? 'expression tag' 1 3 
2 6AVA SER B 2 ? UNP P15220 ? ? 'expression tag' 2 4 
# 
loop_
_pdbx_struct_assembly.id 
_pdbx_struct_assembly.details 
_pdbx_struct_assembly.method_details 
_pdbx_struct_assembly.oligomeric_details 
_pdbx_struct_assembly.oligomeric_count 
1 author_and_software_defined_assembly PISA monomeric 1 
2 author_and_software_defined_assembly PISA monomeric 1 
# 
loop_
_pdbx_struct_assembly_gen.assembly_id 
_pdbx_struct_assembly_gen.oper_expression 
_pdbx_struct_assembly_gen.asym_id_list 
1 1 A,C 
2 1 B,D 
# 
_pdbx_struct_assembly_auth_evidence.id                     1 
_pdbx_struct_assembly_auth_evidence.assembly_id            1 
_pdbx_struct_assembly_auth_evidence.experimental_support   none 
_pdbx_struct_assembly_auth_evidence.details                ? 
# 
_pdbx_struct_oper_list.id                   1 
_pdbx_struct_oper_list.type                 'identity operation' 
_pdbx_struct_oper_list.name                 1_555 
_pdbx_struct_oper_list.symmetry_operation   x,y,z 
_pdbx_struct_oper_list.matrix[1][1]         1.0000000000 
_pdbx_struct_oper_list.matrix[1][2]         0.0000000000 
_pdbx_struct_oper_list.matrix[1][3]         0.0000000000 
_pdbx_struct_oper_list.vector[1]            0.0000000000 
_pdbx_struct_oper_list.matrix[2][1]         0.0000000000 
_pdbx_struct_oper_list.matrix[2][2]         1.0000000000 
_pdbx_struct_oper_list.matrix[2][3]         0.0000000000 
_pdbx_struct_oper_list.vector[2]            0.0000000000 
_pdbx_struct_oper_list.matrix[3][1]         0.0000000000 
_pdbx_struct_oper_list.matrix[3][2]         0.0000000000 
_pdbx_struct_oper_list.matrix[3][3]         1.0000000000 
_pdbx_struct_oper_list.vector[3]            0.0000000000 
# 
loop_
_struct_conf.conf_type_id 
_struct_conf.id 
_struct_conf.pdbx_PDB_helix_id 
_struct_conf.beg_label_comp_id 
_struct_conf.beg_label_asym_id 
_struct_conf.beg_label_seq_id 
_struct_conf.pdbx_beg_PDB_ins_code 
_struct_conf.end_label_comp_id 
_struct_conf.end_label_asym_id 
_struct_conf.end_label_seq_id 
_struct_conf.pdbx_end_PDB_ins_code 
_struct_conf.beg_auth_comp_id 
_struct_conf.beg_auth_asym_id 
_struct_conf.beg_auth_seq_id 
_struct_conf.end_auth_comp_id 
_struct_conf.end_auth_asym_id 
_struct_conf.end_auth_seq_id 
_struct_conf.pdbx_PDB_helix_class 
_struct_conf.details 
_struct_conf.pdbx_PDB_helix_length 
HELX_P HELX_P1 AA1 ASP A 13 ? CYS A 22 ? ASP A 13 CYS A 22 1 ? 10 
HELX_P HELX_P2 AA2 ASP B 13 ? CYS B 22 ? ASP B 13 CYS B 22 1 ? 10 
# 
_struct_conf_type.id          HELX_P 
_struct_conf_type.criteria    ? 
_struct_conf_type.reference   ? 
# 
loop_
_struct_conn.id 
_struct_conn.conn_type_id 
_struct_conn.pdbx_leaving_atom_flag 
_struct_conn.pdbx_PDB_id 
_struct_conn.ptnr1_label_asym_id 
_struct_conn.ptnr1_label_comp_id 
_struct_conn.ptnr1_label_seq_id 
_struct_conn.ptnr1_label_atom_id 
_struct_conn.pdbx_ptnr1_label_alt_id 
_struct_conn.pdbx_ptnr1_PDB_ins_code 
_struct_conn.pdbx_ptnr1_standard_comp_id 
_struct_conn.ptnr1_symmetry 
_struct_conn.ptnr2_label_asym_id 
_struct_conn.ptnr2_label_comp_id 
_struct_conn.ptnr2_label_seq_id 
_struct_conn.ptnr2_label_atom_id 
_struct_conn.pdbx_ptnr2_label_alt_id 
_struct_conn.pdbx_ptnr2_PDB_ins_code 
_struct_conn.ptnr1_auth_asym_id 
_struct_conn.ptnr1_auth_comp_id 
_struct_conn.ptnr1_auth_seq_id 
_struct_conn.ptnr2_auth_asym_id 
_struct_conn.ptnr2_auth_comp_id 
_struct_conn.ptnr2_auth_seq_id 
_struct_conn.ptnr2_symmetry 
_struct_conn.pdbx_ptnr3_label_atom_id 
_struct_conn.pdbx_ptnr3_label_seq_id 
_struct_conn.pdbx_ptnr3_label_comp_id 
_struct_conn.pdbx_ptnr3_label_asym_id 
_struct_conn.pdbx_ptnr3_label_alt_id 
_struct_conn.pdbx_ptnr3_PDB_ins_code 
_struct_conn.details 
_struct_conn.pdbx_dist_value 
_struct_conn.pdbx_value_order 
_struct_conn.pdbx_role 
disulf1 disulf ? ? A CYS 4  SG ? ? ? 1_555 A CYS 21 SG ? ? A CYS 4  A CYS 21 1_555 ? ? ? ? ? ? ? 2.031 ? ? 
disulf2 disulf ? ? A CYS 7  SG ? ? ? 1_555 A CYS 28 SG ? ? A CYS 7  A CYS 28 1_555 ? ? ? ? ? ? ? 2.023 ? ? 
disulf3 disulf ? ? A CYS 18 SG ? ? ? 1_555 A CYS 33 SG ? ? A CYS 18 A CYS 33 1_555 ? ? ? ? ? ? ? 2.028 ? ? 
disulf4 disulf ? ? A CYS 22 SG ? ? ? 1_555 A CYS 35 SG ? ? A CYS 22 A CYS 35 1_555 ? ? ? ? ? ? ? 2.055 ? ? 
disulf5 disulf ? ? B CYS 4  SG ? ? ? 1_555 B CYS 21 SG ? ? B CYS 4  B CYS 21 1_555 ? ? ? ? ? ? ? 2.049 ? ? 
disulf6 disulf ? ? B CYS 7  SG ? ? ? 1_555 B CYS 28 SG ? ? B CYS 7  B CYS 28 1_555 ? ? ? ? ? ? ? 2.047 ? ? 
disulf7 disulf ? ? B CYS 18 SG ? ? ? 1_555 B CYS 33 SG ? ? B CYS 18 B CYS 33 1_555 ? ? ? ? ? ? ? 2.034 ? ? 
disulf8 disulf ? ? B CYS 22 SG ? ? ? 1_555 B CYS 35 SG ? ? B CYS 22 B CYS 35 1_555 ? ? ? ? ? ? ? 2.046 ? ? 
# 
_struct_conn_type.id          disulf 
_struct_conn_type.criteria    ? 
_struct_conn_type.reference   ? 
# 
loop_
_pdbx_modification_feature.ordinal 
_pdbx_modification_feature.label_comp_id 
_pdbx_modification_feature.label_asym_id 
_pdbx_modification_feature.label_seq_id 
_pdbx_modification_feature.label_alt_id 
_pdbx_modification_feature.modified_residue_label_comp_id 
_pdbx_modification_feature.modified_residue_label_asym_id 
_pdbx_modification_feature.modified_residue_label_seq_id 
_pdbx_modification_feature.modified_residue_label_alt_id 
_pdbx_modification_feature.auth_comp_id 
_pdbx_modification_feature.auth_asym_id 
_pdbx_modification_feature.auth_seq_id 
_pdbx_modification_feature.PDB_ins_code 
_pdbx_modification_feature.symmetry 
_pdbx_modification_feature.modified_residue_auth_comp_id 
_pdbx_modification_feature.modified_residue_auth_asym_id 
_pdbx_modification_feature.modified_residue_auth_seq_id 
_pdbx_modification_feature.modified_residue_PDB_ins_code 
_pdbx_modification_feature.modified_residue_symmetry 
_pdbx_modification_feature.comp_id_linking_atom 
_pdbx_modification_feature.modified_residue_id_linking_atom 
_pdbx_modification_feature.modified_residue_id 
_pdbx_modification_feature.ref_pcm_id 
_pdbx_modification_feature.ref_comp_id 
_pdbx_modification_feature.type 
_pdbx_modification_feature.category 
1 CYS A 4  ? CYS A 21 ? CYS A 4  ? 1_555 CYS A 21 ? 1_555 SG SG . . . None 'Disulfide bridge' 
2 CYS A 7  ? CYS A 28 ? CYS A 7  ? 1_555 CYS A 28 ? 1_555 SG SG . . . None 'Disulfide bridge' 
3 CYS A 18 ? CYS A 33 ? CYS A 18 ? 1_555 CYS A 33 ? 1_555 SG SG . . . None 'Disulfide bridge' 
4 CYS A 22 ? CYS A 35 ? CYS A 22 ? 1_555 CYS A 35 ? 1_555 SG SG . . . None 'Disulfide bridge' 
5 CYS B 4  ? CYS B 21 ? CYS B 4  ? 1_555 CYS B 21 ? 1_555 SG SG . . . None 'Disulfide bridge' 
6 CYS B 7  ? CYS B 28 ? CYS B 7  ? 1_555 CYS B 28 ? 1_555 SG SG . . . None 'Disulfide bridge' 
7 CYS B 18 ? CYS B 33 ? CYS B 18 ? 1_555 CYS B 33 ? 1_555 SG SG . . . None 'Disulfide bridge' 
8 CYS B 22 ? CYS B 35 ? CYS B 22 ? 1_555 CYS B 35 ? 1_555 SG SG . . . None 'Disulfide bridge' 
# 
loop_
_struct_sheet.id 
_struct_sheet.type 
_struct_sheet.number_strands 
_struct_sheet.details 
AA1 ? 3 ? 
AA2 ? 3 ? 
# 
loop_
_struct_sheet_order.sheet_id 
_struct_sheet_order.range_id_1 
_struct_sheet_order.range_id_2 
_struct_sheet_order.offset 
_struct_sheet_order.sense 
AA1 1 2 ? anti-parallel 
AA1 2 3 ? anti-parallel 
AA2 1 2 ? anti-parallel 
AA2 2 3 ? anti-parallel 
# 
loop_
_struct_sheet_range.sheet_id 
_struct_sheet_range.id 
_struct_sheet_range.beg_label_comp_id 
_struct_sheet_range.beg_label_asym_id 
_struct_sheet_range.beg_label_seq_id 
_struct_sheet_range.pdbx_beg_PDB_ins_code 
_struct_sheet_range.end_label_comp_id 
_struct_sheet_range.end_label_asym_id 
_struct_sheet_range.end_label_seq_id 
_struct_sheet_range.pdbx_end_PDB_ins_code 
_struct_sheet_range.beg_auth_comp_id 
_struct_sheet_range.beg_auth_asym_id 
_struct_sheet_range.beg_auth_seq_id 
_struct_sheet_range.end_auth_comp_id 
_struct_sheet_range.end_auth_asym_id 
_struct_sheet_range.end_auth_seq_id 
AA1 1 MET A 5  ? PRO A 6  ? MET A 5  PRO A 6  
AA1 2 GLN A 32 ? CYS A 35 ? GLN A 32 CYS A 35 
AA1 3 GLY A 26 ? PHE A 29 ? GLY A 26 PHE A 29 
AA2 1 MET B 5  ? PRO B 6  ? MET B 5  PRO B 6  
AA2 2 GLN B 32 ? CYS B 35 ? GLN B 32 CYS B 35 
AA2 3 GLY B 26 ? PHE B 29 ? GLY B 26 PHE B 29 
# 
loop_
_pdbx_struct_sheet_hbond.sheet_id 
_pdbx_struct_sheet_hbond.range_id_1 
_pdbx_struct_sheet_hbond.range_id_2 
_pdbx_struct_sheet_hbond.range_1_label_atom_id 
_pdbx_struct_sheet_hbond.range_1_label_comp_id 
_pdbx_struct_sheet_hbond.range_1_label_asym_id 
_pdbx_struct_sheet_hbond.range_1_label_seq_id 
_pdbx_struct_sheet_hbond.range_1_PDB_ins_code 
_pdbx_struct_sheet_hbond.range_1_auth_atom_id 
_pdbx_struct_sheet_hbond.range_1_auth_comp_id 
_pdbx_struct_sheet_hbond.range_1_auth_asym_id 
_pdbx_struct_sheet_hbond.range_1_auth_seq_id 
_pdbx_struct_sheet_hbond.range_2_label_atom_id 
_pdbx_struct_sheet_hbond.range_2_label_comp_id 
_pdbx_struct_sheet_hbond.range_2_label_asym_id 
_pdbx_struct_sheet_hbond.range_2_label_seq_id 
_pdbx_struct_sheet_hbond.range_2_PDB_ins_code 
_pdbx_struct_sheet_hbond.range_2_auth_atom_id 
_pdbx_struct_sheet_hbond.range_2_auth_comp_id 
_pdbx_struct_sheet_hbond.range_2_auth_asym_id 
_pdbx_struct_sheet_hbond.range_2_auth_seq_id 
AA1 1 2 N MET A 5  ? N MET A 5  O CYS A 33 ? O CYS A 33 
AA1 2 3 O GLN A 32 ? O GLN A 32 N PHE A 29 ? N PHE A 29 
AA2 1 2 N MET B 5  ? N MET B 5  O CYS B 33 ? O CYS B 33 
AA2 2 3 O GLN B 32 ? O GLN B 32 N PHE B 29 ? N PHE B 29 
# 
_pdbx_entry_details.entry_id                   6AVA 
_pdbx_entry_details.compound_details           ? 
_pdbx_entry_details.source_details             ? 
_pdbx_entry_details.nonpolymer_details         ? 
_pdbx_entry_details.sequence_details           ? 
_pdbx_entry_details.has_ligand_of_interest     ? 
_pdbx_entry_details.has_protein_modification   Y 
# 
loop_
_pdbx_validate_rmsd_angle.id 
_pdbx_validate_rmsd_angle.PDB_model_num 
_pdbx_validate_rmsd_angle.auth_atom_id_1 
_pdbx_validate_rmsd_angle.auth_asym_id_1 
_pdbx_validate_rmsd_angle.auth_comp_id_1 
_pdbx_validate_rmsd_angle.auth_seq_id_1 
_pdbx_validate_rmsd_angle.PDB_ins_code_1 
_pdbx_validate_rmsd_angle.label_alt_id_1 
_pdbx_validate_rmsd_angle.auth_atom_id_2 
_pdbx_validate_rmsd_angle.auth_asym_id_2 
_pdbx_validate_rmsd_angle.auth_comp_id_2 
_pdbx_validate_rmsd_angle.auth_seq_id_2 
_pdbx_validate_rmsd_angle.PDB_ins_code_2 
_pdbx_validate_rmsd_angle.label_alt_id_2 
_pdbx_validate_rmsd_angle.auth_atom_id_3 
_pdbx_validate_rmsd_angle.auth_asym_id_3 
_pdbx_validate_rmsd_angle.auth_comp_id_3 
_pdbx_validate_rmsd_angle.auth_seq_id_3 
_pdbx_validate_rmsd_angle.PDB_ins_code_3 
_pdbx_validate_rmsd_angle.label_alt_id_3 
_pdbx_validate_rmsd_angle.angle_value 
_pdbx_validate_rmsd_angle.angle_target_value 
_pdbx_validate_rmsd_angle.angle_deviation 
_pdbx_validate_rmsd_angle.angle_standard_deviation 
_pdbx_validate_rmsd_angle.linker_flag 
1 1 NE A ARG 19 ? ? CZ A ARG 19 ? ? NH1 A ARG 19 ? ? 123.58 120.30 3.28  0.50 N 
2 1 NE B ARG 19 ? ? CZ B ARG 19 ? ? NH1 B ARG 19 ? ? 123.89 120.30 3.59  0.50 N 
3 1 NE B ARG 19 ? ? CZ B ARG 19 ? ? NH2 B ARG 19 ? ? 117.19 120.30 -3.11 0.50 N 
# 
_pdbx_struct_special_symmetry.id              1 
_pdbx_struct_special_symmetry.PDB_model_num   1 
_pdbx_struct_special_symmetry.auth_asym_id    B 
_pdbx_struct_special_symmetry.auth_comp_id    HOH 
_pdbx_struct_special_symmetry.auth_seq_id     133 
_pdbx_struct_special_symmetry.PDB_ins_code    ? 
_pdbx_struct_special_symmetry.label_asym_id   D 
_pdbx_struct_special_symmetry.label_comp_id   HOH 
_pdbx_struct_special_symmetry.label_seq_id    . 
# 
loop_
_pdbx_refine_tls.pdbx_refine_id 
_pdbx_refine_tls.id 
_pdbx_refine_tls.details 
_pdbx_refine_tls.method 
_pdbx_refine_tls.origin_x 
_pdbx_refine_tls.origin_y 
_pdbx_refine_tls.origin_z 
_pdbx_refine_tls.T[1][1] 
_pdbx_refine_tls.T[2][2] 
_pdbx_refine_tls.T[3][3] 
_pdbx_refine_tls.T[1][2] 
_pdbx_refine_tls.T[1][3] 
_pdbx_refine_tls.T[2][3] 
_pdbx_refine_tls.L[1][1] 
_pdbx_refine_tls.L[2][2] 
_pdbx_refine_tls.L[3][3] 
_pdbx_refine_tls.L[1][2] 
_pdbx_refine_tls.L[1][3] 
_pdbx_refine_tls.L[2][3] 
_pdbx_refine_tls.S[1][1] 
_pdbx_refine_tls.S[1][2] 
_pdbx_refine_tls.S[1][3] 
_pdbx_refine_tls.S[2][1] 
_pdbx_refine_tls.S[2][2] 
_pdbx_refine_tls.S[2][3] 
_pdbx_refine_tls.S[3][1] 
_pdbx_refine_tls.S[3][2] 
_pdbx_refine_tls.S[3][3] 
'X-RAY DIFFRACTION' 1 ? refined -0.2924 7.0175  -4.2628 0.0319 0.0038 0.0283 0.0016  -0.0044 0.0019 4.7949 0.8197 3.0295 -0.4524 1.3204 -0.1413 -0.1064 -0.0553 0.2248  0.0420  0.0355  -0.0500 -0.1322 -0.0016 0.0710  
'X-RAY DIFFRACTION' 2 ? refined 0.2730  -6.9955 4.0028  0.0389 0.0240 0.0397 -0.0111 -0.0109 0.0140 3.1957 3.1071 6.0106 -0.2130 0.5555 0.4968  0.0340  -0.2600 -0.1648 -0.0090 -0.0297 0.0831  0.3427  -0.1514 -0.0042 
# 
loop_
_pdbx_refine_tls_group.pdbx_refine_id 
_pdbx_refine_tls_group.id 
_pdbx_refine_tls_group.refine_tls_id 
_pdbx_refine_tls_group.beg_auth_asym_id 
_pdbx_refine_tls_group.beg_auth_seq_id 
_pdbx_refine_tls_group.beg_label_asym_id 
_pdbx_refine_tls_group.beg_label_seq_id 
_pdbx_refine_tls_group.end_auth_asym_id 
_pdbx_refine_tls_group.end_auth_seq_id 
_pdbx_refine_tls_group.end_label_asym_id 
_pdbx_refine_tls_group.end_label_seq_id 
_pdbx_refine_tls_group.selection 
_pdbx_refine_tls_group.selection_details 
'X-RAY DIFFRACTION' 1 1 A 3 ? ? A 38 ? ? ? ? 
'X-RAY DIFFRACTION' 2 2 B 2 ? ? B 38 ? ? ? ? 
# 
_pdbx_unobs_or_zero_occ_residues.id               1 
_pdbx_unobs_or_zero_occ_residues.PDB_model_num    1 
_pdbx_unobs_or_zero_occ_residues.polymer_flag     Y 
_pdbx_unobs_or_zero_occ_residues.occupancy_flag   1 
_pdbx_unobs_or_zero_occ_residues.auth_asym_id     A 
_pdbx_unobs_or_zero_occ_residues.auth_comp_id     GLY 
_pdbx_unobs_or_zero_occ_residues.auth_seq_id      1 
_pdbx_unobs_or_zero_occ_residues.PDB_ins_code     ? 
_pdbx_unobs_or_zero_occ_residues.label_asym_id    A 
_pdbx_unobs_or_zero_occ_residues.label_comp_id    GLY 
_pdbx_unobs_or_zero_occ_residues.label_seq_id     1 
# 
loop_
_chem_comp_atom.comp_id 
_chem_comp_atom.atom_id 
_chem_comp_atom.type_symbol 
_chem_comp_atom.pdbx_aromatic_flag 
_chem_comp_atom.pdbx_stereo_config 
_chem_comp_atom.pdbx_ordinal 
ALA N    N N N 1   
ALA CA   C N S 2   
ALA C    C N N 3   
ALA O    O N N 4   
ALA CB   C N N 5   
ALA OXT  O N N 6   
ALA H    H N N 7   
ALA H2   H N N 8   
ALA HA   H N N 9   
ALA HB1  H N N 10  
ALA HB2  H N N 11  
ALA HB3  H N N 12  
ALA HXT  H N N 13  
ARG N    N N N 14  
ARG CA   C N S 15  
ARG C    C N N 16  
ARG O    O N N 17  
ARG CB   C N N 18  
ARG CG   C N N 19  
ARG CD   C N N 20  
ARG NE   N N N 21  
ARG CZ   C N N 22  
ARG NH1  N N N 23  
ARG NH2  N N N 24  
ARG OXT  O N N 25  
ARG H    H N N 26  
ARG H2   H N N 27  
ARG HA   H N N 28  
ARG HB2  H N N 29  
ARG HB3  H N N 30  
ARG HG2  H N N 31  
ARG HG3  H N N 32  
ARG HD2  H N N 33  
ARG HD3  H N N 34  
ARG HE   H N N 35  
ARG HH11 H N N 36  
ARG HH12 H N N 37  
ARG HH21 H N N 38  
ARG HH22 H N N 39  
ARG HXT  H N N 40  
ASP N    N N N 41  
ASP CA   C N S 42  
ASP C    C N N 43  
ASP O    O N N 44  
ASP CB   C N N 45  
ASP CG   C N N 46  
ASP OD1  O N N 47  
ASP OD2  O N N 48  
ASP OXT  O N N 49  
ASP H    H N N 50  
ASP H2   H N N 51  
ASP HA   H N N 52  
ASP HB2  H N N 53  
ASP HB3  H N N 54  
ASP HD2  H N N 55  
ASP HXT  H N N 56  
CYS N    N N N 57  
CYS CA   C N R 58  
CYS C    C N N 59  
CYS O    O N N 60  
CYS CB   C N N 61  
CYS SG   S N N 62  
CYS OXT  O N N 63  
CYS H    H N N 64  
CYS H2   H N N 65  
CYS HA   H N N 66  
CYS HB2  H N N 67  
CYS HB3  H N N 68  
CYS HG   H N N 69  
CYS HXT  H N N 70  
GLN N    N N N 71  
GLN CA   C N S 72  
GLN C    C N N 73  
GLN O    O N N 74  
GLN CB   C N N 75  
GLN CG   C N N 76  
GLN CD   C N N 77  
GLN OE1  O N N 78  
GLN NE2  N N N 79  
GLN OXT  O N N 80  
GLN H    H N N 81  
GLN H2   H N N 82  
GLN HA   H N N 83  
GLN HB2  H N N 84  
GLN HB3  H N N 85  
GLN HG2  H N N 86  
GLN HG3  H N N 87  
GLN HE21 H N N 88  
GLN HE22 H N N 89  
GLN HXT  H N N 90  
GLY N    N N N 91  
GLY CA   C N N 92  
GLY C    C N N 93  
GLY O    O N N 94  
GLY OXT  O N N 95  
GLY H    H N N 96  
GLY H2   H N N 97  
GLY HA2  H N N 98  
GLY HA3  H N N 99  
GLY HXT  H N N 100 
HOH O    O N N 101 
HOH H1   H N N 102 
HOH H2   H N N 103 
LEU N    N N N 104 
LEU CA   C N S 105 
LEU C    C N N 106 
LEU O    O N N 107 
LEU CB   C N N 108 
LEU CG   C N N 109 
LEU CD1  C N N 110 
LEU CD2  C N N 111 
LEU OXT  O N N 112 
LEU H    H N N 113 
LEU H2   H N N 114 
LEU HA   H N N 115 
LEU HB2  H N N 116 
LEU HB3  H N N 117 
LEU HG   H N N 118 
LEU HD11 H N N 119 
LEU HD12 H N N 120 
LEU HD13 H N N 121 
LEU HD21 H N N 122 
LEU HD22 H N N 123 
LEU HD23 H N N 124 
LEU HXT  H N N 125 
LYS N    N N N 126 
LYS CA   C N S 127 
LYS C    C N N 128 
LYS O    O N N 129 
LYS CB   C N N 130 
LYS CG   C N N 131 
LYS CD   C N N 132 
LYS CE   C N N 133 
LYS NZ   N N N 134 
LYS OXT  O N N 135 
LYS H    H N N 136 
LYS H2   H N N 137 
LYS HA   H N N 138 
LYS HB2  H N N 139 
LYS HB3  H N N 140 
LYS HG2  H N N 141 
LYS HG3  H N N 142 
LYS HD2  H N N 143 
LYS HD3  H N N 144 
LYS HE2  H N N 145 
LYS HE3  H N N 146 
LYS HZ1  H N N 147 
LYS HZ2  H N N 148 
LYS HZ3  H N N 149 
LYS HXT  H N N 150 
MET N    N N N 151 
MET CA   C N S 152 
MET C    C N N 153 
MET O    O N N 154 
MET CB   C N N 155 
MET CG   C N N 156 
MET SD   S N N 157 
MET CE   C N N 158 
MET OXT  O N N 159 
MET H    H N N 160 
MET H2   H N N 161 
MET HA   H N N 162 
MET HB2  H N N 163 
MET HB3  H N N 164 
MET HG2  H N N 165 
MET HG3  H N N 166 
MET HE1  H N N 167 
MET HE2  H N N 168 
MET HE3  H N N 169 
MET HXT  H N N 170 
PHE N    N N N 171 
PHE CA   C N S 172 
PHE C    C N N 173 
PHE O    O N N 174 
PHE CB   C N N 175 
PHE CG   C Y N 176 
PHE CD1  C Y N 177 
PHE CD2  C Y N 178 
PHE CE1  C Y N 179 
PHE CE2  C Y N 180 
PHE CZ   C Y N 181 
PHE OXT  O N N 182 
PHE H    H N N 183 
PHE H2   H N N 184 
PHE HA   H N N 185 
PHE HB2  H N N 186 
PHE HB3  H N N 187 
PHE HD1  H N N 188 
PHE HD2  H N N 189 
PHE HE1  H N N 190 
PHE HE2  H N N 191 
PHE HZ   H N N 192 
PHE HXT  H N N 193 
PRO N    N N N 194 
PRO CA   C N S 195 
PRO C    C N N 196 
PRO O    O N N 197 
PRO CB   C N N 198 
PRO CG   C N N 199 
PRO CD   C N N 200 
PRO OXT  O N N 201 
PRO H    H N N 202 
PRO HA   H N N 203 
PRO HB2  H N N 204 
PRO HB3  H N N 205 
PRO HG2  H N N 206 
PRO HG3  H N N 207 
PRO HD2  H N N 208 
PRO HD3  H N N 209 
PRO HXT  H N N 210 
SER N    N N N 211 
SER CA   C N S 212 
SER C    C N N 213 
SER O    O N N 214 
SER CB   C N N 215 
SER OG   O N N 216 
SER OXT  O N N 217 
SER H    H N N 218 
SER H2   H N N 219 
SER HA   H N N 220 
SER HB2  H N N 221 
SER HB3  H N N 222 
SER HG   H N N 223 
SER HXT  H N N 224 
THR N    N N N 225 
THR CA   C N S 226 
THR C    C N N 227 
THR O    O N N 228 
THR CB   C N R 229 
THR OG1  O N N 230 
THR CG2  C N N 231 
THR OXT  O N N 232 
THR H    H N N 233 
THR H2   H N N 234 
THR HA   H N N 235 
THR HB   H N N 236 
THR HG1  H N N 237 
THR HG21 H N N 238 
THR HG22 H N N 239 
THR HG23 H N N 240 
THR HXT  H N N 241 
TYR N    N N N 242 
TYR CA   C N S 243 
TYR C    C N N 244 
TYR O    O N N 245 
TYR CB   C N N 246 
TYR CG   C Y N 247 
TYR CD1  C Y N 248 
TYR CD2  C Y N 249 
TYR CE1  C Y N 250 
TYR CE2  C Y N 251 
TYR CZ   C Y N 252 
TYR OH   O N N 253 
TYR OXT  O N N 254 
TYR H    H N N 255 
TYR H2   H N N 256 
TYR HA   H N N 257 
TYR HB2  H N N 258 
TYR HB3  H N N 259 
TYR HD1  H N N 260 
TYR HD2  H N N 261 
TYR HE1  H N N 262 
TYR HE2  H N N 263 
TYR HH   H N N 264 
TYR HXT  H N N 265 
# 
loop_
_chem_comp_bond.comp_id 
_chem_comp_bond.atom_id_1 
_chem_comp_bond.atom_id_2 
_chem_comp_bond.value_order 
_chem_comp_bond.pdbx_aromatic_flag 
_chem_comp_bond.pdbx_stereo_config 
_chem_comp_bond.pdbx_ordinal 
ALA N   CA   sing N N 1   
ALA N   H    sing N N 2   
ALA N   H2   sing N N 3   
ALA CA  C    sing N N 4   
ALA CA  CB   sing N N 5   
ALA CA  HA   sing N N 6   
ALA C   O    doub N N 7   
ALA C   OXT  sing N N 8   
ALA CB  HB1  sing N N 9   
ALA CB  HB2  sing N N 10  
ALA CB  HB3  sing N N 11  
ALA OXT HXT  sing N N 12  
ARG N   CA   sing N N 13  
ARG N   H    sing N N 14  
ARG N   H2   sing N N 15  
ARG CA  C    sing N N 16  
ARG CA  CB   sing N N 17  
ARG CA  HA   sing N N 18  
ARG C   O    doub N N 19  
ARG C   OXT  sing N N 20  
ARG CB  CG   sing N N 21  
ARG CB  HB2  sing N N 22  
ARG CB  HB3  sing N N 23  
ARG CG  CD   sing N N 24  
ARG CG  HG2  sing N N 25  
ARG CG  HG3  sing N N 26  
ARG CD  NE   sing N N 27  
ARG CD  HD2  sing N N 28  
ARG CD  HD3  sing N N 29  
ARG NE  CZ   sing N N 30  
ARG NE  HE   sing N N 31  
ARG CZ  NH1  sing N N 32  
ARG CZ  NH2  doub N N 33  
ARG NH1 HH11 sing N N 34  
ARG NH1 HH12 sing N N 35  
ARG NH2 HH21 sing N N 36  
ARG NH2 HH22 sing N N 37  
ARG OXT HXT  sing N N 38  
ASP N   CA   sing N N 39  
ASP N   H    sing N N 40  
ASP N   H2   sing N N 41  
ASP CA  C    sing N N 42  
ASP CA  CB   sing N N 43  
ASP CA  HA   sing N N 44  
ASP C   O    doub N N 45  
ASP C   OXT  sing N N 46  
ASP CB  CG   sing N N 47  
ASP CB  HB2  sing N N 48  
ASP CB  HB3  sing N N 49  
ASP CG  OD1  doub N N 50  
ASP CG  OD2  sing N N 51  
ASP OD2 HD2  sing N N 52  
ASP OXT HXT  sing N N 53  
CYS N   CA   sing N N 54  
CYS N   H    sing N N 55  
CYS N   H2   sing N N 56  
CYS CA  C    sing N N 57  
CYS CA  CB   sing N N 58  
CYS CA  HA   sing N N 59  
CYS C   O    doub N N 60  
CYS C   OXT  sing N N 61  
CYS CB  SG   sing N N 62  
CYS CB  HB2  sing N N 63  
CYS CB  HB3  sing N N 64  
CYS SG  HG   sing N N 65  
CYS OXT HXT  sing N N 66  
GLN N   CA   sing N N 67  
GLN N   H    sing N N 68  
GLN N   H2   sing N N 69  
GLN CA  C    sing N N 70  
GLN CA  CB   sing N N 71  
GLN CA  HA   sing N N 72  
GLN C   O    doub N N 73  
GLN C   OXT  sing N N 74  
GLN CB  CG   sing N N 75  
GLN CB  HB2  sing N N 76  
GLN CB  HB3  sing N N 77  
GLN CG  CD   sing N N 78  
GLN CG  HG2  sing N N 79  
GLN CG  HG3  sing N N 80  
GLN CD  OE1  doub N N 81  
GLN CD  NE2  sing N N 82  
GLN NE2 HE21 sing N N 83  
GLN NE2 HE22 sing N N 84  
GLN OXT HXT  sing N N 85  
GLY N   CA   sing N N 86  
GLY N   H    sing N N 87  
GLY N   H2   sing N N 88  
GLY CA  C    sing N N 89  
GLY CA  HA2  sing N N 90  
GLY CA  HA3  sing N N 91  
GLY C   O    doub N N 92  
GLY C   OXT  sing N N 93  
GLY OXT HXT  sing N N 94  
HOH O   H1   sing N N 95  
HOH O   H2   sing N N 96  
LEU N   CA   sing N N 97  
LEU N   H    sing N N 98  
LEU N   H2   sing N N 99  
LEU CA  C    sing N N 100 
LEU CA  CB   sing N N 101 
LEU CA  HA   sing N N 102 
LEU C   O    doub N N 103 
LEU C   OXT  sing N N 104 
LEU CB  CG   sing N N 105 
LEU CB  HB2  sing N N 106 
LEU CB  HB3  sing N N 107 
LEU CG  CD1  sing N N 108 
LEU CG  CD2  sing N N 109 
LEU CG  HG   sing N N 110 
LEU CD1 HD11 sing N N 111 
LEU CD1 HD12 sing N N 112 
LEU CD1 HD13 sing N N 113 
LEU CD2 HD21 sing N N 114 
LEU CD2 HD22 sing N N 115 
LEU CD2 HD23 sing N N 116 
LEU OXT HXT  sing N N 117 
LYS N   CA   sing N N 118 
LYS N   H    sing N N 119 
LYS N   H2   sing N N 120 
LYS CA  C    sing N N 121 
LYS CA  CB   sing N N 122 
LYS CA  HA   sing N N 123 
LYS C   O    doub N N 124 
LYS C   OXT  sing N N 125 
LYS CB  CG   sing N N 126 
LYS CB  HB2  sing N N 127 
LYS CB  HB3  sing N N 128 
LYS CG  CD   sing N N 129 
LYS CG  HG2  sing N N 130 
LYS CG  HG3  sing N N 131 
LYS CD  CE   sing N N 132 
LYS CD  HD2  sing N N 133 
LYS CD  HD3  sing N N 134 
LYS CE  NZ   sing N N 135 
LYS CE  HE2  sing N N 136 
LYS CE  HE3  sing N N 137 
LYS NZ  HZ1  sing N N 138 
LYS NZ  HZ2  sing N N 139 
LYS NZ  HZ3  sing N N 140 
LYS OXT HXT  sing N N 141 
MET N   CA   sing N N 142 
MET N   H    sing N N 143 
MET N   H2   sing N N 144 
MET CA  C    sing N N 145 
MET CA  CB   sing N N 146 
MET CA  HA   sing N N 147 
MET C   O    doub N N 148 
MET C   OXT  sing N N 149 
MET CB  CG   sing N N 150 
MET CB  HB2  sing N N 151 
MET CB  HB3  sing N N 152 
MET CG  SD   sing N N 153 
MET CG  HG2  sing N N 154 
MET CG  HG3  sing N N 155 
MET SD  CE   sing N N 156 
MET CE  HE1  sing N N 157 
MET CE  HE2  sing N N 158 
MET CE  HE3  sing N N 159 
MET OXT HXT  sing N N 160 
PHE N   CA   sing N N 161 
PHE N   H    sing N N 162 
PHE N   H2   sing N N 163 
PHE CA  C    sing N N 164 
PHE CA  CB   sing N N 165 
PHE CA  HA   sing N N 166 
PHE C   O    doub N N 167 
PHE C   OXT  sing N N 168 
PHE CB  CG   sing N N 169 
PHE CB  HB2  sing N N 170 
PHE CB  HB3  sing N N 171 
PHE CG  CD1  doub Y N 172 
PHE CG  CD2  sing Y N 173 
PHE CD1 CE1  sing Y N 174 
PHE CD1 HD1  sing N N 175 
PHE CD2 CE2  doub Y N 176 
PHE CD2 HD2  sing N N 177 
PHE CE1 CZ   doub Y N 178 
PHE CE1 HE1  sing N N 179 
PHE CE2 CZ   sing Y N 180 
PHE CE2 HE2  sing N N 181 
PHE CZ  HZ   sing N N 182 
PHE OXT HXT  sing N N 183 
PRO N   CA   sing N N 184 
PRO N   CD   sing N N 185 
PRO N   H    sing N N 186 
PRO CA  C    sing N N 187 
PRO CA  CB   sing N N 188 
PRO CA  HA   sing N N 189 
PRO C   O    doub N N 190 
PRO C   OXT  sing N N 191 
PRO CB  CG   sing N N 192 
PRO CB  HB2  sing N N 193 
PRO CB  HB3  sing N N 194 
PRO CG  CD   sing N N 195 
PRO CG  HG2  sing N N 196 
PRO CG  HG3  sing N N 197 
PRO CD  HD2  sing N N 198 
PRO CD  HD3  sing N N 199 
PRO OXT HXT  sing N N 200 
SER N   CA   sing N N 201 
SER N   H    sing N N 202 
SER N   H2   sing N N 203 
SER CA  C    sing N N 204 
SER CA  CB   sing N N 205 
SER CA  HA   sing N N 206 
SER C   O    doub N N 207 
SER C   OXT  sing N N 208 
SER CB  OG   sing N N 209 
SER CB  HB2  sing N N 210 
SER CB  HB3  sing N N 211 
SER OG  HG   sing N N 212 
SER OXT HXT  sing N N 213 
THR N   CA   sing N N 214 
THR N   H    sing N N 215 
THR N   H2   sing N N 216 
THR CA  C    sing N N 217 
THR CA  CB   sing N N 218 
THR CA  HA   sing N N 219 
THR C   O    doub N N 220 
THR C   OXT  sing N N 221 
THR CB  OG1  sing N N 222 
THR CB  CG2  sing N N 223 
THR CB  HB   sing N N 224 
THR OG1 HG1  sing N N 225 
THR CG2 HG21 sing N N 226 
THR CG2 HG22 sing N N 227 
THR CG2 HG23 sing N N 228 
THR OXT HXT  sing N N 229 
TYR N   CA   sing N N 230 
TYR N   H    sing N N 231 
TYR N   H2   sing N N 232 
TYR CA  C    sing N N 233 
TYR CA  CB   sing N N 234 
TYR CA  HA   sing N N 235 
TYR C   O    doub N N 236 
TYR C   OXT  sing N N 237 
TYR CB  CG   sing N N 238 
TYR CB  HB2  sing N N 239 
TYR CB  HB3  sing N N 240 
TYR CG  CD1  doub Y N 241 
TYR CG  CD2  sing Y N 242 
TYR CD1 CE1  sing Y N 243 
TYR CD1 HD1  sing N N 244 
TYR CD2 CE2  doub Y N 245 
TYR CD2 HD2  sing N N 246 
TYR CE1 CZ   doub Y N 247 
TYR CE1 HE1  sing N N 248 
TYR CE2 CZ   sing Y N 249 
TYR CE2 HE2  sing N N 250 
TYR CZ  OH   sing N N 251 
TYR OH  HH   sing N N 252 
TYR OXT HXT  sing N N 253 
# 
_pdbx_initial_refinement_model.id               1 
_pdbx_initial_refinement_model.entity_id_list   ? 
_pdbx_initial_refinement_model.type             'experimental model' 
_pdbx_initial_refinement_model.source_name      PDB 
_pdbx_initial_refinement_model.accession_code   1SIS 
_pdbx_initial_refinement_model.details          ? 
# 
_atom_sites.entry_id                    6AVA 
_atom_sites.fract_transf_matrix[1][1]   -0.01936612 
_atom_sites.fract_transf_matrix[1][2]   0.01193401 
_atom_sites.fract_transf_matrix[1][3]   0.00805820 
_atom_sites.fract_transf_matrix[2][1]   -0.01330835 
_atom_sites.fract_transf_matrix[2][2]   -0.01999091 
_atom_sites.fract_transf_matrix[2][3]   -0.00237763 
_atom_sites.fract_transf_matrix[3][1]   0.00258686 
_atom_sites.fract_transf_matrix[3][2]   -0.00298782 
_atom_sites.fract_transf_matrix[3][3]   0.01064185 
_atom_sites.fract_transf_vector[1]      -0.421394 
_atom_sites.fract_transf_vector[2]      0.026553 
_atom_sites.fract_transf_vector[3]      -0.054056 
# 
loop_
_atom_type.symbol 
C 
N 
O 
S 
# 
loop_
_atom_site.group_PDB 
_atom_site.id 
_atom_site.type_symbol 
_atom_site.label_atom_id 
_atom_site.label_alt_id 
_atom_site.label_comp_id 
_atom_site.label_asym_id 
_atom_site.label_entity_id 
_atom_site.label_seq_id 
_atom_site.pdbx_PDB_ins_code 
_atom_site.Cartn_x 
_atom_site.Cartn_y 
_atom_site.Cartn_z 
_atom_site.occupancy 
_atom_site.B_iso_or_equiv 
_atom_site.pdbx_formal_charge 
_atom_site.auth_seq_id 
_atom_site.auth_comp_id 
_atom_site.auth_asym_id 
_atom_site.auth_atom_id 
_atom_site.pdbx_PDB_model_num 
ATOM   1   N N   . SER A 1 2  ? 10.895  11.927  -8.534  1.00 24.45 ? 2   SER A N   1 
ATOM   2   C CA  . SER A 1 2  ? 9.604   11.902  -9.289  1.00 23.68 ? 2   SER A CA  1 
ATOM   3   C C   . SER A 1 2  ? 8.542   11.063  -8.565  1.00 21.69 ? 2   SER A C   1 
ATOM   4   O O   . SER A 1 2  ? 8.819   10.433  -7.532  1.00 23.31 ? 2   SER A O   1 
ATOM   5   C CB  . SER A 1 2  ? 9.831   11.366  -10.712 1.00 24.46 ? 2   SER A CB  1 
ATOM   6   O OG  . SER A 1 2  ? 10.118  9.975   -10.700 1.00 25.82 ? 2   SER A OG  1 
ATOM   7   N N   . MET A 1 3  ? 7.330   11.070  -9.104  1.00 26.10 ? 3   MET A N   1 
ATOM   8   C CA  . MET A 1 3  ? 6.257   10.237  -8.583  1.00 22.21 ? 3   MET A CA  1 
ATOM   9   C C   . MET A 1 3  ? 6.400   8.775   -9.022  1.00 19.50 ? 3   MET A C   1 
ATOM   10  O O   . MET A 1 3  ? 6.956   8.472   -10.073 1.00 19.96 ? 3   MET A O   1 
ATOM   11  C CB  . MET A 1 3  ? 4.895   10.800  -8.997  1.00 22.13 ? 3   MET A CB  1 
ATOM   12  C CG  . MET A 1 3  ? 4.534   10.638  -10.468 1.00 22.78 ? 3   MET A CG  1 
ATOM   13  S SD  . MET A 1 3  ? 3.003   11.518  -10.806 1.00 22.97 ? 3   MET A SD  1 
ATOM   14  C CE  . MET A 1 3  ? 3.685   13.156  -11.010 1.00 25.18 ? 3   MET A CE  1 
ATOM   15  N N   . CYS A 1 4  ? 5.879   7.878   -8.201  1.00 16.43 ? 4   CYS A N   1 
ATOM   16  C CA  . CYS A 1 4  ? 5.778   6.464   -8.561  1.00 14.85 ? 4   CYS A CA  1 
ATOM   17  C C   . CYS A 1 4  ? 4.727   6.257   -9.669  1.00 13.95 ? 4   CYS A C   1 
ATOM   18  O O   . CYS A 1 4  ? 4.924   5.461   -10.575 1.00 13.94 ? 4   CYS A O   1 
ATOM   19  C CB  . CYS A 1 4  ? 5.403   5.650   -7.326  1.00 13.76 ? 4   CYS A CB  1 
ATOM   20  S SG  . CYS A 1 4  ? 5.714   3.882   -7.465  0.95 13.48 ? 4   CYS A SG  1 
ATOM   21  N N   . MET A 1 5  ? 3.620   6.987   -9.576  1.00 12.96 ? 5   MET A N   1 
ATOM   22  C CA  . MET A 1 5  ? 2.519   6.888   -10.540 1.00 12.74 ? 5   MET A CA  1 
ATOM   23  C C   . MET A 1 5  ? 1.585   8.066   -10.308 1.00 12.49 ? 5   MET A C   1 
ATOM   24  O O   . MET A 1 5  ? 1.704   8.741   -9.291  1.00 12.27 ? 5   MET A O   1 
ATOM   25  C CB  . MET A 1 5  ? 1.742   5.559   -10.337 1.00 12.05 ? 5   MET A CB  1 
ATOM   26  C CG  . MET A 1 5  ? 1.069   5.437   -8.970  1.00 11.28 ? 5   MET A CG  1 
ATOM   27  S SD  . MET A 1 5  ? 0.140   3.925   -8.635  1.00 11.06 ? 5   MET A SD  1 
ATOM   28  C CE  . MET A 1 5  ? -1.100  3.997   -9.918  1.00 11.30 ? 5   MET A CE  1 
ATOM   29  N N   . PRO A 1 6  ? 0.625   8.299   -11.219 1.00 12.64 ? 6   PRO A N   1 
ATOM   30  C CA  . PRO A 1 6  ? -0.432  9.279   -10.891 1.00 12.64 ? 6   PRO A CA  1 
ATOM   31  C C   . PRO A 1 6  ? -1.377  8.805   -9.801  1.00 11.59 ? 6   PRO A C   1 
ATOM   32  O O   . PRO A 1 6  ? -1.561  7.597   -9.632  1.00 10.98 ? 6   PRO A O   1 
ATOM   33  C CB  . PRO A 1 6  ? -1.213  9.436   -12.204 1.00 13.39 ? 6   PRO A CB  1 
ATOM   34  C CG  . PRO A 1 6  ? -0.375  8.778   -13.265 1.00 13.91 ? 6   PRO A CG  1 
ATOM   35  C CD  . PRO A 1 6  ? 0.468   7.746   -12.575 1.00 13.19 ? 6   PRO A CD  1 
ATOM   36  N N   . CYS A 1 7  ? -1.941  9.754   -9.057  1.00 11.74 ? 7   CYS A N   1 
ATOM   37  C CA  . CYS A 1 7  ? -3.121  9.511   -8.240  1.00 11.33 ? 7   CYS A CA  1 
ATOM   38  C C   . CYS A 1 7  ? -4.341  10.055  -8.968  1.00 11.71 ? 7   CYS A C   1 
ATOM   39  O O   . CYS A 1 7  ? -4.366  11.195  -9.413  1.00 12.58 ? 7   CYS A O   1 
ATOM   40  C CB  . CYS A 1 7  ? -3.005  10.107  -6.837  1.00 11.50 ? 7   CYS A CB  1 
ATOM   41  S SG  . CYS A 1 7  ? -1.790  9.237   -5.827  1.00 11.07 ? 7   CYS A SG  1 
ATOM   42  N N   . PHE A 1 8  ? -5.344  9.199   -9.093  1.00 11.23 ? 8   PHE A N   1 
ATOM   43  C CA  . PHE A 1 8  ? -6.558  9.519   -9.821  1.00 11.63 ? 8   PHE A CA  1 
ATOM   44  C C   . PHE A 1 8  ? -7.684  9.688   -8.813  1.00 11.85 ? 8   PHE A C   1 
ATOM   45  O O   . PHE A 1 8  ? -7.912  8.805   -7.975  1.00 11.35 ? 8   PHE A O   1 
ATOM   46  C CB  . PHE A 1 8  ? -6.867  8.396   -10.795 1.00 11.33 ? 8   PHE A CB  1 
ATOM   47  C CG  . PHE A 1 8  ? -5.814  8.200   -11.854 1.00 11.44 ? 8   PHE A CG  1 
ATOM   48  C CD1 . PHE A 1 8  ? -5.558  9.199   -12.798 1.00 12.32 ? 8   PHE A CD1 1 
ATOM   49  C CD2 . PHE A 1 8  ? -5.105  7.008   -11.943 1.00 10.95 ? 8   PHE A CD2 1 
ATOM   50  C CE1 . PHE A 1 8  ? -4.609  9.019   -13.786 1.00 12.73 ? 8   PHE A CE1 1 
ATOM   51  C CE2 . PHE A 1 8  ? -4.156  6.827   -12.932 1.00 11.38 ? 8   PHE A CE2 1 
ATOM   52  C CZ  . PHE A 1 8  ? -3.907  7.832   -13.856 1.00 12.25 ? 8   PHE A CZ  1 
ATOM   53  N N   . THR A 1 9  ? -8.382  10.819  -8.901  1.00 12.81 ? 9   THR A N   1 
ATOM   54  C CA  . THR A 1 9  ? -9.466  11.150  -7.992  1.00 13.39 ? 9   THR A CA  1 
ATOM   55  C C   . THR A 1 9  ? -10.577 10.091  -7.960  1.00 13.08 ? 9   THR A C   1 
ATOM   56  O O   . THR A 1 9  ? -11.079 9.778   -6.885  1.00 13.18 ? 9   THR A O   1 
ATOM   57  C CB  . THR A 1 9  ? -10.081 12.517  -8.368  1.00 14.90 ? 9   THR A CB  1 
ATOM   58  O OG1 . THR A 1 9  ? -9.065  13.526  -8.289  1.00 15.52 ? 9   THR A OG1 1 
ATOM   59  C CG2 . THR A 1 9  ? -11.231 12.888  -7.437  1.00 15.82 ? 9   THR A CG2 1 
ATOM   60  N N   . THR A 1 10 ? -10.950 9.557   -9.128  1.00 12.89 ? 10  THR A N   1 
ATOM   61  C CA  . THR A 1 10 ? -12.092 8.645   -9.244  1.00 13.00 ? 10  THR A CA  1 
ATOM   62  C C   . THR A 1 10 ? -11.761 7.159   -8.978  1.00 12.23 ? 10  THR A C   1 
ATOM   63  O O   . THR A 1 10 ? -12.648 6.322   -9.071  1.00 12.50 ? 10  THR A O   1 
ATOM   64  C CB  . THR A 1 10 ? -12.831 8.811   -10.600 1.00 13.73 ? 10  THR A CB  1 
ATOM   65  O OG1 . THR A 1 10 ? -11.926 8.618   -11.695 1.00 13.43 ? 10  THR A OG1 1 
ATOM   66  C CG2 . THR A 1 10 ? -13.460 10.202  -10.712 1.00 14.92 ? 10  THR A CG2 1 
ATOM   67  N N   . ARG A 1 11 ? -10.510 6.838   -8.617  1.00 11.48 ? 11  ARG A N   1 
ATOM   68  C CA  . ARG A 1 11 ? -10.180 5.511   -8.095  1.00 11.10 ? 11  ARG A CA  1 
ATOM   69  C C   . ARG A 1 11 ? -10.369 5.511   -6.574  1.00 11.24 ? 11  ARG A C   1 
ATOM   70  O O   . ARG A 1 11 ? -9.574  6.130   -5.870  1.00 11.02 ? 11  ARG A O   1 
ATOM   71  C CB  . ARG A 1 11 ? -8.743  5.111   -8.455  1.00 10.44 ? 11  ARG A CB  1 
ATOM   72  C CG  . ARG A 1 11 ? -8.557  4.813   -9.936  1.00 10.66 ? 11  ARG A CG  1 
ATOM   73  C CD  . ARG A 1 11 ? -7.246  4.102   -10.224 1.00 10.36 ? 11  ARG A CD  1 
ATOM   74  N NE  . ARG A 1 11 ? -7.125  3.824   -11.647 1.00 10.92 ? 11  ARG A NE  1 
ATOM   75  C CZ  . ARG A 1 11 ? -6.017  3.457   -12.293 1.00 11.07 ? 11  ARG A CZ  1 
ATOM   76  N NH1 . ARG A 1 11 ? -4.853  3.311   -11.661 1.00 10.61 ? 11  ARG A NH1 1 
ATOM   77  N NH2 . ARG A 1 11 ? -6.078  3.245   -13.611 1.00 11.85 ? 11  ARG A NH2 1 
ATOM   78  N N   . PRO A 1 12 ? -11.417 4.825   -6.057  1.00 11.92 ? 12  PRO A N   1 
ATOM   79  C CA  . PRO A 1 12 ? -11.615 4.833   -4.590  1.00 12.44 ? 12  PRO A CA  1 
ATOM   80  C C   . PRO A 1 12 ? -10.570 4.040   -3.805  1.00 12.10 ? 12  PRO A C   1 
ATOM   81  O O   . PRO A 1 12 ? -10.445 4.204   -2.593  1.00 12.63 ? 12  PRO A O   1 
ATOM   82  C CB  . PRO A 1 12 ? -13.010 4.237   -4.409  1.00 13.50 ? 12  PRO A CB  1 
ATOM   83  C CG  . PRO A 1 12 ? -13.277 3.463   -5.647  1.00 13.48 ? 12  PRO A CG  1 
ATOM   84  C CD  . PRO A 1 12 ? -12.494 4.093   -6.750  1.00 12.60 ? 12  PRO A CD  1 
ATOM   85  N N   . ASP A 1 13 ? -9.823  3.188   -4.493  1.00 11.63 ? 13  ASP A N   1 
ATOM   86  C CA  . ASP A 1 13 ? -8.720  2.454   -3.887  1.00 11.37 ? 13  ASP A CA  1 
ATOM   87  C C   . ASP A 1 13 ? -7.352  3.087   -4.218  1.00 10.40 ? 13  ASP A C   1 
ATOM   88  O O   . ASP A 1 13 ? -6.327  2.405   -4.183  1.00 10.07 ? 13  ASP A O   1 
ATOM   89  C CB  . ASP A 1 13 ? -8.782  0.990   -4.343  1.00 11.96 ? 13  ASP A CB  1 
ATOM   90  C CG  . ASP A 1 13 ? -8.560  0.831   -5.831  1.00 11.70 ? 13  ASP A CG  1 
ATOM   91  O OD1 . ASP A 1 13 ? -8.937  1.747   -6.617  1.00 11.46 ? 13  ASP A OD1 1 
ATOM   92  O OD2 . ASP A 1 13 ? -7.992  -0.203  -6.204  1.00 12.14 ? 13  ASP A OD2 1 
ATOM   93  N N   . MET A 1 14 ? -7.324  4.395   -4.496  1.00 10.13 ? 14  MET A N   1 
ATOM   94  C CA  . MET A 1 14 ? -6.093  5.044   -4.943  1.00 9.61  ? 14  MET A CA  1 
ATOM   95  C C   . MET A 1 14 ? -4.953  4.940   -3.936  1.00 9.40  ? 14  MET A C   1 
ATOM   96  O O   . MET A 1 14 ? -3.827  4.643   -4.328  1.00 9.14  ? 14  MET A O   1 
ATOM   97  C CB  . MET A 1 14 ? -6.317  6.510   -5.332  1.00 9.91  ? 14  MET A CB  1 
ATOM   98  C CG  . MET A 1 14 ? -5.206  7.090   -6.204  1.00 9.72  ? 14  MET A CG  1 
ATOM   99  S SD  . MET A 1 14 ? -4.971  6.223   -7.765  1.00 9.58  ? 14  MET A SD  1 
ATOM   100 C CE  . MET A 1 14 ? -3.357  5.479   -7.604  1.00 9.24  ? 14  MET A CE  1 
ATOM   101 N N   . ALA A 1 15 ? -5.245  5.162   -2.655  1.00 9.80  ? 15  ALA A N   1 
ATOM   102 C CA  . ALA A 1 15 ? -4.238  5.062   -1.581  1.00 9.84  ? 15  ALA A CA  1 
ATOM   103 C C   . ALA A 1 15 ? -3.571  3.708   -1.562  1.00 9.69  ? 15  ALA A C   1 
ATOM   104 O O   . ALA A 1 15 ? -2.353  3.613   -1.406  1.00 9.64  ? 15  ALA A O   1 
ATOM   105 C CB  . ALA A 1 15 ? -4.869  5.337   -0.222  1.00 10.72 ? 15  ALA A CB  1 
ATOM   106 N N   . GLN A 1 16 ? -4.374  2.665   -1.747  1.00 9.91  ? 16  GLN A N   1 
ATOM   107 C CA  . GLN A 1 16 ? -3.889  1.285   -1.755  1.00 10.19 ? 16  GLN A CA  1 
ATOM   108 C C   . GLN A 1 16 ? -2.981  1.025   -2.951  1.00 9.74  ? 16  GLN A C   1 
ATOM   109 O O   . GLN A 1 16 ? -1.932  0.404   -2.802  1.00 9.79  ? 16  GLN A O   1 
ATOM   110 C CB  . GLN A 1 16 ? -5.057  0.285   -1.772  1.00 10.96 ? 16  GLN A CB  1 
ATOM   111 C CG  . GLN A 1 16 ? -5.818  0.199   -0.462  1.00 11.87 ? 16  GLN A CG  1 
ATOM   112 C CD  . GLN A 1 16 ? -6.790  1.350   -0.207  1.00 11.89 ? 16  GLN A CD  1 
ATOM   113 O OE1 . GLN A 1 16 ? -7.145  2.095   -1.116  1.00 11.28 ? 16  GLN A OE1 1 
ATOM   114 N NE2 . GLN A 1 16 ? -7.227  1.489   1.039   1.00 12.80 ? 16  GLN A NE2 1 
ATOM   115 N N   . GLN A 1 17 ? -3.400  1.509   -4.124  1.00 9.44  ? 17  GLN A N   1 
ATOM   116 C CA  . GLN A 1 17 ? -2.597  1.410   -5.346  1.00 9.31  ? 17  GLN A CA  1 
ATOM   117 C C   . GLN A 1 17 ? -1.296  2.199   -5.245  1.00 9.05  ? 17  GLN A C   1 
ATOM   118 O O   . GLN A 1 17 ? -0.262  1.739   -5.726  1.00 9.18  ? 17  GLN A O   1 
ATOM   119 C CB  . GLN A 1 17 ? -3.361  1.899   -6.570  1.00 9.23  ? 17  GLN A CB  1 
ATOM   120 C CG  . GLN A 1 17 ? -4.589  1.092   -6.939  1.00 9.81  ? 17  GLN A CG  1 
ATOM   121 C CD  . GLN A 1 17 ? -5.148  1.469   -8.301  1.00 9.98  ? 17  GLN A CD  1 
ATOM   122 O OE1 . GLN A 1 17 ? -4.511  2.200   -9.085  1.00 9.71  ? 17  GLN A OE1 1 
ATOM   123 N NE2 . GLN A 1 17 ? -6.350  0.987   -8.585  1.00 10.52 ? 17  GLN A NE2 1 
ATOM   124 N N   . CYS A 1 18 ? -1.353  3.378   -4.633  1.00 9.02  ? 18  CYS A N   1 
ATOM   125 C CA  . CYS A 1 18 ? -0.142  4.168   -4.406  1.00 9.13  ? 18  CYS A CA  1 
ATOM   126 C C   . CYS A 1 18 ? 0.832   3.412   -3.479  1.00 9.50  ? 18  CYS A C   1 
ATOM   127 O O   . CYS A 1 18 ? 2.014   3.346   -3.750  1.00 9.73  ? 18  CYS A O   1 
ATOM   128 C CB  . CYS A 1 18 ? -0.473  5.566   -3.854  1.00 9.19  ? 18  CYS A CB  1 
ATOM   129 S SG  . CYS A 1 18 ? 0.985   6.578   -3.466  1.00 9.43  ? 18  CYS A SG  1 
ATOM   130 N N   . ARG A 1 19 ? 0.322   2.804   -2.422  1.00 10.12 ? 19  ARG A N   1 
ATOM   131 C CA  . ARG A 1 19 ? 1.173   2.009   -1.527  1.00 10.82 ? 19  ARG A CA  1 
ATOM   132 C C   . ARG A 1 19 ? 1.725   0.736   -2.186  1.00 11.07 ? 19  ARG A C   1 
ATOM   133 O O   . ARG A 1 19 ? 2.890   0.379   -1.950  1.00 11.36 ? 19  ARG A O   1 
ATOM   134 C CB  . ARG A 1 19 ? 0.435   1.689   -0.245  1.00 11.64 ? 19  ARG A CB  1 
ATOM   135 C CG  . ARG A 1 19 ? 0.260   2.929   0.598   1.00 12.11 ? 19  ARG A CG  1 
ATOM   136 C CD  . ARG A 1 19 ? -0.458  2.632   1.890   1.00 13.25 ? 19  ARG A CD  1 
ATOM   137 N NE  . ARG A 1 19 ? -1.068  3.826   2.426   1.00 14.01 ? 19  ARG A NE  1 
ATOM   138 C CZ  . ARG A 1 19 ? -2.355  3.973   2.787   1.00 14.97 ? 19  ARG A CZ  1 
ATOM   139 N NH1 . ARG A 1 19 ? -3.272  2.980   2.714   1.00 15.45 ? 19  ARG A NH1 1 
ATOM   140 N NH2 . ARG A 1 19 ? -2.728  5.150   3.251   1.00 15.55 ? 19  ARG A NH2 1 
ATOM   141 N N   . ALA A 1 20 ? 0.918   0.076   -3.018  1.00 11.09 ? 20  ALA A N   1 
ATOM   142 C CA  . ALA A 1 20 ? 1.426   -1.014  -3.869  1.00 11.79 ? 20  ALA A CA  1 
ATOM   143 C C   . ALA A 1 20 ? 2.633   -0.566  -4.718  1.00 11.71 ? 20  ALA A C   1 
ATOM   144 O O   . ALA A 1 20 ? 3.661   -1.264  -4.803  1.00 12.22 ? 20  ALA A O   1 
ATOM   145 C CB  . ALA A 1 20 ? 0.330   -1.563  -4.768  1.00 12.06 ? 20  ALA A CB  1 
ATOM   146 N N   . CYS A 1 21 ? 2.484   0.601   -5.340  1.00 11.24 ? 21  CYS A N   1 
ATOM   147 C CA  . CYS A 1 21 ? 3.529   1.199   -6.169  1.00 11.52 ? 21  CYS A CA  1 
ATOM   148 C C   . CYS A 1 21 ? 4.782   1.453   -5.339  1.00 11.42 ? 21  CYS A C   1 
ATOM   149 O O   . CYS A 1 21 ? 5.883   1.125   -5.753  1.00 11.97 ? 21  CYS A O   1 
ATOM   150 C CB  . CYS A 1 21 ? 3.029   2.527   -6.752  1.00 11.43 ? 21  CYS A CB  1 
ATOM   151 S SG  . CYS A 1 21 ? 3.954   3.147   -8.161  0.99 12.55 ? 21  CYS A SG  1 
ATOM   152 N N   . CYS A 1 22 ? 4.580   2.039   -4.158  1.00 10.90 ? 22  CYS A N   1 
ATOM   153 C CA  . CYS A 1 22 ? 5.671   2.470   -3.274  1.00 11.00 ? 22  CYS A CA  1 
ATOM   154 C C   . CYS A 1 22 ? 6.112   1.412   -2.250  1.00 11.66 ? 22  CYS A C   1 
ATOM   155 O O   . CYS A 1 22 ? 6.676   1.757   -1.202  1.00 12.01 ? 22  CYS A O   1 
ATOM   156 C CB  . CYS A 1 22 ? 5.238   3.742   -2.555  1.00 10.55 ? 22  CYS A CB  1 
ATOM   157 S SG  . CYS A 1 22 ? 5.099   5.134   -3.676  1.00 10.13 ? 22  CYS A SG  1 
ATOM   158 N N   . LYS A 1 23 ? 5.853   0.139   -2.550  1.00 12.08 ? 23  LYS A N   1 
ATOM   159 C CA  . LYS A 1 23 ? 6.324   -0.976  -1.733  1.00 13.05 ? 23  LYS A CA  1 
ATOM   160 C C   . LYS A 1 23 ? 5.878   -0.883  -0.262  1.00 13.06 ? 23  LYS A C   1 
ATOM   161 O O   . LYS A 1 23 ? 6.614   -1.284  0.654   1.00 13.94 ? 23  LYS A O   1 
ATOM   162 C CB  . LYS A 1 23 ? 7.854   -1.091  -1.834  1.00 13.91 ? 23  LYS A CB  1 
ATOM   163 C CG  . LYS A 1 23 ? 8.392   -1.216  -3.257  1.00 14.34 ? 23  LYS A CG  1 
ATOM   164 C CD  . LYS A 1 23 ? 9.909   -1.079  -3.270  1.00 15.27 ? 23  LYS A CD  1 
ATOM   165 C CE  . LYS A 1 23 ? 10.476  -1.358  -4.643  1.00 16.15 ? 23  LYS A CE  1 
ATOM   166 N NZ  . LYS A 1 23 ? 11.972  -1.342  -4.636  1.00 17.38 ? 23  LYS A NZ  1 
ATOM   167 N N   . GLY A 1 24 ? 4.676   -0.351  -0.047  1.00 12.34 ? 24  GLY A N   1 
ATOM   168 C CA  . GLY A 1 24 ? 4.082   -0.230  1.277   1.00 12.60 ? 24  GLY A CA  1 
ATOM   169 C C   . GLY A 1 24 ? 4.146   1.117   1.963   1.00 12.24 ? 24  GLY A C   1 
ATOM   170 O O   . GLY A 1 24 ? 3.518   1.293   3.000   1.00 12.67 ? 24  GLY A O   1 
ATOM   171 N N   . ARG A 1 25 ? 4.899   2.065   1.410   1.00 11.79 ? 25  ARG A N   1 
ATOM   172 C CA  . ARG A 1 25 ? 4.992   3.405   1.989   1.00 11.90 ? 25  ARG A CA  1 
ATOM   173 C C   . ARG A 1 25 ? 5.001   4.501   0.922   1.00 11.44 ? 25  ARG A C   1 
ATOM   174 O O   . ARG A 1 25 ? 6.037   4.820   0.334   1.00 11.47 ? 25  ARG A O   1 
ATOM   175 C CB  . ARG A 1 25 ? 6.225   3.531   2.883   1.00 12.70 ? 25  ARG A CB  1 
ATOM   176 C CG  . ARG A 1 25 ? 6.173   4.765   3.776   1.00 13.27 ? 25  ARG A CG  1 
ATOM   177 C CD  . ARG A 1 25 ? 7.540   5.151   4.282   1.00 14.06 ? 25  ARG A CD  1 
ATOM   178 N NE  . ARG A 1 25 ? 7.447   6.166   5.331   1.00 15.05 ? 25  ARG A NE  1 
ATOM   179 C CZ  . ARG A 1 25 ? 8.434   6.975   5.714   1.00 15.93 ? 25  ARG A CZ  1 
ATOM   180 N NH1 . ARG A 1 25 ? 9.640   6.919   5.159   1.00 16.00 ? 25  ARG A NH1 1 
ATOM   181 N NH2 . ARG A 1 25 ? 8.211   7.848   6.693   1.00 17.11 ? 25  ARG A NH2 1 
ATOM   182 N N   . GLY A 1 26 ? 3.838   5.093   0.719   1.00 11.21 ? 26  GLY A N   1 
ATOM   183 C CA  . GLY A 1 26 ? 3.684   6.216   -0.189  1.00 11.10 ? 26  GLY A CA  1 
ATOM   184 C C   . GLY A 1 26 ? 2.322   6.848   -0.002  1.00 11.23 ? 26  GLY A C   1 
ATOM   185 O O   . GLY A 1 26 ? 1.423   6.224   0.587   1.00 11.36 ? 26  GLY A O   1 
ATOM   186 N N   . LYS A 1 27 ? 2.163   8.072   -0.514  1.00 11.57 ? 27  LYS A N   1 
ATOM   187 C CA  . LYS A 1 27 ? 0.962   8.865   -0.268  1.00 12.05 ? 27  LYS A CA  1 
ATOM   188 C C   . LYS A 1 27 ? 0.598   9.764   -1.462  1.00 12.04 ? 27  LYS A C   1 
ATOM   189 O O   . LYS A 1 27 ? 1.474   10.316  -2.130  1.00 12.24 ? 27  LYS A O   1 
ATOM   190 C CB  . LYS A 1 27 ? 1.152   9.703   1.005   1.00 13.30 ? 27  LYS A CB  1 
ATOM   191 C CG  . LYS A 1 27 ? -0.085  10.448  1.486   1.00 14.29 ? 27  LYS A CG  1 
ATOM   192 C CD  . LYS A 1 27 ? 0.190   11.110  2.826   1.00 15.88 ? 27  LYS A CD  1 
ATOM   193 C CE  . LYS A 1 27 ? -0.871  12.129  3.219   1.00 17.34 ? 27  LYS A CE  1 
ATOM   194 N NZ  . LYS A 1 27 ? -2.261  11.591  3.089   1.00 17.06 ? 27  LYS A NZ  1 
ATOM   195 N N   . CYS A 1 28 ? -0.711  9.893   -1.706  1.00 11.91 ? 28  CYS A N   1 
ATOM   196 C CA  . CYS A 1 28 ? -1.221  10.750  -2.766  1.00 12.17 ? 28  CYS A CA  1 
ATOM   197 C C   . CYS A 1 28 ? -1.170  12.204  -2.302  1.00 13.50 ? 28  CYS A C   1 
ATOM   198 O O   . CYS A 1 28 ? -1.634  12.527  -1.204  1.00 14.15 ? 28  CYS A O   1 
ATOM   199 C CB  . CYS A 1 28 ? -2.649  10.354  -3.154  1.00 11.96 ? 28  CYS A CB  1 
ATOM   200 S SG  . CYS A 1 28 ? -2.743  8.804   -4.095  1.00 10.79 ? 28  CYS A SG  1 
ATOM   201 N N   . PHE A 1 29 ? -0.542  13.045  -3.123  1.00 14.04 ? 29  PHE A N   1 
ATOM   202 C CA  . PHE A 1 29 ? -0.558  14.500  -2.968  1.00 15.74 ? 29  PHE A CA  1 
ATOM   203 C C   . PHE A 1 29 ? -1.087  15.069  -4.281  1.00 16.26 ? 29  PHE A C   1 
ATOM   204 O O   . PHE A 1 29 ? -0.382  15.079  -5.305  1.00 16.27 ? 29  PHE A O   1 
ATOM   205 C CB  . PHE A 1 29 ? 0.846   15.021  -2.665  1.00 16.53 ? 29  PHE A CB  1 
ATOM   206 C CG  . PHE A 1 29 ? 1.379   14.562  -1.338  1.00 16.30 ? 29  PHE A CG  1 
ATOM   207 C CD1 . PHE A 1 29 ? 1.133   15.293  -0.174  1.00 17.68 ? 29  PHE A CD1 1 
ATOM   208 C CD2 . PHE A 1 29 ? 2.123   13.398  -1.240  1.00 15.00 ? 29  PHE A CD2 1 
ATOM   209 C CE1 . PHE A 1 29 ? 1.630   14.867  1.052   1.00 17.71 ? 29  PHE A CE1 1 
ATOM   210 C CE2 . PHE A 1 29 ? 2.615   12.966  -0.018  1.00 14.99 ? 29  PHE A CE2 1 
ATOM   211 C CZ  . PHE A 1 29 ? 2.372   13.697  1.125   1.00 16.33 ? 29  PHE A CZ  1 
ATOM   212 N N   . GLY A 1 30 ? -2.344  15.507  -4.257  1.00 16.82 ? 30  GLY A N   1 
ATOM   213 C CA  . GLY A 1 30 ? -3.035  15.872  -5.469  1.00 17.20 ? 30  GLY A CA  1 
ATOM   214 C C   . GLY A 1 30 ? -2.893  14.761  -6.515  1.00 15.66 ? 30  GLY A C   1 
ATOM   215 O O   . GLY A 1 30 ? -3.173  13.593  -6.226  1.00 14.14 ? 30  GLY A O   1 
ATOM   216 N N   . PRO A 1 31 ? -2.403  15.098  -7.721  1.00 16.20 ? 31  PRO A N   1 
ATOM   217 C CA  . PRO A 1 31 ? -2.370  14.053  -8.741  1.00 15.13 ? 31  PRO A CA  1 
ATOM   218 C C   . PRO A 1 31 ? -1.112  13.161  -8.712  1.00 14.24 ? 31  PRO A C   1 
ATOM   219 O O   . PRO A 1 31 ? -0.876  12.451  -9.677  1.00 14.05 ? 31  PRO A O   1 
ATOM   220 C CB  . PRO A 1 31 ? -2.495  14.861  -10.044 1.00 16.50 ? 31  PRO A CB  1 
ATOM   221 C CG  . PRO A 1 31 ? -1.851  16.176  -9.739  1.00 18.27 ? 31  PRO A CG  1 
ATOM   222 C CD  . PRO A 1 31 ? -1.886  16.375  -8.240  1.00 18.15 ? 31  PRO A CD  1 
ATOM   223 N N   . GLN A 1 32 ? -0.356  13.131  -7.609  1.00 14.02 ? 32  GLN A N   1 
ATOM   224 C CA  . GLN A 1 32 ? 0.946   12.456  -7.551  1.00 13.61 ? 32  GLN A CA  1 
ATOM   225 C C   . GLN A 1 32 ? 1.056   11.467  -6.386  1.00 12.34 ? 32  GLN A C   1 
ATOM   226 O O   . GLN A 1 32 ? 0.893   11.854  -5.219  1.00 12.43 ? 32  GLN A O   1 
ATOM   227 C CB  . GLN A 1 32 ? 2.055   13.481  -7.369  1.00 15.13 ? 32  GLN A CB  1 
ATOM   228 C CG  . GLN A 1 32 ? 2.027   14.641  -8.337  1.00 16.97 ? 32  GLN A CG  1 
ATOM   229 C CD  . GLN A 1 32 ? 3.222   15.561  -8.143  1.00 18.74 ? 32  GLN A CD  1 
ATOM   230 O OE1 . GLN A 1 32 ? 3.870   15.545  -7.092  1.00 18.92 ? 32  GLN A OE1 1 
ATOM   231 N NE2 . GLN A 1 32 ? 3.495   16.392  -9.142  1.00 20.45 ? 32  GLN A NE2 1 
ATOM   232 N N   . CYS A 1 33 ? 1.332   10.204  -6.711  1.00 11.27 ? 33  CYS A N   1 
ATOM   233 C CA  . CYS A 1 33 ? 1.719   9.202   -5.697  1.00 10.51 ? 33  CYS A CA  1 
ATOM   234 C C   . CYS A 1 33 ? 3.211   9.367   -5.379  1.00 10.87 ? 33  CYS A C   1 
ATOM   235 O O   . CYS A 1 33 ? 4.061   9.102   -6.240  1.00 11.05 ? 33  CYS A O   1 
ATOM   236 C CB  . CYS A 1 33 ? 1.452   7.781   -6.206  1.00 9.78  ? 33  CYS A CB  1 
ATOM   237 S SG  . CYS A 1 33 ? 2.094   6.468   -5.161  1.00 9.42  ? 33  CYS A SG  1 
ATOM   238 N N   . LEU A 1 34 ? 3.518   9.802   -4.156  1.00 11.15 ? 34  LEU A N   1 
ATOM   239 C CA  . LEU A 1 34 ? 4.907   10.042  -3.732  1.00 11.83 ? 34  LEU A CA  1 
ATOM   240 C C   . LEU A 1 34 ? 5.307   9.030   -2.658  1.00 11.46 ? 34  LEU A C   1 
ATOM   241 O O   . LEU A 1 34 ? 4.648   8.928   -1.622  1.00 11.29 ? 34  LEU A O   1 
ATOM   242 C CB  . LEU A 1 34 ? 5.083   11.482  -3.222  1.00 13.07 ? 34  LEU A CB  1 
ATOM   243 C CG  . LEU A 1 34 ? 4.703   12.625  -4.165  1.00 13.98 ? 34  LEU A CG  1 
ATOM   244 C CD1 . LEU A 1 34 ? 4.906   13.978  -3.492  1.00 15.60 ? 34  LEU A CD1 1 
ATOM   245 C CD2 . LEU A 1 34 ? 5.504   12.558  -5.462  1.00 14.31 ? 34  LEU A CD2 1 
ATOM   246 N N   . CYS A 1 35 ? 6.358   8.257   -2.938  1.00 11.54 ? 35  CYS A N   1 
ATOM   247 C CA  . CYS A 1 35 ? 6.868   7.259   -2.001  1.00 11.54 ? 35  CYS A CA  1 
ATOM   248 C C   . CYS A 1 35 ? 7.619   7.930   -0.843  1.00 12.56 ? 35  CYS A C   1 
ATOM   249 O O   . CYS A 1 35 ? 8.192   9.006   -1.009  1.00 13.34 ? 35  CYS A O   1 
ATOM   250 C CB  . CYS A 1 35 ? 7.794   6.289   -2.713  1.00 11.54 ? 35  CYS A CB  1 
ATOM   251 S SG  . CYS A 1 35 ? 7.072   5.462   -4.150  1.00 10.92 ? 35  CYS A SG  1 
ATOM   252 N N   . GLY A 1 36 ? 7.595   7.290   0.320   1.00 12.75 ? 36  GLY A N   1 
ATOM   253 C CA  . GLY A 1 36 ? 8.325   7.773   1.490   1.00 14.08 ? 36  GLY A CA  1 
ATOM   254 C C   . GLY A 1 36 ? 7.559   8.710   2.394   1.00 14.94 ? 36  GLY A C   1 
ATOM   255 O O   . GLY A 1 36 ? 8.158   9.358   3.242   1.00 16.13 ? 36  GLY A O   1 
ATOM   256 N N   . TYR A 1 37 ? 6.237   8.759   2.237   1.00 14.77 ? 37  TYR A N   1 
ATOM   257 C CA  . TYR A 1 37 ? 5.374   9.555   3.106   1.00 15.86 ? 37  TYR A CA  1 
ATOM   258 C C   . TYR A 1 37 ? 4.303   8.671   3.706   1.00 15.66 ? 37  TYR A C   1 
ATOM   259 O O   . TYR A 1 37 ? 3.769   7.775   3.034   1.00 14.68 ? 37  TYR A O   1 
ATOM   260 C CB  . TYR A 1 37 ? 4.725   10.702  2.338   1.00 16.20 ? 37  TYR A CB  1 
ATOM   261 C CG  . TYR A 1 37 ? 5.738   11.664  1.774   1.00 17.07 ? 37  TYR A CG  1 
ATOM   262 C CD1 . TYR A 1 37 ? 6.222   12.722  2.549   1.00 18.79 ? 37  TYR A CD1 1 
ATOM   263 C CD2 . TYR A 1 37 ? 6.238   11.507  0.476   1.00 16.56 ? 37  TYR A CD2 1 
ATOM   264 C CE1 . TYR A 1 37 ? 7.164   13.606  2.048   1.00 19.93 ? 37  TYR A CE1 1 
ATOM   265 C CE2 . TYR A 1 37 ? 7.190   12.388  -0.032  1.00 17.64 ? 37  TYR A CE2 1 
ATOM   266 C CZ  . TYR A 1 37 ? 7.639   13.435  0.758   1.00 19.37 ? 37  TYR A CZ  1 
ATOM   267 O OH  . TYR A 1 37 ? 8.569   14.324  0.287   1.00 21.01 ? 37  TYR A OH  1 
ATOM   268 N N   . ASP A 1 38 ? 4.022   8.923   4.984   1.00 16.93 ? 38  ASP A N   1 
ATOM   269 C CA  . ASP A 1 38 ? 3.003   8.220   5.729   1.00 17.37 ? 38  ASP A CA  1 
ATOM   270 C C   . ASP A 1 38 ? 1.760   9.087   5.745   1.00 18.25 ? 38  ASP A C   1 
ATOM   271 O O   . ASP A 1 38 ? 1.819   10.279  6.040   1.00 19.51 ? 38  ASP A O   1 
ATOM   272 C CB  . ASP A 1 38 ? 3.487   7.932   7.155   1.00 18.53 ? 38  ASP A CB  1 
ATOM   273 C CG  . ASP A 1 38 ? 4.651   6.964   7.176   1.00 18.16 ? 38  ASP A CG  1 
ATOM   274 O OD1 . ASP A 1 38 ? 4.719   6.098   6.285   1.00 17.02 ? 38  ASP A OD1 1 
ATOM   275 O OD2 . ASP A 1 38 ? 5.518   7.066   8.049   1.00 19.17 ? 38  ASP A OD2 1 
ATOM   276 O OXT . ASP A 1 38 ? 0.681   8.593   5.429   1.00 18.27 ? 38  ASP A OXT 1 
ATOM   277 N N   . GLY B 1 1  ? -14.643 -1.597  7.153   1.00 22.80 ? 1   GLY B N   1 
ATOM   278 C CA  . GLY B 1 1  ? -13.250 -2.133  7.164   1.00 21.96 ? 1   GLY B CA  1 
ATOM   279 C C   . GLY B 1 1  ? -12.426 -1.609  6.000   1.00 20.61 ? 1   GLY B C   1 
ATOM   280 O O   . GLY B 1 1  ? -12.969 -1.242  4.951   1.00 20.71 ? 1   GLY B O   1 
ATOM   281 N N   . SER B 1 2  ? -11.110 -1.575  6.198   1.00 33.57 ? 2   SER B N   1 
ATOM   282 C CA  . SER B 1 2  ? -10.175 -1.117  5.176   1.00 30.16 ? 2   SER B CA  1 
ATOM   283 C C   . SER B 1 2  ? -8.940  -2.019  5.125   1.00 25.96 ? 2   SER B C   1 
ATOM   284 O O   . SER B 1 2  ? -8.613  -2.691  6.107   1.00 25.62 ? 2   SER B O   1 
ATOM   285 C CB  . SER B 1 2  ? -9.760  0.336   5.450   1.00 30.78 ? 2   SER B CB  1 
ATOM   286 O OG  . SER B 1 2  ? -9.079  0.894   4.320   1.00 30.73 ? 2   SER B OG  1 
ATOM   287 N N   . MET B 1 3  ? -8.274  -2.039  3.971   1.00 22.47 ? 3   MET B N   1 
ATOM   288 C CA  . MET B 1 3  ? -6.997  -2.736  3.814   1.00 19.14 ? 3   MET B CA  1 
ATOM   289 C C   . MET B 1 3  ? -5.931  -1.674  3.566   1.00 17.15 ? 3   MET B C   1 
ATOM   290 O O   . MET B 1 3  ? -6.202  -0.648  2.937   1.00 17.43 ? 3   MET B O   1 
ATOM   291 C CB  . MET B 1 3  ? -7.045  -3.753  2.672   1.00 18.71 ? 3   MET B CB  1 
ATOM   292 C CG  . MET B 1 3  ? -7.086  -3.160  1.264   1.00 18.60 ? 3   MET B CG  1 
ATOM   293 S SD  . MET B 1 3  ? -6.974  -4.426  0.006   1.00 18.19 ? 3   MET B SD  1 
ATOM   294 C CE  . MET B 1 3  ? -6.601  -3.426  -1.433  1.00 18.20 ? 3   MET B CE  1 
ATOM   295 N N   . CYS B 1 4  ? -4.720  -1.927  4.054   1.00 14.95 ? 4   CYS B N   1 
ATOM   296 C CA  . CYS B 1 4  ? -3.632  -0.973  3.909   1.00 13.67 ? 4   CYS B CA  1 
ATOM   297 C C   . CYS B 1 4  ? -3.186  -0.894  2.449   1.00 12.86 ? 4   CYS B C   1 
ATOM   298 O O   . CYS B 1 4  ? -2.990  0.191   1.910   1.00 13.12 ? 4   CYS B O   1 
ATOM   299 C CB  . CYS B 1 4  ? -2.449  -1.368  4.798   1.00 12.79 ? 4   CYS B CB  1 
ATOM   300 S SG  . CYS B 1 4  ? -1.368  0.032   5.153   1.00 12.70 ? 4   CYS B SG  1 
ATOM   301 N N   . MET B 1 5  ? -3.048  -2.066  1.825   1.00 12.04 ? 5   MET B N   1 
ATOM   302 C CA  . MET B 1 5  ? -2.558  -2.202  0.448   1.00 11.60 ? 5   MET B CA  1 
ATOM   303 C C   . MET B 1 5  ? -2.922  -3.599  -0.040  1.00 11.53 ? 5   MET B C   1 
ATOM   304 O O   . MET B 1 5  ? -3.299  -4.440  0.784   1.00 11.62 ? 5   MET B O   1 
ATOM   305 C CB  . MET B 1 5  ? -1.031  -2.013  0.420   1.00 10.94 ? 5   MET B CB  1 
ATOM   306 C CG  . MET B 1 5  ? -0.236  -3.098  1.163   1.00 10.37 ? 5   MET B CG  1 
ATOM   307 S SD  . MET B 1 5  ? 1.560   -2.936  1.135   1.00 10.27 ? 5   MET B SD  1 
ATOM   308 C CE  . MET B 1 5  ? 1.887   -2.892  -0.623  1.00 10.60 ? 5   MET B CE  1 
ATOM   309 N N   . PRO B 1 6  ? -2.817  -3.860  -1.366  1.00 11.67 ? 6   PRO B N   1 
ATOM   310 C CA  . PRO B 1 6  ? -2.996  -5.232  -1.841  1.00 12.02 ? 6   PRO B CA  1 
ATOM   311 C C   . PRO B 1 6  ? -1.793  -6.084  -1.500  1.00 11.41 ? 6   PRO B C   1 
ATOM   312 O O   . PRO B 1 6  ? -0.717  -5.552  -1.256  1.00 10.77 ? 6   PRO B O   1 
ATOM   313 C CB  . PRO B 1 6  ? -3.124  -5.089  -3.370  1.00 12.75 ? 6   PRO B CB  1 
ATOM   314 C CG  . PRO B 1 6  ? -2.930  -3.644  -3.687  1.00 12.72 ? 6   PRO B CG  1 
ATOM   315 C CD  . PRO B 1 6  ? -2.430  -2.953  -2.464  1.00 11.92 ? 6   PRO B CD  1 
ATOM   316 N N   . CYS B 1 7  ? -2.004  -7.392  -1.464  1.00 12.09 ? 7   CYS B N   1 
ATOM   317 C CA  . CYS B 1 7  ? -0.935  -8.375  -1.382  1.00 12.20 ? 7   CYS B CA  1 
ATOM   318 C C   . CYS B 1 7  ? -0.892  -9.131  -2.691  1.00 13.21 ? 7   CYS B C   1 
ATOM   319 O O   . CYS B 1 7  ? -1.919  -9.424  -3.279  1.00 13.88 ? 7   CYS B O   1 
ATOM   320 C CB  . CYS B 1 7  ? -1.137  -9.353  -0.218  1.00 12.69 ? 7   CYS B CB  1 
ATOM   321 S SG  . CYS B 1 7  ? -0.985  -8.546  1.377   1.00 11.87 ? 7   CYS B SG  1 
ATOM   322 N N   . PHE B 1 8  ? 0.331   -9.407  -3.126  1.00 13.45 ? 8   PHE B N   1 
ATOM   323 C CA  . PHE B 1 8  ? 0.612   -10.018 -4.390  1.00 14.74 ? 8   PHE B CA  1 
ATOM   324 C C   . PHE B 1 8  ? 1.389   -11.284 -4.092  1.00 15.72 ? 8   PHE B C   1 
ATOM   325 O O   . PHE B 1 8  ? 2.392   -11.246 -3.396  1.00 15.38 ? 8   PHE B O   1 
ATOM   326 C CB  . PHE B 1 8  ? 1.455   -9.070  -5.237  1.00 14.56 ? 8   PHE B CB  1 
ATOM   327 C CG  . PHE B 1 8  ? 0.800   -7.744  -5.482  1.00 14.00 ? 8   PHE B CG  1 
ATOM   328 C CD1 . PHE B 1 8  ? -0.365  -7.660  -6.256  1.00 14.73 ? 8   PHE B CD1 1 
ATOM   329 C CD2 . PHE B 1 8  ? 1.323   -6.579  -4.935  1.00 13.12 ? 8   PHE B CD2 1 
ATOM   330 C CE1 . PHE B 1 8  ? -0.982  -6.434  -6.474  1.00 14.63 ? 8   PHE B CE1 1 
ATOM   331 C CE2 . PHE B 1 8  ? 0.714   -5.358  -5.163  1.00 13.00 ? 8   PHE B CE2 1 
ATOM   332 C CZ  . PHE B 1 8  ? -0.432  -5.280  -5.931  1.00 13.73 ? 8   PHE B CZ  1 
ATOM   333 N N   . THR B 1 9  ? 0.890   -12.400 -4.602  1.00 17.32 ? 9   THR B N   1 
ATOM   334 C CA  . THR B 1 9  ? 1.554   -13.703 -4.485  1.00 19.01 ? 9   THR B CA  1 
ATOM   335 C C   . THR B 1 9  ? 3.033   -13.691 -4.881  1.00 19.44 ? 9   THR B C   1 
ATOM   336 O O   . THR B 1 9  ? 3.864   -14.283 -4.183  1.00 20.25 ? 9   THR B O   1 
ATOM   337 C CB  . THR B 1 9  ? 0.816   -14.731 -5.355  1.00 21.03 ? 9   THR B CB  1 
ATOM   338 O OG1 . THR B 1 9  ? -0.506  -14.873 -4.835  1.00 21.22 ? 9   THR B OG1 1 
ATOM   339 C CG2 . THR B 1 9  ? 1.522   -16.096 -5.355  1.00 23.30 ? 9   THR B CG2 1 
ATOM   340 N N   . THR B 1 10 ? 3.344   -13.024 -5.995  1.00 19.37 ? 10  THR B N   1 
ATOM   341 C CA  . THR B 1 10 ? 4.670   -13.135 -6.617  1.00 20.54 ? 10  THR B CA  1 
ATOM   342 C C   . THR B 1 10 ? 5.644   -12.032 -6.197  1.00 19.44 ? 10  THR B C   1 
ATOM   343 O O   . THR B 1 10 ? 6.760   -11.963 -6.716  1.00 20.51 ? 10  THR B O   1 
ATOM   344 C CB  . THR B 1 10 ? 4.565   -13.177 -8.157  1.00 21.91 ? 10  THR B CB  1 
ATOM   345 O OG1 . THR B 1 10 ? 4.043   -11.934 -8.631  1.00 20.68 ? 10  THR B OG1 1 
ATOM   346 C CG2 . THR B 1 10 ? 3.663   -14.310 -8.600  1.00 23.48 ? 10  THR B CG2 1 
ATOM   347 N N   . ARG B 1 11 ? 5.239   -11.181 -5.259  1.00 17.63 ? 11  ARG B N   1 
ATOM   348 C CA  . ARG B 1 11 ? 6.144   -10.185 -4.712  1.00 16.97 ? 11  ARG B CA  1 
ATOM   349 C C   . ARG B 1 11 ? 6.909   -10.829 -3.548  1.00 17.43 ? 11  ARG B C   1 
ATOM   350 O O   . ARG B 1 11 ? 6.307   -11.150 -2.522  1.00 16.71 ? 11  ARG B O   1 
ATOM   351 C CB  . ARG B 1 11 ? 5.339   -8.985  -4.259  1.00 15.29 ? 11  ARG B CB  1 
ATOM   352 C CG  . ARG B 1 11 ? 6.143   -7.742  -4.027  1.00 14.95 ? 11  ARG B CG  1 
ATOM   353 C CD  . ARG B 1 11 ? 5.212   -6.562  -3.847  1.00 13.68 ? 11  ARG B CD  1 
ATOM   354 N NE  . ARG B 1 11 ? 5.011   -5.820  -5.084  1.00 14.14 ? 11  ARG B NE  1 
ATOM   355 C CZ  . ARG B 1 11 ? 4.556   -4.568  -5.135  1.00 13.72 ? 11  ARG B CZ  1 
ATOM   356 N NH1 . ARG B 1 11 ? 4.224   -3.905  -4.017  1.00 12.66 ? 11  ARG B NH1 1 
ATOM   357 N NH2 . ARG B 1 11 ? 4.449   -3.964  -6.313  1.00 14.60 ? 11  ARG B NH2 1 
ATOM   358 N N   . PRO B 1 12 ? 8.238   -11.013 -3.694  1.00 18.99 ? 12  PRO B N   1 
ATOM   359 C CA  . PRO B 1 12 ? 8.975   -11.838 -2.711  1.00 20.17 ? 12  PRO B CA  1 
ATOM   360 C C   . PRO B 1 12 ? 9.071   -11.244 -1.287  1.00 19.09 ? 12  PRO B C   1 
ATOM   361 O O   . PRO B 1 12 ? 9.163   -12.005 -0.311  1.00 19.86 ? 12  PRO B O   1 
ATOM   362 C CB  . PRO B 1 12 ? 10.361  -12.009 -3.354  1.00 22.35 ? 12  PRO B CB  1 
ATOM   363 C CG  . PRO B 1 12 ? 10.513  -10.841 -4.260  1.00 21.90 ? 12  PRO B CG  1 
ATOM   364 C CD  . PRO B 1 12 ? 9.133   -10.484 -4.746  1.00 20.19 ? 12  PRO B CD  1 
ATOM   365 N N   . ASP B 1 13 ? 9.013   -9.924  -1.171  1.00 17.64 ? 13  ASP B N   1 
ATOM   366 C CA  . ASP B 1 13 ? 9.049   -9.243  0.137   1.00 16.84 ? 13  ASP B CA  1 
ATOM   367 C C   . ASP B 1 13 ? 7.659   -8.772  0.599   1.00 14.65 ? 13  ASP B C   1 
ATOM   368 O O   . ASP B 1 13 ? 7.543   -7.811  1.362   1.00 13.82 ? 13  ASP B O   1 
ATOM   369 C CB  . ASP B 1 13 ? 10.019  -8.058  0.073   1.00 17.54 ? 13  ASP B CB  1 
ATOM   370 C CG  . ASP B 1 13 ? 9.600   -7.011  -0.943  1.00 17.24 ? 13  ASP B CG  1 
ATOM   371 O OD1 . ASP B 1 13 ? 8.890   -7.357  -1.933  1.00 17.33 ? 13  ASP B OD1 1 
ATOM   372 O OD2 . ASP B 1 13 ? 9.977   -5.833  -0.760  1.00 17.87 ? 13  ASP B OD2 1 
ATOM   373 N N   . MET B 1 14 ? 6.613   -9.463  0.164   1.00 14.01 ? 14  MET B N   1 
ATOM   374 C CA  . MET B 1 14 ? 5.245   -9.009  0.392   1.00 12.48 ? 14  MET B CA  1 
ATOM   375 C C   . MET B 1 14 ? 4.897   -8.868  1.867   1.00 12.00 ? 14  MET B C   1 
ATOM   376 O O   . MET B 1 14 ? 4.242   -7.908  2.257   1.00 11.10 ? 14  MET B O   1 
ATOM   377 C CB  . MET B 1 14 ? 4.248   -9.951  -0.293  1.00 12.81 ? 14  MET B CB  1 
ATOM   378 C CG  . MET B 1 14 ? 2.838   -9.410  -0.406  1.00 11.93 ? 14  MET B CG  1 
ATOM   379 S SD  . MET B 1 14 ? 2.712   -7.888  -1.382  1.00 11.01 ? 14  MET B SD  1 
ATOM   380 C CE  . MET B 1 14 ? 2.362   -6.675  -0.122  1.00 10.14 ? 14  MET B CE  1 
ATOM   381 N N   . ALA B 1 15 ? 5.322   -9.821  2.691   1.00 12.89 ? 15  ALA B N   1 
ATOM   382 C CA  . ALA B 1 15 ? 5.058   -9.726  4.129   1.00 12.84 ? 15  ALA B CA  1 
ATOM   383 C C   . ALA B 1 15 ? 5.703   -8.476  4.741   1.00 12.32 ? 15  ALA B C   1 
ATOM   384 O O   . ALA B 1 15 ? 5.085   -7.806  5.562   1.00 11.75 ? 15  ALA B O   1 
ATOM   385 C CB  . ALA B 1 15 ? 5.544   -10.975 4.844   1.00 14.45 ? 15  ALA B CB  1 
ATOM   386 N N   . GLN B 1 16 ? 6.950   -8.206  4.346   1.00 12.88 ? 16  GLN B N   1 
ATOM   387 C CA  . GLN B 1 16 ? 7.720   -7.053  4.825   1.00 12.99 ? 16  GLN B CA  1 
ATOM   388 C C   . GLN B 1 16 ? 7.057   -5.736  4.424   1.00 11.76 ? 16  GLN B C   1 
ATOM   389 O O   . GLN B 1 16 ? 6.960   -4.818  5.236   1.00 11.71 ? 16  GLN B O   1 
ATOM   390 C CB  . GLN B 1 16 ? 9.161   -7.075  4.297   1.00 14.42 ? 16  GLN B CB  1 
ATOM   391 C CG  . GLN B 1 16 ? 10.061  -8.136  4.915   1.00 16.28 ? 16  GLN B CG  1 
ATOM   392 C CD  . GLN B 1 16 ? 9.916   -9.512  4.289   1.00 17.12 ? 16  GLN B CD  1 
ATOM   393 O OE1 . GLN B 1 16 ? 9.029   -9.760  3.453   1.00 16.36 ? 16  GLN B OE1 1 
ATOM   394 N NE2 . GLN B 1 16 ? 10.778  -10.426 4.702   1.00 19.18 ? 16  GLN B NE2 1 
ATOM   395 N N   . GLN B 1 17 ? 6.602   -5.654  3.176   1.00 11.16 ? 17  GLN B N   1 
ATOM   396 C CA  . GLN B 1 17 ? 5.866   -4.481  2.696   1.00 10.44 ? 17  GLN B CA  1 
ATOM   397 C C   . GLN B 1 17 ? 4.526   -4.276  3.406   1.00 9.80  ? 17  GLN B C   1 
ATOM   398 O O   . GLN B 1 17 ? 4.114   -3.135  3.637   1.00 9.66  ? 17  GLN B O   1 
ATOM   399 C CB  . GLN B 1 17 ? 5.633   -4.556  1.202   1.00 10.36 ? 17  GLN B CB  1 
ATOM   400 C CG  . GLN B 1 17 ? 6.908   -4.547  0.360   1.00 11.42 ? 17  GLN B CG  1 
ATOM   401 C CD  . GLN B 1 17 ? 6.601   -4.381  -1.112  1.00 11.66 ? 17  GLN B CD  1 
ATOM   402 O OE1 . GLN B 1 17 ? 5.470   -4.120  -1.474  1.00 11.04 ? 17  GLN B OE1 1 
ATOM   403 N NE2 . GLN B 1 17 ? 7.602   -4.546  -1.963  1.00 12.94 ? 17  GLN B NE2 1 
ATOM   404 N N   . CYS B 1 18 ? 3.850   -5.363  3.767   1.00 9.74  ? 18  CYS B N   1 
ATOM   405 C CA  . CYS B 1 18 ? 2.566   -5.233  4.477   1.00 9.64  ? 18  CYS B CA  1 
ATOM   406 C C   . CYS B 1 18 ? 2.772   -4.722  5.918   1.00 10.15 ? 18  CYS B C   1 
ATOM   407 O O   . CYS B 1 18 ? 1.999   -3.891  6.417   1.00 10.22 ? 18  CYS B O   1 
ATOM   408 C CB  . CYS B 1 18 ? 1.791   -6.554  4.441   1.00 9.96  ? 18  CYS B CB  1 
ATOM   409 S SG  . CYS B 1 18 ? 0.257   -6.567  5.400   1.00 10.38 ? 18  CYS B SG  1 
ATOM   410 N N   . ARG B 1 19 ? 3.834   -5.195  6.562   1.00 10.86 ? 19  ARG B N   1 
ATOM   411 C CA  . ARG B 1 19 ? 4.246   -4.672  7.873   1.00 11.67 ? 19  ARG B CA  1 
ATOM   412 C C   . ARG B 1 19 ? 4.735   -3.228  7.795   1.00 11.74 ? 19  ARG B C   1 
ATOM   413 O O   . ARG B 1 19 ? 4.473   -2.442  8.699   1.00 12.22 ? 19  ARG B O   1 
ATOM   414 C CB  . ARG B 1 19 ? 5.328   -5.556  8.495   1.00 12.80 ? 19  ARG B CB  1 
ATOM   415 C CG  . ARG B 1 19 ? 4.853   -6.967  8.824   1.00 13.56 ? 19  ARG B CG  1 
ATOM   416 C CD  . ARG B 1 19 ? 6.013   -7.828  9.273   1.00 15.16 ? 19  ARG B CD  1 
ATOM   417 N NE  . ARG B 1 19 ? 5.671   -9.228  9.165   1.00 16.23 ? 19  ARG B NE  1 
ATOM   418 C CZ  . ARG B 1 19 ? 6.396   -10.187 8.575   1.00 17.22 ? 19  ARG B CZ  1 
ATOM   419 N NH1 . ARG B 1 19 ? 7.601   -9.981  8.022   1.00 17.50 ? 19  ARG B NH1 1 
ATOM   420 N NH2 . ARG B 1 19 ? 5.887   -11.402 8.558   1.00 18.39 ? 19  ARG B NH2 1 
ATOM   421 N N   . ALA B 1 20 ? 5.459   -2.878  6.729   1.00 11.65 ? 20  ALA B N   1 
ATOM   422 C CA  . ALA B 1 20 ? 5.825   -1.468  6.487   1.00 12.08 ? 20  ALA B CA  1 
ATOM   423 C C   . ALA B 1 20 ? 4.561   -0.613  6.428   1.00 11.83 ? 20  ALA B C   1 
ATOM   424 O O   . ALA B 1 20 ? 4.476   0.435   7.090   1.00 12.55 ? 20  ALA B O   1 
ATOM   425 C CB  . ALA B 1 20 ? 6.613   -1.325  5.195   1.00 12.23 ? 20  ALA B CB  1 
ATOM   426 N N   . CYS B 1 21 ? 3.589   -1.074  5.633   1.00 11.18 ? 21  CYS B N   1 
ATOM   427 C CA  . CYS B 1 21 ? 2.306   -0.390  5.473   1.00 11.34 ? 21  CYS B CA  1 
ATOM   428 C C   . CYS B 1 21 ? 1.611   -0.254  6.831   1.00 11.93 ? 21  CYS B C   1 
ATOM   429 O O   . CYS B 1 21 ? 1.124   0.819   7.174   1.00 12.80 ? 21  CYS B O   1 
ATOM   430 C CB  . CYS B 1 21 ? 1.403   -1.133  4.475   1.00 10.83 ? 21  CYS B CB  1 
ATOM   431 S SG  . CYS B 1 21 ? 0.107   -0.109  3.739   1.00 11.58 ? 21  CYS B SG  1 
ATOM   432 N N   . CYS B 1 22 ? 1.635   -1.330  7.613   1.00 11.82 ? 22  CYS B N   1 
ATOM   433 C CA  . CYS B 1 22 ? 0.908   -1.396  8.874   1.00 12.70 ? 22  CYS B CA  1 
ATOM   434 C C   . CYS B 1 22 ? 1.743   -1.067  10.125  1.00 13.72 ? 22  CYS B C   1 
ATOM   435 O O   . CYS B 1 22 ? 1.398   -1.478  11.230  1.00 14.56 ? 22  CYS B O   1 
ATOM   436 C CB  . CYS B 1 22 ? 0.264   -2.768  8.987   1.00 12.57 ? 22  CYS B CB  1 
ATOM   437 S SG  . CYS B 1 22 ? -0.998  -3.026  7.728   1.00 12.16 ? 22  CYS B SG  1 
ATOM   438 N N   . LYS B 1 23 ? 2.832   -0.316  9.937   1.00 13.96 ? 23  LYS B N   1 
ATOM   439 C CA  . LYS B 1 23 ? 3.644   0.194   11.024  1.00 15.32 ? 23  LYS B CA  1 
ATOM   440 C C   . LYS B 1 23 ? 4.132   -0.906  11.981  1.00 15.70 ? 23  LYS B C   1 
ATOM   441 O O   . LYS B 1 23 ? 4.193   -0.696  13.187  1.00 16.96 ? 23  LYS B O   1 
ATOM   442 C CB  . LYS B 1 23 ? 2.876   1.307   11.762  1.00 16.66 ? 23  LYS B CB  1 
ATOM   443 C CG  . LYS B 1 23 ? 2.426   2.439   10.841  1.00 16.85 ? 23  LYS B CG  1 
ATOM   444 C CD  . LYS B 1 23 ? 2.118   3.712   11.628  1.00 18.97 ? 23  LYS B CD  1 
ATOM   445 C CE  . LYS B 1 23 ? 1.877   4.894   10.695  1.00 19.68 ? 23  LYS B CE  1 
ATOM   446 N NZ  . LYS B 1 23 ? 1.706   6.154   11.479  1.00 22.11 ? 23  LYS B NZ  1 
ATOM   447 N N   . GLY B 1 24 ? 4.473   -2.068  11.413  1.00 14.96 ? 24  GLY B N   1 
ATOM   448 C CA  . GLY B 1 24 ? 5.058   -3.199  12.139  1.00 15.82 ? 24  GLY B CA  1 
ATOM   449 C C   . GLY B 1 24 ? 4.114   -4.332  12.497  1.00 15.99 ? 24  GLY B C   1 
ATOM   450 O O   . GLY B 1 24 ? 4.585   -5.373  12.943  1.00 16.81 ? 24  GLY B O   1 
ATOM   451 N N   . ARG B 1 25 ? 2.802   -4.124  12.303  1.00 15.60 ? 25  ARG B N   1 
ATOM   452 C CA  . ARG B 1 25 ? 1.756   -5.097  12.621  1.00 16.21 ? 25  ARG B CA  1 
ATOM   453 C C   . ARG B 1 25 ? 0.665   -5.158  11.537  1.00 15.36 ? 25  ARG B C   1 
ATOM   454 O O   . ARG B 1 25 ? -0.329  -4.415  11.577  1.00 15.52 ? 25  ARG B O   1 
ATOM   455 C CB  . ARG B 1 25 ? 1.108   -4.768  13.968  1.00 17.76 ? 25  ARG B CB  1 
ATOM   456 C CG  . ARG B 1 25 ? 0.403   -5.960  14.574  1.00 19.10 ? 25  ARG B CG  1 
ATOM   457 C CD  . ARG B 1 25 ? -0.643  -5.559  15.585  1.00 20.69 ? 25  ARG B CD  1 
ATOM   458 N NE  . ARG B 1 25 ? -1.315  -6.740  16.115  1.00 22.31 ? 25  ARG B NE  1 
ATOM   459 C CZ  . ARG B 1 25 ? -2.431  -6.733  16.834  1.00 24.14 ? 25  ARG B CZ  1 
ATOM   460 N NH1 . ARG B 1 25 ? -3.058  -5.591  17.124  1.00 24.60 ? 25  ARG B NH1 1 
ATOM   461 N NH2 . ARG B 1 25 ? -2.931  -7.888  17.265  1.00 25.94 ? 25  ARG B NH2 1 
ATOM   462 N N   . GLY B 1 26 ? 0.856   -6.051  10.574  1.00 14.73 ? 26  GLY B N   1 
ATOM   463 C CA  . GLY B 1 26 ? -0.171  -6.343  9.573   1.00 14.24 ? 26  GLY B CA  1 
ATOM   464 C C   . GLY B 1 26 ? 0.150   -7.637  8.853   1.00 14.31 ? 26  GLY B C   1 
ATOM   465 O O   . GLY B 1 26 ? 1.304   -8.092  8.889   1.00 14.60 ? 26  GLY B O   1 
ATOM   466 N N   . LYS B 1 27 ? -0.860  -8.226  8.208   1.00 14.49 ? 27  LYS B N   1 
ATOM   467 C CA  . LYS B 1 27 ? -0.731  -9.555  7.594   1.00 15.07 ? 27  LYS B CA  1 
ATOM   468 C C   . LYS B 1 27 ? -1.551  -9.658  6.304   1.00 14.70 ? 27  LYS B C   1 
ATOM   469 O O   . LYS B 1 27 ? -2.652  -9.078  6.207   1.00 14.71 ? 27  LYS B O   1 
ATOM   470 C CB  . LYS B 1 27 ? -1.197  -10.631 8.576   1.00 17.10 ? 27  LYS B CB  1 
ATOM   471 C CG  . LYS B 1 27 ? -0.930  -12.049 8.099   1.00 18.40 ? 27  LYS B CG  1 
ATOM   472 C CD  . LYS B 1 27 ? -1.337  -13.074 9.129   1.00 20.90 ? 27  LYS B CD  1 
ATOM   473 C CE  . LYS B 1 27 ? -1.539  -14.450 8.495   1.00 22.69 ? 27  LYS B CE  1 
ATOM   474 N NZ  . LYS B 1 27 ? -1.104  -15.515 9.439   1.00 25.14 ? 27  LYS B NZ  1 
ATOM   475 N N   . CYS B 1 28 ? -1.011  -10.416 5.342   1.00 14.40 ? 28  CYS B N   1 
ATOM   476 C CA  . CYS B 1 28 ? -1.712  -10.705 4.095   1.00 14.52 ? 28  CYS B CA  1 
ATOM   477 C C   . CYS B 1 28 ? -2.726  -11.822 4.311   1.00 16.33 ? 28  CYS B C   1 
ATOM   478 O O   . CYS B 1 28 ? -2.378  -12.893 4.777   1.00 17.49 ? 28  CYS B O   1 
ATOM   479 C CB  . CYS B 1 28 ? -0.740  -11.094 2.975   1.00 14.15 ? 28  CYS B CB  1 
ATOM   480 S SG  . CYS B 1 28 ? 0.307   -9.714  2.453   1.00 12.45 ? 28  CYS B SG  1 
ATOM   481 N N   . PHE B 1 29 ? -3.983  -11.540 3.983   1.00 16.85 ? 29  PHE B N   1 
ATOM   482 C CA  . PHE B 1 29 ? -5.015  -12.555 3.889   1.00 18.92 ? 29  PHE B CA  1 
ATOM   483 C C   . PHE B 1 29 ? -5.457  -12.537 2.438   1.00 19.00 ? 29  PHE B C   1 
ATOM   484 O O   . PHE B 1 29 ? -6.174  -11.625 2.016   1.00 18.63 ? 29  PHE B O   1 
ATOM   485 C CB  . PHE B 1 29 ? -6.179  -12.224 4.815   1.00 20.14 ? 29  PHE B CB  1 
ATOM   486 C CG  . PHE B 1 29 ? -5.819  -12.223 6.267   1.00 20.40 ? 29  PHE B CG  1 
ATOM   487 C CD1 . PHE B 1 29 ? -5.326  -11.072 6.873   1.00 18.82 ? 29  PHE B CD1 1 
ATOM   488 C CD2 . PHE B 1 29 ? -5.999  -13.364 7.041   1.00 22.66 ? 29  PHE B CD2 1 
ATOM   489 C CE1 . PHE B 1 29 ? -5.010  -11.061 8.227   1.00 19.34 ? 29  PHE B CE1 1 
ATOM   490 C CE2 . PHE B 1 29 ? -5.676  -13.361 8.394   1.00 23.23 ? 29  PHE B CE2 1 
ATOM   491 C CZ  . PHE B 1 29 ? -5.176  -12.204 8.983   1.00 21.53 ? 29  PHE B CZ  1 
ATOM   492 N N   . GLY B 1 30 ? -5.009  -13.533 1.672   1.00 19.68 ? 30  GLY B N   1 
ATOM   493 C CA  . GLY B 1 30 ? -5.209  -13.552 0.224   1.00 19.77 ? 30  GLY B CA  1 
ATOM   494 C C   . GLY B 1 30 ? -4.690  -12.255 -0.395  1.00 17.51 ? 30  GLY B C   1 
ATOM   495 O O   . GLY B 1 30 ? -3.551  -11.868 -0.150  1.00 16.16 ? 30  GLY B O   1 
ATOM   496 N N   . PRO B 1 31 ? -5.535  -11.551 -1.165  1.00 17.55 ? 31  PRO B N   1 
ATOM   497 C CA  . PRO B 1 31 ? -5.078  -10.356 -1.862  1.00 16.02 ? 31  PRO B CA  1 
ATOM   498 C C   . PRO B 1 31 ? -5.092  -9.063  -1.022  1.00 14.68 ? 31  PRO B C   1 
ATOM   499 O O   . PRO B 1 31 ? -4.842  -8.004  -1.591  1.00 13.91 ? 31  PRO B O   1 
ATOM   500 C CB  . PRO B 1 31 ? -6.079  -10.248 -3.017  1.00 17.36 ? 31  PRO B CB  1 
ATOM   501 C CG  . PRO B 1 31 ? -7.346  -10.758 -2.426  1.00 19.13 ? 31  PRO B CG  1 
ATOM   502 C CD  . PRO B 1 31 ? -6.964  -11.819 -1.430  1.00 19.51 ? 31  PRO B CD  1 
ATOM   503 N N   . GLN B 1 32 ? -5.338  -9.134  0.297   1.00 14.76 ? 32  GLN B N   1 
ATOM   504 C CA  . GLN B 1 32 ? -5.461  -7.933  1.161   1.00 14.03 ? 32  GLN B CA  1 
ATOM   505 C C   . GLN B 1 32 ? -4.442  -7.894  2.310   1.00 13.07 ? 32  GLN B C   1 
ATOM   506 O O   . GLN B 1 32 ? -4.341  -8.851  3.066   1.00 13.81 ? 32  GLN B O   1 
ATOM   507 C CB  . GLN B 1 32 ? -6.863  -7.863  1.773   1.00 15.59 ? 32  GLN B CB  1 
ATOM   508 C CG  . GLN B 1 32 ? -8.013  -7.909  0.776   1.00 17.10 ? 32  GLN B CG  1 
ATOM   509 C CD  . GLN B 1 32 ? -9.378  -7.782  1.440   1.00 19.08 ? 32  GLN B CD  1 
ATOM   510 O OE1 . GLN B 1 32 ? -9.484  -7.484  2.622   1.00 19.21 ? 32  GLN B OE1 1 
ATOM   511 N NE2 . GLN B 1 32 ? -10.430 -7.997  0.665   1.00 20.99 ? 32  GLN B NE2 1 
ATOM   512 N N   . CYS B 1 33 ? -3.733  -6.771  2.458   1.00 11.92 ? 33  CYS B N   1 
ATOM   513 C CA  . CYS B 1 33 ? -2.895  -6.506  3.640   1.00 11.39 ? 33  CYS B CA  1 
ATOM   514 C C   . CYS B 1 33 ? -3.740  -5.821  4.710   1.00 12.20 ? 33  CYS B C   1 
ATOM   515 O O   . CYS B 1 33 ? -4.120  -4.646  4.551   1.00 12.24 ? 33  CYS B O   1 
ATOM   516 C CB  . CYS B 1 33 ? -1.686  -5.628  3.290   1.00 10.30 ? 33  CYS B CB  1 
ATOM   517 S SG  . CYS B 1 33 ? -0.764  -4.958  4.690   1.00 10.03 ? 33  CYS B SG  1 
ATOM   518 N N   . LEU B 1 34 ? -4.026  -6.549  5.796   1.00 13.16 ? 34  LEU B N   1 
ATOM   519 C CA  . LEU B 1 34 ? -4.830  -6.028  6.894   1.00 14.33 ? 34  LEU B CA  1 
ATOM   520 C C   . LEU B 1 34 ? -3.950  -5.702  8.113   1.00 14.30 ? 34  LEU B C   1 
ATOM   521 O O   . LEU B 1 34 ? -3.195  -6.552  8.592   1.00 14.25 ? 34  LEU B O   1 
ATOM   522 C CB  . LEU B 1 34 ? -5.932  -7.018  7.264   1.00 16.16 ? 34  LEU B CB  1 
ATOM   523 C CG  . LEU B 1 34 ? -6.820  -7.519  6.119   1.00 16.86 ? 34  LEU B CG  1 
ATOM   524 C CD1 . LEU B 1 34 ? -7.869  -8.483  6.644   1.00 19.23 ? 34  LEU B CD1 1 
ATOM   525 C CD2 . LEU B 1 34 ? -7.473  -6.363  5.361   1.00 16.86 ? 34  LEU B CD2 1 
ATOM   526 N N   . CYS B 1 35 ? -4.040  -4.459  8.587   1.00 14.55 ? 35  CYS B N   1 
ATOM   527 C CA  . CYS B 1 35 ? -3.298  -4.027  9.773   1.00 15.03 ? 35  CYS B CA  1 
ATOM   528 C C   . CYS B 1 35 ? -4.000  -4.554  11.014  1.00 17.04 ? 35  CYS B C   1 
ATOM   529 O O   . CYS B 1 35 ? -5.195  -4.852  10.975  1.00 18.03 ? 35  CYS B O   1 
ATOM   530 C CB  . CYS B 1 35 ? -3.181  -2.497  9.825   1.00 14.95 ? 35  CYS B CB  1 
ATOM   531 S SG  . CYS B 1 35 ? -2.476  -1.748  8.330   1.00 13.50 ? 35  CYS B SG  1 
ATOM   532 N N   . GLY B 1 36 ? -3.246  -4.693  12.103  1.00 17.91 ? 36  GLY B N   1 
ATOM   533 C CA  . GLY B 1 36 ? -3.811  -5.173  13.370  1.00 20.32 ? 36  GLY B CA  1 
ATOM   534 C C   . GLY B 1 36 ? -3.931  -6.688  13.489  1.00 21.60 ? 36  GLY B C   1 
ATOM   535 O O   . GLY B 1 36 ? -4.638  -7.178  14.364  1.00 23.57 ? 36  GLY B O   1 
ATOM   536 N N   . TYR B 1 37 ? -3.251  -7.415  12.598  1.00 21.01 ? 37  TYR B N   1 
ATOM   537 C CA  . TYR B 1 37 ? -3.151  -8.874  12.643  1.00 22.54 ? 37  TYR B CA  1 
ATOM   538 C C   . TYR B 1 37 ? -1.686  -9.290  12.704  1.00 22.32 ? 37  TYR B C   1 
ATOM   539 O O   . TYR B 1 37 ? -0.827  -8.652  12.104  1.00 20.62 ? 37  TYR B O   1 
ATOM   540 C CB  . TYR B 1 37 ? -3.835  -9.504  11.430  1.00 22.42 ? 37  TYR B CB  1 
ATOM   541 C CG  . TYR B 1 37 ? -5.327  -9.283  11.457  1.00 23.97 ? 37  TYR B CG  1 
ATOM   542 C CD1 . TYR B 1 37 ? -6.167  -10.109 12.217  1.00 26.71 ? 37  TYR B CD1 1 
ATOM   543 C CD2 . TYR B 1 37 ? -5.892  -8.213  10.780  1.00 23.20 ? 37  TYR B CD2 1 
ATOM   544 C CE1 . TYR B 1 37 ? -7.538  -9.886  12.268  1.00 28.60 ? 37  TYR B CE1 1 
ATOM   545 C CE2 . TYR B 1 37 ? -7.254  -7.980  10.815  1.00 25.03 ? 37  TYR B CE2 1 
ATOM   546 C CZ  . TYR B 1 37 ? -8.076  -8.815  11.553  1.00 27.74 ? 37  TYR B CZ  1 
ATOM   547 O OH  . TYR B 1 37 ? -9.426  -8.559  11.576  1.00 30.15 ? 37  TYR B OH  1 
ATOM   548 N N   . ASP B 1 38 ? -1.434  -10.356 13.457  1.00 24.71 ? 38  ASP B N   1 
ATOM   549 C CA  . ASP B 1 38 ? -0.109  -10.959 13.615  1.00 25.55 ? 38  ASP B CA  1 
ATOM   550 C C   . ASP B 1 38 ? -0.010  -12.242 12.782  1.00 26.47 ? 38  ASP B C   1 
ATOM   551 O O   . ASP B 1 38 ? 1.058   -12.563 12.264  1.00 26.53 ? 38  ASP B O   1 
ATOM   552 C CB  . ASP B 1 38 ? 0.140   -11.307 15.077  1.00 27.79 ? 38  ASP B CB  1 
ATOM   553 C CG  . ASP B 1 38 ? -0.057  -10.119 16.006  1.00 27.95 ? 38  ASP B CG  1 
ATOM   554 O OD1 . ASP B 1 38 ? 0.437   -9.025  15.671  1.00 26.45 ? 38  ASP B OD1 1 
ATOM   555 O OD2 . ASP B 1 38 ? -0.717  -10.277 17.056  1.00 29.97 ? 38  ASP B OD2 1 
ATOM   556 O OXT . ASP B 1 38 ? -0.985  -13.000 12.619  1.00 27.94 ? 38  ASP B OXT 1 
HETATM 557 O O   . HOH C 2 .  ? -9.605  15.368  -9.833  1.00 17.69 ? 101 HOH A O   1 
HETATM 558 O O   . HOH C 2 .  ? -7.513  13.705  -6.211  1.00 24.05 ? 102 HOH A O   1 
HETATM 559 O O   . HOH C 2 .  ? 8.297   10.903  5.414   1.00 23.32 ? 103 HOH A O   1 
HETATM 560 O O   . HOH C 2 .  ? 0.045   12.887  -12.193 1.00 15.74 ? 104 HOH A O   1 
HETATM 561 O O   . HOH C 2 .  ? -5.273  12.321  -5.061  1.00 17.98 ? 105 HOH A O   1 
HETATM 562 O O   . HOH C 2 .  ? -9.701  7.659   -3.608  1.00 20.94 ? 106 HOH A O   1 
HETATM 563 O O   . HOH C 2 .  ? -3.731  16.025  -1.953  1.00 31.12 ? 107 HOH A O   1 
HETATM 564 O O   . HOH C 2 .  ? -4.770  12.598  -11.733 1.00 24.10 ? 108 HOH A O   1 
HETATM 565 O O   . HOH C 2 .  ? -7.768  12.447  -11.073 1.00 14.49 ? 109 HOH A O   1 
HETATM 566 O O   . HOH C 2 .  ? 5.471   8.515   10.428  1.00 19.70 ? 110 HOH A O   1 
HETATM 567 O O   . HOH C 2 .  ? 9.114   -1.493  1.899   1.00 21.76 ? 111 HOH A O   1 
HETATM 568 O O   . HOH C 2 .  ? -2.311  14.686  0.486   1.00 21.82 ? 112 HOH A O   1 
HETATM 569 O O   . HOH C 2 .  ? -1.234  6.040   -0.448  1.00 8.40  ? 113 HOH A O   1 
HETATM 570 O O   . HOH C 2 .  ? -12.694 7.672   -5.832  1.00 18.39 ? 114 HOH A O   1 
HETATM 571 O O   . HOH C 2 .  ? 7.771   8.723   -5.496  1.00 10.98 ? 115 HOH A O   1 
HETATM 572 O O   . HOH C 2 .  ? 8.548   2.191   -5.856  1.00 26.32 ? 116 HOH A O   1 
HETATM 573 O O   . HOH C 2 .  ? -9.886  10.655  -11.564 1.00 9.02  ? 117 HOH A O   1 
HETATM 574 O O   . HOH C 2 .  ? 9.118   3.147   -0.571  1.00 35.80 ? 118 HOH A O   1 
HETATM 575 O O   . HOH C 2 .  ? -7.805  6.248   -1.845  1.00 21.73 ? 119 HOH A O   1 
HETATM 576 O O   . HOH C 2 .  ? -9.379  1.165   -9.429  1.00 21.12 ? 120 HOH A O   1 
HETATM 577 O O   . HOH C 2 .  ? 2.294   5.308   3.503   1.00 12.26 ? 121 HOH A O   1 
HETATM 578 O O   . HOH C 2 .  ? -8.356  9.488   -5.169  1.00 22.23 ? 122 HOH A O   1 
HETATM 579 O O   . HOH C 2 .  ? -3.764  11.554  0.555   1.00 26.13 ? 123 HOH A O   1 
HETATM 580 O O   . HOH C 2 .  ? -12.267 6.167   -1.396  1.00 27.28 ? 124 HOH A O   1 
HETATM 581 O O   . HOH C 2 .  ? -2.867  8.267   -0.493  1.00 14.31 ? 125 HOH A O   1 
HETATM 582 O O   . HOH C 2 .  ? -1.210  10.667  6.377   1.00 36.65 ? 126 HOH A O   1 
HETATM 583 O O   . HOH C 2 .  ? 10.799  5.766   2.634   1.00 10.26 ? 127 HOH A O   1 
HETATM 584 O O   . HOH C 2 .  ? -0.045  18.063  -5.146  1.00 32.46 ? 128 HOH A O   1 
HETATM 585 O O   . HOH C 2 .  ? -6.141  1.851   -16.292 1.00 23.32 ? 129 HOH A O   1 
HETATM 586 O O   . HOH C 2 .  ? 6.925   -1.646  -6.596  1.00 44.67 ? 130 HOH A O   1 
HETATM 587 O O   . HOH C 2 .  ? 7.035   13.074  -11.436 1.00 35.70 ? 131 HOH A O   1 
HETATM 588 O O   . HOH C 2 .  ? -10.980 1.423   -1.243  1.00 25.64 ? 132 HOH A O   1 
HETATM 589 O O   . HOH C 2 .  ? 9.453   10.352  -3.616  1.00 31.03 ? 133 HOH A O   1 
HETATM 590 O O   . HOH C 2 .  ? -5.291  8.629   -1.828  1.00 25.13 ? 134 HOH A O   1 
HETATM 591 O O   . HOH C 2 .  ? 9.856   2.815   -3.424  1.00 34.01 ? 135 HOH A O   1 
HETATM 592 O O   . HOH C 2 .  ? 3.285   10.363  -13.582 1.00 35.61 ? 136 HOH A O   1 
HETATM 593 O O   . HOH C 2 .  ? -16.297 7.504   -11.009 1.00 14.88 ? 137 HOH A O   1 
HETATM 594 O O   . HOH C 2 .  ? -5.874  10.093  -4.084  1.00 23.27 ? 138 HOH A O   1 
HETATM 595 O O   . HOH D 2 .  ? 5.908   -13.249 -0.955  1.00 10.86 ? 101 HOH B O   1 
HETATM 596 O O   . HOH D 2 .  ? 3.758   -7.800  13.714  1.00 15.16 ? 102 HOH B O   1 
HETATM 597 O O   . HOH D 2 .  ? -1.172  -13.164 -0.481  1.00 26.51 ? 103 HOH B O   1 
HETATM 598 O O   . HOH D 2 .  ? -4.864  -5.118  19.143  1.00 17.05 ? 104 HOH B O   1 
HETATM 599 O O   . HOH D 2 .  ? -2.998  -3.036  16.020  1.00 27.95 ? 105 HOH B O   1 
HETATM 600 O O   . HOH D 2 .  ? -1.015  -0.641  12.360  1.00 25.14 ? 106 HOH B O   1 
HETATM 601 O O   . HOH D 2 .  ? 2.920   6.536   13.978  1.00 28.51 ? 107 HOH B O   1 
HETATM 602 O O   . HOH D 2 .  ? 2.789   -9.132  6.749   1.00 11.64 ? 108 HOH B O   1 
HETATM 603 O O   . HOH D 2 .  ? 9.282   -6.753  -4.650  1.00 28.27 ? 109 HOH B O   1 
HETATM 604 O O   . HOH D 2 .  ? 3.169   -13.063 -1.396  1.00 17.99 ? 110 HOH B O   1 
HETATM 605 O O   . HOH D 2 .  ? 10.481  -4.140  1.428   1.00 30.25 ? 111 HOH B O   1 
HETATM 606 O O   . HOH D 2 .  ? 1.969   -8.677  11.745  1.00 18.08 ? 112 HOH B O   1 
HETATM 607 O O   . HOH D 2 .  ? 6.300   -12.354 1.841   1.00 13.42 ? 113 HOH B O   1 
HETATM 608 O O   . HOH D 2 .  ? -1.038  1.931   8.681   1.00 21.79 ? 114 HOH B O   1 
HETATM 609 O O   . HOH D 2 .  ? -6.936  -6.491  -2.836  1.00 29.10 ? 115 HOH B O   1 
HETATM 610 O O   . HOH D 2 .  ? 3.348   -16.427 -2.343  1.00 20.25 ? 116 HOH B O   1 
HETATM 611 O O   . HOH D 2 .  ? -5.912  -2.734  7.248   1.00 16.56 ? 117 HOH B O   1 
HETATM 612 O O   . HOH D 2 .  ? -9.983  2.191   1.914   1.00 27.29 ? 118 HOH B O   1 
HETATM 613 O O   . HOH D 2 .  ? 3.093   -10.406 9.696   1.00 30.90 ? 119 HOH B O   1 
HETATM 614 O O   . HOH D 2 .  ? -10.960 -7.829  5.092   1.00 21.45 ? 120 HOH B O   1 
HETATM 615 O O   . HOH D 2 .  ? 1.718   -11.378 5.554   1.00 13.03 ? 121 HOH B O   1 
HETATM 616 O O   . HOH D 2 .  ? 6.801   -14.397 -4.087  1.00 26.37 ? 122 HOH B O   1 
HETATM 617 O O   . HOH D 2 .  ? -9.891  -0.728  1.865   1.00 19.95 ? 123 HOH B O   1 
HETATM 618 O O   . HOH D 2 .  ? -3.789  -11.631 14.805  1.00 31.30 ? 124 HOH B O   1 
HETATM 619 O O   . HOH D 2 .  ? -2.831  -15.517 2.244   1.00 28.45 ? 125 HOH B O   1 
HETATM 620 O O   . HOH D 2 .  ? 7.676   -4.137  -4.954  1.00 20.63 ? 126 HOH B O   1 
HETATM 621 O O   . HOH D 2 .  ? -2.432  -14.964 -7.196  1.00 38.43 ? 127 HOH B O   1 
HETATM 622 O O   . HOH D 2 .  ? -1.517  -12.006 -6.798  1.00 29.31 ? 128 HOH B O   1 
HETATM 623 O O   . HOH D 2 .  ? -15.314 -3.546  9.815   1.00 45.75 ? 129 HOH B O   1 
HETATM 624 O O   . HOH D 2 .  ? 2.693   -12.079 2.901   1.00 29.11 ? 130 HOH B O   1 
HETATM 625 O O   . HOH D 2 .  ? -9.426  -7.821  -2.875  1.00 23.81 ? 131 HOH B O   1 
HETATM 626 O O   . HOH D 2 .  ? 4.276   -18.283 -4.252  1.00 23.06 ? 132 HOH B O   1 
HETATM 627 O O   . HOH D 2 .  ? 5.593   -15.874 -0.908  0.50 52.70 ? 133 HOH B O   1 
HETATM 628 O O   . HOH D 2 .  ? -8.964  -11.455 8.806   1.00 32.95 ? 134 HOH B O   1 
HETATM 629 O O   . HOH D 2 .  ? -10.015 -10.955 4.657   1.00 29.15 ? 135 HOH B O   1 
HETATM 630 O O   . HOH D 2 .  ? -5.360  -6.789  -5.596  1.00 32.03 ? 136 HOH B O   1 
HETATM 631 O O   . HOH D 2 .  ? 1.401   -12.536 0.561   1.00 17.31 ? 137 HOH B O   1 
HETATM 632 O O   . HOH D 2 .  ? 2.237   -13.949 6.872   1.00 31.44 ? 138 HOH B O   1 
HETATM 633 O O   . HOH D 2 .  ? 0.917   -17.150 -1.189  1.00 27.56 ? 139 HOH B O   1 
# 
loop_
_atom_site_anisotrop.id 
_atom_site_anisotrop.type_symbol 
_atom_site_anisotrop.pdbx_label_atom_id 
_atom_site_anisotrop.pdbx_label_alt_id 
_atom_site_anisotrop.pdbx_label_comp_id 
_atom_site_anisotrop.pdbx_label_asym_id 
_atom_site_anisotrop.pdbx_label_seq_id 
_atom_site_anisotrop.pdbx_PDB_ins_code 
_atom_site_anisotrop.U[1][1] 
_atom_site_anisotrop.U[2][2] 
_atom_site_anisotrop.U[3][3] 
_atom_site_anisotrop.U[1][2] 
_atom_site_anisotrop.U[1][3] 
_atom_site_anisotrop.U[2][3] 
_atom_site_anisotrop.pdbx_auth_seq_id 
_atom_site_anisotrop.pdbx_auth_comp_id 
_atom_site_anisotrop.pdbx_auth_asym_id 
_atom_site_anisotrop.pdbx_auth_atom_id 
7   N N   . MET A 3  ? 0.2951 0.3438 0.3527 -0.0594 -0.0144 0.0703  3  MET A N   
8   C CA  . MET A 3  ? 0.2564 0.2876 0.2997 -0.0453 -0.0116 0.0542  3  MET A CA  
9   C C   . MET A 3  ? 0.2185 0.2718 0.2504 -0.0352 -0.0033 0.0462  3  MET A C   
10  O O   . MET A 3  ? 0.2142 0.2982 0.2459 -0.0361 0.0012  0.0524  3  MET A O   
11  C CB  . MET A 3  ? 0.2628 0.2748 0.3032 -0.0431 -0.0139 0.0585  3  MET A CB  
12  C CG  . MET A 3  ? 0.2653 0.2993 0.3010 -0.0434 -0.0093 0.0706  3  MET A CG  
13  S SD  . MET A 3  ? 0.2752 0.2862 0.3112 -0.0407 -0.0145 0.0776  3  MET A SD  
14  C CE  . MET A 3  ? 0.3000 0.3004 0.3563 -0.0558 -0.0243 0.0995  3  MET A CE  
15  N N   . CYS A 4  ? 0.1872 0.2260 0.2107 -0.0254 -0.0022 0.0323  4  CYS A N   
16  C CA  . CYS A 4  ? 0.1667 0.2156 0.1817 -0.0153 0.0028  0.0234  4  CYS A CA  
17  C C   . CYS A 4  ? 0.1563 0.2085 0.1650 -0.0129 0.0050  0.0242  4  CYS A C   
18  O O   . CYS A 4  ? 0.1507 0.2232 0.1557 -0.0077 0.0082  0.0195  4  CYS A O   
19  C CB  . CYS A 4  ? 0.1607 0.1904 0.1714 -0.0082 0.0016  0.0133  4  CYS A CB  
20  S SG  . CYS A 4  ? 0.1564 0.1921 0.1636 0.0034  0.0039  0.0033  4  CYS A SG  
21  N N   . MET A 5  ? 0.1501 0.1844 0.1578 -0.0156 0.0026  0.0283  5  MET A N   
22  C CA  . MET A 5  ? 0.1477 0.1863 0.1499 -0.0135 0.0036  0.0297  5  MET A CA  
23  C C   . MET A 5  ? 0.1496 0.1699 0.1550 -0.0165 -0.0006 0.0375  5  MET A C   
24  O O   . MET A 5  ? 0.1511 0.1530 0.1620 -0.0181 -0.0045 0.0368  5  MET A O   
25  C CB  . MET A 5  ? 0.1435 0.1749 0.1392 -0.0062 0.0049  0.0162  5  MET A CB  
26  C CG  . MET A 5  ? 0.1417 0.1494 0.1375 -0.0048 0.0031  0.0119  5  MET A CG  
27  S SD  . MET A 5  ? 0.1429 0.1418 0.1354 -0.0009 0.0034  0.0022  5  MET A SD  
28  C CE  . MET A 5  ? 0.1434 0.1525 0.1334 -0.0017 0.0031  0.0019  5  MET A CE  
29  N N   . PRO A 6  ? 0.1504 0.1768 0.1529 -0.0154 -0.0009 0.0429  6  PRO A N   
30  C CA  . PRO A 6  ? 0.1555 0.1628 0.1617 -0.0141 -0.0058 0.0472  6  PRO A CA  
31  C C   . PRO A 6  ? 0.1482 0.1406 0.1513 -0.0077 -0.0057 0.0341  6  PRO A C   
32  O O   . PRO A 6  ? 0.1408 0.1383 0.1381 -0.0056 -0.0020 0.0249  6  PRO A O   
33  C CB  . PRO A 6  ? 0.1604 0.1849 0.1633 -0.0131 -0.0057 0.0563  6  PRO A CB  
34  C CG  . PRO A 6  ? 0.1582 0.2139 0.1562 -0.0155 -0.0012 0.0584  6  PRO A CG  
35  C CD  . PRO A 6  ? 0.1503 0.2043 0.1466 -0.0138 0.0021  0.0442  6  PRO A CD  
36  N N   . CYS A 7  ? 0.1541 0.1294 0.1624 -0.0046 -0.0105 0.0334  7  CYS A N   
37  C CA  . CYS A 7  ? 0.1511 0.1224 0.1568 0.0026  -0.0102 0.0238  7  CYS A CA  
38  C C   . CYS A 7  ? 0.1540 0.1294 0.1616 0.0072  -0.0128 0.0289  7  CYS A C   
39  O O   . CYS A 7  ? 0.1655 0.1324 0.1801 0.0082  -0.0185 0.0379  7  CYS A O   
40  C CB  . CYS A 7  ? 0.1565 0.1143 0.1658 0.0067  -0.0140 0.0149  7  CYS A CB  
41  S SG  . CYS A 7  ? 0.1517 0.1117 0.1571 0.0031  -0.0108 0.0085  7  CYS A SG  
42  N N   . PHE A 8  ? 0.1450 0.1337 0.1479 0.0094  -0.0094 0.0243  8  PHE A N   
43  C CA  . PHE A 8  ? 0.1461 0.1453 0.1503 0.0140  -0.0114 0.0282  8  PHE A CA  
44  C C   . PHE A 8  ? 0.1474 0.1484 0.1543 0.0222  -0.0120 0.0201  8  PHE A C   
45  O O   . PHE A 8  ? 0.1397 0.1474 0.1439 0.0206  -0.0080 0.0128  8  PHE A O   
46  C CB  . PHE A 8  ? 0.1376 0.1565 0.1361 0.0094  -0.0081 0.0275  8  PHE A CB  
47  C CG  . PHE A 8  ? 0.1377 0.1645 0.1324 0.0042  -0.0069 0.0330  8  PHE A CG  
48  C CD1 . PHE A 8  ? 0.1461 0.1791 0.1427 0.0039  -0.0099 0.0476  8  PHE A CD1 
49  C CD2 . PHE A 8  ? 0.1312 0.1629 0.1216 0.0002  -0.0035 0.0249  8  PHE A CD2 
50  C CE1 . PHE A 8  ? 0.1468 0.1971 0.1396 -0.0009 -0.0081 0.0541  8  PHE A CE1 
51  C CE2 . PHE A 8  ? 0.1329 0.1795 0.1197 -0.0020 -0.0021 0.0276  8  PHE A CE2 
52  C CZ  . PHE A 8  ? 0.1394 0.1990 0.1268 -0.0030 -0.0037 0.0425  8  PHE A CZ  
53  N N   . THR A 9  ? 0.1586 0.1559 0.1720 0.0315  -0.0177 0.0224  9  THR A N   
54  C CA  . THR A 9  ? 0.1625 0.1667 0.1794 0.0429  -0.0189 0.0129  9  THR A CA  
55  C C   . THR A 9  ? 0.1500 0.1825 0.1643 0.0411  -0.0135 0.0103  9  THR A C   
56  O O   . THR A 9  ? 0.1471 0.1921 0.1613 0.0444  -0.0106 0.0025  9  THR A O   
57  C CB  . THR A 9  ? 0.1813 0.1770 0.2076 0.0554  -0.0275 0.0165  9  THR A CB  
58  O OG1 . THR A 9  ? 0.1969 0.1630 0.2296 0.0549  -0.0344 0.0196  9  THR A OG1 
59  C CG2 . THR A 9  ? 0.1872 0.1957 0.2182 0.0708  -0.0290 0.0037  9  THR A CG2 
60  N N   . THR A 10 ? 0.1439 0.1892 0.1567 0.0353  -0.0129 0.0168  10 THR A N   
61  C CA  . THR A 10 ? 0.1359 0.2081 0.1498 0.0319  -0.0102 0.0146  10 THR A CA  
62  C C   . THR A 10 ? 0.1265 0.2009 0.1373 0.0184  -0.0057 0.0117  10 THR A C   
63  O O   . THR A 10 ? 0.1221 0.2160 0.1366 0.0123  -0.0049 0.0107  10 THR A O   
64  C CB  . THR A 10 ? 0.1391 0.2281 0.1545 0.0332  -0.0138 0.0206  10 THR A CB  
65  O OG1 . THR A 10 ? 0.1394 0.2219 0.1488 0.0264  -0.0145 0.0261  10 THR A OG1 
66  C CG2 . THR A 10 ? 0.1518 0.2411 0.1736 0.0487  -0.0197 0.0248  10 THR A CG2 
67  N N   . ARG A 11 ? 0.1250 0.1797 0.1313 0.0138  -0.0039 0.0108  11 ARG A N   
68  C CA  . ARG A 11 ? 0.1212 0.1736 0.1266 0.0039  -0.0010 0.0088  11 ARG A CA  
69  C C   . ARG A 11 ? 0.1210 0.1783 0.1277 0.0063  0.0018  0.0083  11 ARG A C   
70  O O   . ARG A 11 ? 0.1232 0.1686 0.1265 0.0118  0.0019  0.0062  11 ARG A O   
71  C CB  . ARG A 11 ? 0.1206 0.1544 0.1216 0.0000  -0.0008 0.0080  11 ARG A CB  
72  C CG  . ARG A 11 ? 0.1225 0.1611 0.1214 -0.0027 -0.0028 0.0067  11 ARG A CG  
73  C CD  . ARG A 11 ? 0.1233 0.1511 0.1188 -0.0057 -0.0022 0.0029  11 ARG A CD  
74  N NE  . ARG A 11 ? 0.1272 0.1677 0.1198 -0.0063 -0.0040 -0.0008 11 ARG A NE  
75  C CZ  . ARG A 11 ? 0.1299 0.1718 0.1187 -0.0055 -0.0037 -0.0052 11 ARG A CZ  
76  N NH1 . ARG A 11 ? 0.1283 0.1574 0.1171 -0.0047 -0.0016 -0.0052 11 ARG A NH1 
77  N NH2 . ARG A 11 ? 0.1342 0.1964 0.1193 -0.0045 -0.0054 -0.0100 11 ARG A NH2 
78  N N   . PRO A 12 ? 0.1207 0.1996 0.1325 0.0015  0.0035  0.0108  12 PRO A N   
79  C CA  . PRO A 12 ? 0.1225 0.2160 0.1341 0.0043  0.0069  0.0123  12 PRO A CA  
80  C C   . PRO A 12 ? 0.1240 0.2037 0.1319 -0.0021 0.0084  0.0162  12 PRO A C   
81  O O   . PRO A 12 ? 0.1279 0.2192 0.1327 0.0020  0.0107  0.0169  12 PRO A O   
82  C CB  . PRO A 12 ? 0.1224 0.2482 0.1421 -0.0020 0.0084  0.0176  12 PRO A CB  
83  C CG  . PRO A 12 ? 0.1224 0.2420 0.1475 -0.0130 0.0050  0.0189  12 PRO A CG  
84  C CD  . PRO A 12 ? 0.1210 0.2178 0.1399 -0.0069 0.0021  0.0129  12 PRO A CD  
85  N N   . ASP A 13 ? 0.1250 0.1835 0.1333 -0.0105 0.0064  0.0176  13 ASP A N   
86  C CA  . ASP A 13 ? 0.1277 0.1705 0.1338 -0.0141 0.0065  0.0210  13 ASP A CA  
87  C C   . ASP A 13 ? 0.1241 0.1466 0.1241 -0.0077 0.0055  0.0148  13 ASP A C   
88  O O   . ASP A 13 ? 0.1250 0.1331 0.1243 -0.0102 0.0046  0.0156  13 ASP A O   
89  C CB  . ASP A 13 ? 0.1360 0.1685 0.1499 -0.0261 0.0034  0.0256  13 ASP A CB  
90  C CG  . ASP A 13 ? 0.1367 0.1563 0.1514 -0.0269 -0.0001 0.0165  13 ASP A CG  
91  O OD1 . ASP A 13 ? 0.1318 0.1600 0.1434 -0.0215 0.0003  0.0114  13 ASP A OD1 
92  O OD2 . ASP A 13 ? 0.1467 0.1493 0.1652 -0.0315 -0.0038 0.0141  13 ASP A OD2 
93  N N   . MET A 14 ? 0.1218 0.1440 0.1190 0.0004  0.0049  0.0094  14 MET A N   
94  C CA  . MET A 14 ? 0.1216 0.1272 0.1160 0.0032  0.0032  0.0064  14 MET A CA  
95  C C   . MET A 14 ? 0.1220 0.1214 0.1136 0.0041  0.0033  0.0058  14 MET A C   
96  O O   . MET A 14 ? 0.1223 0.1115 0.1135 0.0019  0.0028  0.0059  14 MET A O   
97  C CB  . MET A 14 ? 0.1257 0.1293 0.1215 0.0101  0.0005  0.0039  14 MET A CB  
98  C CG  . MET A 14 ? 0.1275 0.1178 0.1236 0.0085  -0.0017 0.0062  14 MET A CG  
99  S SD  . MET A 14 ? 0.1246 0.1199 0.1190 0.0024  -0.0004 0.0096  14 MET A SD  
100 C CE  . MET A 14 ? 0.1230 0.1121 0.1158 -0.0008 0.0010  0.0079  14 MET A CE  
101 N N   . ALA A 15 ? 0.1240 0.1347 0.1136 0.0080  0.0041  0.0045  15 ALA A N   
102 C CA  . ALA A 15 ? 0.1256 0.1365 0.1118 0.0096  0.0036  0.0037  15 ALA A CA  
103 C C   . ALA A 15 ? 0.1253 0.1305 0.1120 0.0036  0.0044  0.0115  15 ALA A C   
104 O O   . ALA A 15 ? 0.1276 0.1252 0.1133 0.0044  0.0029  0.0107  15 ALA A O   
105 C CB  . ALA A 15 ? 0.1303 0.1640 0.1129 0.0154  0.0046  0.0013  15 ALA A CB  
106 N N   . GLN A 16 ? 0.1261 0.1341 0.1163 -0.0023 0.0054  0.0189  16 GLN A N   
107 C CA  . GLN A 16 ? 0.1318 0.1292 0.1261 -0.0076 0.0039  0.0264  16 GLN A CA  
108 C C   . GLN A 16 ? 0.1315 0.1108 0.1278 -0.0067 0.0018  0.0196  16 GLN A C   
109 O O   . GLN A 16 ? 0.1344 0.1052 0.1320 -0.0047 -0.0001 0.0204  16 GLN A O   
110 C CB  . GLN A 16 ? 0.1376 0.1396 0.1391 -0.0164 0.0034  0.0356  16 GLN A CB  
111 C CG  . GLN A 16 ? 0.1410 0.1682 0.1418 -0.0187 0.0059  0.0473  16 GLN A CG  
112 C CD  . GLN A 16 ? 0.1340 0.1867 0.1308 -0.0133 0.0095  0.0412  16 GLN A CD  
113 O OE1 . GLN A 16 ? 0.1278 0.1758 0.1247 -0.0099 0.0093  0.0312  16 GLN A OE1 
114 N NE2 . GLN A 16 ? 0.1367 0.2193 0.1300 -0.0111 0.0123  0.0475  16 GLN A NE2 
115 N N   . GLN A 17 ? 0.1277 0.1067 0.1243 -0.0072 0.0020  0.0131  17 GLN A N   
116 C CA  . GLN A 17 ? 0.1281 0.1004 0.1251 -0.0054 0.0008  0.0063  17 GLN A CA  
117 C C   . GLN A 17 ? 0.1254 0.0988 0.1195 -0.0011 0.0016  0.0047  17 GLN A C   
118 O O   . GLN A 17 ? 0.1270 0.0990 0.1225 0.0013  0.0009  0.0014  17 GLN A O   
119 C CB  . GLN A 17 ? 0.1250 0.1039 0.1215 -0.0065 0.0010  0.0025  17 GLN A CB  
120 C CG  . GLN A 17 ? 0.1301 0.1112 0.1312 -0.0119 -0.0009 0.0017  17 GLN A CG  
121 C CD  . GLN A 17 ? 0.1292 0.1206 0.1292 -0.0117 -0.0017 -0.0034 17 GLN A CD  
122 O OE1 . GLN A 17 ? 0.1255 0.1225 0.1209 -0.0078 -0.0007 -0.0048 17 GLN A OE1 
123 N NE2 . GLN A 17 ? 0.1324 0.1301 0.1372 -0.0170 -0.0039 -0.0044 17 GLN A NE2 
124 N N   . CYS A 18 ? 0.1245 0.1018 0.1163 0.0000  0.0022  0.0058  18 CYS A N   
125 C CA  . CYS A 18 ? 0.1257 0.1033 0.1177 0.0014  0.0011  0.0045  18 CYS A CA  
126 C C   . CYS A 18 ? 0.1302 0.1086 0.1221 0.0035  0.0003  0.0054  18 CYS A C   
127 O O   . CYS A 18 ? 0.1314 0.1124 0.1257 0.0045  -0.0003 0.0042  18 CYS A O   
128 C CB  . CYS A 18 ? 0.1265 0.1039 0.1187 0.0025  -0.0009 0.0025  18 CYS A CB  
129 S SG  . CYS A 18 ? 0.1287 0.1043 0.1251 0.0011  -0.0049 0.0002  18 CYS A SG  
130 N N   . ARG A 19 ? 0.1381 0.1182 0.1281 0.0043  0.0003  0.0092  19 ARG A N   
131 C CA  . ARG A 19 ? 0.1463 0.1285 0.1365 0.0070  -0.0012 0.0135  19 ARG A CA  
132 C C   . ARG A 19 ? 0.1509 0.1232 0.1465 0.0087  -0.0029 0.0146  19 ARG A C   
133 O O   . ARG A 19 ? 0.1533 0.1274 0.1508 0.0135  -0.0048 0.0145  19 ARG A O   
134 C CB  . ARG A 19 ? 0.1545 0.1462 0.1413 0.0068  -0.0010 0.0210  19 ARG A CB  
135 C CG  . ARG A 19 ? 0.1575 0.1634 0.1388 0.0095  -0.0010 0.0148  19 ARG A CG  
136 C CD  . ARG A 19 ? 0.1668 0.1931 0.1432 0.0109  0.0001  0.0217  19 ARG A CD  
137 N NE  . ARG A 19 ? 0.1731 0.2141 0.1452 0.0155  0.0002  0.0112  19 ARG A NE  
138 C CZ  . ARG A 19 ? 0.1801 0.2384 0.1501 0.0169  0.0029  0.0120  19 ARG A CZ  
139 N NH1 . ARG A 19 ? 0.1830 0.2481 0.1556 0.0109  0.0060  0.0258  19 ARG A NH1 
140 N NH2 . ARG A 19 ? 0.1844 0.2551 0.1514 0.0245  0.0015  -0.0021 19 ARG A NH2 
141 N N   . ALA A 20 ? 0.1533 0.1161 0.1520 0.0061  -0.0031 0.0135  20 ALA A N   
142 C CA  . ALA A 20 ? 0.1636 0.1159 0.1684 0.0098  -0.0062 0.0082  20 ALA A CA  
143 C C   . ALA A 20 ? 0.1594 0.1218 0.1637 0.0154  -0.0050 -0.0006 20 ALA A C   
144 O O   . ALA A 20 ? 0.1643 0.1269 0.1730 0.0231  -0.0075 -0.0043 20 ALA A O   
145 C CB  . ALA A 20 ? 0.1685 0.1125 0.1769 0.0054  -0.0078 0.0041  20 ALA A CB  
146 N N   . CYS A 21 ? 0.1510 0.1242 0.1515 0.0119  -0.0017 -0.0025 21 CYS A N   
147 C CA  . CYS A 21 ? 0.1490 0.1383 0.1501 0.0137  0.0001  -0.0061 21 CYS A CA  
148 C C   . CYS A 21 ? 0.1444 0.1416 0.1477 0.0159  -0.0007 -0.0035 21 CYS A C   
149 O O   . CYS A 21 ? 0.1455 0.1561 0.1529 0.0213  -0.0007 -0.0072 21 CYS A O   
150 C CB  . CYS A 21 ? 0.1465 0.1426 0.1450 0.0072  0.0022  -0.0026 21 CYS A CB  
151 S SG  . CYS A 21 ? 0.1518 0.1728 0.1520 0.0062  0.0046  -0.0020 21 CYS A SG  
152 N N   . CYS A 22 ? 0.1398 0.1332 0.1412 0.0126  -0.0017 0.0012  22 CYS A N   
153 C CA  . CYS A 22 ? 0.1369 0.1405 0.1403 0.0133  -0.0036 0.0025  22 CYS A CA  
154 C C   . CYS A 22 ? 0.1454 0.1481 0.1492 0.0202  -0.0063 0.0054  22 CYS A C   
155 O O   . CYS A 22 ? 0.1470 0.1591 0.1502 0.0207  -0.0085 0.0073  22 CYS A O   
156 C CB  . CYS A 22 ? 0.1324 0.1347 0.1337 0.0075  -0.0050 0.0027  22 CYS A CB  
157 S SG  . CYS A 22 ? 0.1258 0.1277 0.1310 -0.0005 -0.0046 0.0031  22 CYS A SG  
158 N N   . LYS A 23 ? 0.1538 0.1453 0.1598 0.0257  -0.0074 0.0059  23 LYS A N   
159 C CA  . LYS A 23 ? 0.1663 0.1535 0.1757 0.0332  -0.0115 0.0116  23 LYS A CA  
160 C C   . LYS A 23 ? 0.1673 0.1572 0.1716 0.0305  -0.0128 0.0224  23 LYS A C   
161 O O   . LYS A 23 ? 0.1753 0.1735 0.1805 0.0360  -0.0162 0.0288  23 LYS A O   
162 C CB  . LYS A 23 ? 0.1699 0.1735 0.1848 0.0416  -0.0133 0.0075  23 LYS A CB  
163 C CG  . LYS A 23 ? 0.1711 0.1830 0.1906 0.0462  -0.0114 -0.0033 23 LYS A CG  
164 C CD  . LYS A 23 ? 0.1719 0.2105 0.1976 0.0530  -0.0119 -0.0062 23 LYS A CD  
165 C CE  . LYS A 23 ? 0.1760 0.2313 0.2063 0.0603  -0.0098 -0.0172 23 LYS A CE  
166 N NZ  . LYS A 23 ? 0.1783 0.2657 0.2163 0.0683  -0.0102 -0.0197 23 LYS A NZ  
167 N N   . GLY A 24 ? 0.1608 0.1485 0.1595 0.0232  -0.0101 0.0244  24 GLY A N   
168 C CA  . GLY A 24 ? 0.1627 0.1606 0.1553 0.0214  -0.0103 0.0331  24 GLY A CA  
169 C C   . GLY A 24 ? 0.1544 0.1701 0.1403 0.0202  -0.0096 0.0260  24 GLY A C   
170 O O   . GLY A 24 ? 0.1572 0.1870 0.1368 0.0202  -0.0093 0.0300  24 GLY A O   
171 N N   . ARG A 25 ? 0.1474 0.1644 0.1358 0.0192  -0.0102 0.0154  25 ARG A N   
172 C CA  . ARG A 25 ? 0.1463 0.1737 0.1320 0.0173  -0.0121 0.0061  25 ARG A CA  
173 C C   . ARG A 25 ? 0.1422 0.1592 0.1332 0.0118  -0.0120 -0.0016 25 ARG A C   
174 O O   . ARG A 25 ? 0.1396 0.1588 0.1375 0.0088  -0.0135 -0.0032 25 ARG A O   
175 C CB  . ARG A 25 ? 0.1502 0.1955 0.1365 0.0202  -0.0167 0.0039  25 ARG A CB  
176 C CG  . ARG A 25 ? 0.1544 0.2119 0.1376 0.0194  -0.0211 -0.0082 25 ARG A CG  
177 C CD  . ARG A 25 ? 0.1577 0.2309 0.1455 0.0189  -0.0271 -0.0141 25 ARG A CD  
178 N NE  . ARG A 25 ? 0.1669 0.2536 0.1512 0.0198  -0.0332 -0.0285 25 ARG A NE  
179 C CZ  . ARG A 25 ? 0.1723 0.2694 0.1633 0.0164  -0.0411 -0.0401 25 ARG A CZ  
180 N NH1 . ARG A 25 ? 0.1688 0.2682 0.1707 0.0108  -0.0428 -0.0365 25 ARG A NH1 
181 N NH2 . ARG A 25 ? 0.1846 0.2930 0.1722 0.0188  -0.0479 -0.0568 25 ARG A NH2 
182 N N   . GLY A 26 ? 0.1425 0.1520 0.1313 0.0104  -0.0107 -0.0045 26 GLY A N   
183 C CA  . GLY A 26 ? 0.1428 0.1415 0.1373 0.0057  -0.0121 -0.0089 26 GLY A CA  
184 C C   . GLY A 26 ? 0.1471 0.1411 0.1385 0.0083  -0.0122 -0.0133 26 GLY A C   
185 O O   . GLY A 26 ? 0.1482 0.1501 0.1332 0.0122  -0.0092 -0.0113 26 GLY A O   
186 N N   . LYS A 27 ? 0.1530 0.1356 0.1507 0.0059  -0.0161 -0.0180 27 LYS A N   
187 C CA  . LYS A 27 ? 0.1609 0.1390 0.1580 0.0115  -0.0182 -0.0253 27 LYS A CA  
188 C C   . LYS A 27 ? 0.1636 0.1248 0.1688 0.0084  -0.0208 -0.0217 27 LYS A C   
189 O O   . LYS A 27 ? 0.1663 0.1187 0.1800 0.0008  -0.0243 -0.0169 27 LYS A O   
190 C CB  . LYS A 27 ? 0.1748 0.1582 0.1722 0.0170  -0.0252 -0.0405 27 LYS A CB  
191 C CG  . LYS A 27 ? 0.1871 0.1725 0.1832 0.0272  -0.0280 -0.0525 27 LYS A CG  
192 C CD  . LYS A 27 ? 0.2039 0.2005 0.1986 0.0348  -0.0353 -0.0716 27 LYS A CD  
193 C CE  . LYS A 27 ? 0.2218 0.2179 0.2190 0.0476  -0.0409 -0.0892 27 LYS A CE  
194 N NZ  . LYS A 27 ? 0.2148 0.2278 0.2054 0.0544  -0.0326 -0.0831 27 LYS A NZ  
195 N N   . CYS A 28 ? 0.1628 0.1234 0.1661 0.0140  -0.0193 -0.0222 28 CYS A N   
196 C CA  . CYS A 28 ? 0.1683 0.1152 0.1789 0.0134  -0.0225 -0.0175 28 CYS A CA  
197 C C   . CYS A 28 ? 0.1875 0.1174 0.2079 0.0175  -0.0332 -0.0278 28 CYS A C   
198 O O   . CYS A 28 ? 0.1947 0.1296 0.2132 0.0275  -0.0363 -0.0432 28 CYS A O   
199 C CB  . CYS A 28 ? 0.1642 0.1195 0.1704 0.0189  -0.0180 -0.0151 28 CYS A CB  
200 S SG  . CYS A 28 ? 0.1478 0.1146 0.1476 0.0119  -0.0093 -0.0039 28 CYS A SG  
201 N N   . PHE A 29 ? 0.1962 0.1086 0.2283 0.0095  -0.0393 -0.0192 29 PHE A N   
202 C CA  . PHE A 29 ? 0.2211 0.1090 0.2678 0.0116  -0.0522 -0.0255 29 PHE A CA  
203 C C   . PHE A 29 ? 0.2291 0.1047 0.2836 0.0095  -0.0545 -0.0086 29 PHE A C   
204 O O   . PHE A 29 ? 0.2275 0.1039 0.2868 -0.0031 -0.0534 0.0101  29 PHE A O   
205 C CB  . PHE A 29 ? 0.2307 0.1090 0.2884 0.0002  -0.0598 -0.0265 29 PHE A CB  
206 C CG  . PHE A 29 ? 0.2253 0.1183 0.2756 0.0034  -0.0593 -0.0435 29 PHE A CG  
207 C CD1 . PHE A 29 ? 0.2438 0.1308 0.2972 0.0135  -0.0688 -0.0665 29 PHE A CD1 
208 C CD2 . PHE A 29 ? 0.2047 0.1198 0.2453 -0.0018 -0.0500 -0.0373 29 PHE A CD2 
209 C CE1 . PHE A 29 ? 0.2402 0.1473 0.2853 0.0169  -0.0685 -0.0814 29 PHE A CE1 
210 C CE2 . PHE A 29 ? 0.2016 0.1327 0.2354 0.0017  -0.0502 -0.0499 29 PHE A CE2 
211 C CZ  . PHE A 29 ? 0.2186 0.1480 0.2538 0.0104  -0.0590 -0.0711 29 PHE A CZ  
212 N N   . GLY A 30 ? 0.2377 0.1080 0.2932 0.0227  -0.0574 -0.0144 30 GLY A N   
213 C CA  . GLY A 30 ? 0.2426 0.1081 0.3028 0.0234  -0.0586 0.0020  30 GLY A CA  
214 C C   . GLY A 30 ? 0.2189 0.1081 0.2679 0.0143  -0.0469 0.0185  30 GLY A C   
215 O O   . GLY A 30 ? 0.1972 0.1070 0.2331 0.0162  -0.0372 0.0123  30 GLY A O   
216 N N   . PRO A 31 ? 0.2241 0.1123 0.2791 0.0040  -0.0484 0.0395  31 PRO A N   
217 C CA  . PRO A 31 ? 0.2052 0.1207 0.2489 -0.0013 -0.0380 0.0504  31 PRO A CA  
218 C C   . PRO A 31 ? 0.1906 0.1215 0.2287 -0.0112 -0.0311 0.0503  31 PRO A C   
219 O O   . PRO A 31 ? 0.1832 0.1360 0.2144 -0.0152 -0.0246 0.0587  31 PRO A O   
220 C CB  . PRO A 31 ? 0.2200 0.1351 0.2716 -0.0057 -0.0430 0.0734  31 PRO A CB  
221 C CG  . PRO A 31 ? 0.2460 0.1319 0.3161 -0.0113 -0.0552 0.0800  31 PRO A CG  
222 C CD  . PRO A 31 ? 0.2503 0.1162 0.3230 -0.0036 -0.0598 0.0551  31 PRO A CD  
223 N N   . GLN A 32 ? 0.1898 0.1128 0.2299 -0.0127 -0.0327 0.0387  32 GLN A N   
224 C CA  . GLN A 32 ? 0.1805 0.1178 0.2186 -0.0210 -0.0280 0.0398  32 GLN A CA  
225 C C   . GLN A 32 ? 0.1658 0.1082 0.1947 -0.0153 -0.0236 0.0234  32 GLN A C   
226 O O   . GLN A 32 ? 0.1701 0.1014 0.2005 -0.0103 -0.0282 0.0109  32 GLN A O   
227 C CB  . GLN A 32 ? 0.1982 0.1246 0.2517 -0.0318 -0.0364 0.0460  32 GLN A CB  
228 C CG  . GLN A 32 ? 0.2203 0.1367 0.2875 -0.0397 -0.0437 0.0659  32 GLN A CG  
229 C CD  . GLN A 32 ? 0.2399 0.1464 0.3255 -0.0542 -0.0528 0.0739  32 GLN A CD  
230 O OE1 . GLN A 32 ? 0.2428 0.1441 0.3317 -0.0557 -0.0559 0.0592  32 GLN A OE1 
231 N NE2 . GLN A 32 ? 0.2572 0.1632 0.3564 -0.0660 -0.0579 0.0985  32 GLN A NE2 
232 N N   . CYS A 33 ? 0.1492 0.1095 0.1693 -0.0150 -0.0156 0.0235  33 CYS A N   
233 C CA  . CYS A 33 ? 0.1400 0.1055 0.1538 -0.0114 -0.0124 0.0136  33 CYS A CA  
234 C C   . CYS A 33 ? 0.1404 0.1120 0.1605 -0.0175 -0.0146 0.0144  33 CYS A C   
235 O O   . CYS A 33 ? 0.1369 0.1234 0.1595 -0.0224 -0.0118 0.0220  33 CYS A O   
236 C CB  . CYS A 33 ? 0.1296 0.1068 0.1351 -0.0084 -0.0056 0.0131  33 CYS A CB  
237 S SG  . CYS A 33 ? 0.1249 0.1065 0.1262 -0.0045 -0.0033 0.0067  33 CYS A SG  
238 N N   . LEU A 34 ? 0.1453 0.1102 0.1680 -0.0165 -0.0196 0.0055  34 LEU A N   
239 C CA  . LEU A 34 ? 0.1488 0.1212 0.1792 -0.0229 -0.0233 0.0049  34 LEU A CA  
240 C C   . LEU A 34 ? 0.1430 0.1268 0.1656 -0.0164 -0.0209 -0.0029 34 LEU A C   
241 O O   . LEU A 34 ? 0.1441 0.1249 0.1601 -0.0095 -0.0220 -0.0115 34 LEU A O   
242 C CB  . LEU A 34 ? 0.1659 0.1221 0.2086 -0.0285 -0.0341 0.0002  34 LEU A CB  
243 C CG  . LEU A 34 ? 0.1791 0.1186 0.2332 -0.0352 -0.0396 0.0107  34 LEU A CG  
244 C CD1 . LEU A 34 ? 0.2021 0.1193 0.2713 -0.0396 -0.0532 0.0028  34 LEU A CD1 
245 C CD2 . LEU A 34 ? 0.1758 0.1318 0.2360 -0.0463 -0.0359 0.0297  34 LEU A CD2 
246 N N   . CYS A 35 ? 0.1381 0.1386 0.1618 -0.0175 -0.0177 0.0012  35 CYS A N   
247 C CA  . CYS A 35 ? 0.1360 0.1478 0.1544 -0.0106 -0.0166 -0.0029 35 CYS A CA  
248 C C   . CYS A 35 ? 0.1454 0.1633 0.1685 -0.0130 -0.0238 -0.0101 35 CYS A C   
249 O O   . CYS A 35 ? 0.1520 0.1684 0.1865 -0.0225 -0.0297 -0.0109 35 CYS A O   
250 C CB  . CYS A 35 ? 0.1300 0.1581 0.1504 -0.0084 -0.0124 0.0019  35 CYS A CB  
251 S SG  . CYS A 35 ? 0.1245 0.1502 0.1402 -0.0046 -0.0057 0.0054  35 CYS A SG  
252 N N   . GLY A 36 ? 0.1478 0.1735 0.1630 -0.0053 -0.0243 -0.0147 36 GLY A N   
253 C CA  . GLY A 36 ? 0.1596 0.1979 0.1771 -0.0058 -0.0316 -0.0234 36 GLY A CA  
254 C C   . GLY A 36 ? 0.1738 0.2055 0.1883 -0.0038 -0.0376 -0.0366 36 GLY A C   
255 O O   . GLY A 36 ? 0.1845 0.2252 0.2030 -0.0054 -0.0457 -0.0479 36 GLY A O   
256 N N   . TYR A 37 ? 0.1781 0.1971 0.1859 0.0007  -0.0341 -0.0372 37 TYR A N   
257 C CA  . TYR A 37 ? 0.1936 0.2112 0.1977 0.0068  -0.0390 -0.0518 37 TYR A CA  
258 C C   . TYR A 37 ? 0.1912 0.2223 0.1814 0.0162  -0.0322 -0.0484 37 TYR A C   
259 O O   . TYR A 37 ? 0.1815 0.2079 0.1683 0.0158  -0.0246 -0.0351 37 TYR A O   
260 C CB  . TYR A 37 ? 0.2032 0.1957 0.2165 0.0038  -0.0432 -0.0560 37 TYR A CB  
261 C CG  . TYR A 37 ? 0.2131 0.1921 0.2433 -0.0084 -0.0514 -0.0557 37 TYR A CG  
262 C CD1 . TYR A 37 ? 0.2332 0.2078 0.2729 -0.0106 -0.0638 -0.0724 37 TYR A CD1 
263 C CD2 . TYR A 37 ? 0.2058 0.1801 0.2434 -0.0184 -0.0472 -0.0386 37 TYR A CD2 
264 C CE1 . TYR A 37 ? 0.2454 0.2075 0.3043 -0.0249 -0.0728 -0.0696 37 TYR A CE1 
265 C CE2 . TYR A 37 ? 0.2157 0.1838 0.2707 -0.0319 -0.0545 -0.0341 37 TYR A CE2 
266 C CZ  . TYR A 37 ? 0.2364 0.1964 0.3030 -0.0364 -0.0676 -0.0484 37 TYR A CZ  
267 O OH  . TYR A 37 ? 0.2528 0.2056 0.3399 -0.0526 -0.0764 -0.0421 37 TYR A OH  
268 N N   . ASP A 38 ? 0.2032 0.2542 0.1860 0.0242  -0.0357 -0.0606 38 ASP A N   
269 C CA  . ASP A 38 ? 0.2057 0.2786 0.1759 0.0324  -0.0299 -0.0564 38 ASP A CA  
270 C C   . ASP A 38 ? 0.2178 0.2876 0.1877 0.0391  -0.0310 -0.0693 38 ASP A C   
271 O O   . ASP A 38 ? 0.2339 0.2979 0.2091 0.0432  -0.0398 -0.0894 38 ASP A O   
272 C CB  . ASP A 38 ? 0.2118 0.3192 0.1727 0.0384  -0.0328 -0.0606 38 ASP A CB  
273 C CG  . ASP A 38 ? 0.2052 0.3178 0.1668 0.0342  -0.0319 -0.0458 38 ASP A CG  
274 O OD1 . ASP A 38 ? 0.1950 0.2912 0.1604 0.0296  -0.0265 -0.0294 38 ASP A OD1 
275 O OD2 . ASP A 38 ? 0.2116 0.3456 0.1710 0.0366  -0.0376 -0.0520 38 ASP A OD2 
276 O OXT . ASP A 38 ? 0.2184 0.2910 0.1849 0.0407  -0.0240 -0.0599 38 ASP A OXT 
281 N N   . SER B 2  ? 0.2641 0.5903 0.4207 0.0442  0.0027  -0.0493 2  SER B N   
282 C CA  . SER B 2  ? 0.2490 0.5134 0.3833 0.0524  -0.0109 -0.0468 2  SER B CA  
283 C C   . SER B 2  ? 0.2183 0.4374 0.3306 0.0290  -0.0090 -0.0348 2  SER B C   
284 O O   . SER B 2  ? 0.2146 0.4377 0.3210 0.0138  0.0018  -0.0294 2  SER B O   
285 C CB  . SER B 2  ? 0.2732 0.5065 0.3897 0.0810  -0.0126 -0.0566 2  SER B CB  
286 O OG  . SER B 2  ? 0.2968 0.4765 0.3942 0.0885  -0.0256 -0.0530 2  SER B OG  
287 N N   . MET B 3  ? 0.1923 0.3702 0.2911 0.0284  -0.0197 -0.0304 3  MET B N   
288 C CA  . MET B 3  ? 0.1711 0.3066 0.2494 0.0136  -0.0184 -0.0215 3  MET B CA  
289 C C   . MET B 3  ? 0.1662 0.2604 0.2247 0.0268  -0.0211 -0.0234 3  MET B C   
290 O O   . MET B 3  ? 0.1744 0.2581 0.2296 0.0433  -0.0283 -0.0278 3  MET B O   
291 C CB  . MET B 3  ? 0.1698 0.2940 0.2471 -0.0006 -0.0260 -0.0163 3  MET B CB  
292 C CG  . MET B 3  ? 0.1768 0.2832 0.2465 0.0115  -0.0386 -0.0185 3  MET B CG  
293 S SD  . MET B 3  ? 0.1811 0.2691 0.2409 -0.0055 -0.0467 -0.0153 3  MET B SD  
294 C CE  . MET B 3  ? 0.1984 0.2568 0.2362 0.0124  -0.0574 -0.0156 3  MET B CE  
295 N N   . CYS B 4  ? 0.1505 0.2218 0.1955 0.0187  -0.0161 -0.0193 4  CYS B N   
296 C CA  . CYS B 4  ? 0.1506 0.1886 0.1801 0.0245  -0.0175 -0.0210 4  CYS B CA  
297 C C   . CYS B 4  ? 0.1526 0.1635 0.1723 0.0240  -0.0235 -0.0161 4  CYS B C   
298 O O   . CYS B 4  ? 0.1677 0.1547 0.1760 0.0323  -0.0273 -0.0174 4  CYS B O   
299 C CB  . CYS B 4  ? 0.1439 0.1757 0.1662 0.0151  -0.0123 -0.0183 4  CYS B CB  
300 S SG  . CYS B 4  ? 0.1557 0.1619 0.1650 0.0186  -0.0136 -0.0253 4  CYS B SG  
301 N N   . MET B 5  ? 0.1420 0.1533 0.1621 0.0140  -0.0240 -0.0105 5  MET B N   
302 C CA  . MET B 5  ? 0.1485 0.1370 0.1552 0.0128  -0.0276 -0.0067 5  MET B CA  
303 C C   . MET B 5  ? 0.1451 0.1393 0.1537 0.0038  -0.0299 -0.0052 5  MET B C   
304 O O   . MET B 5  ? 0.1376 0.1470 0.1565 -0.0045 -0.0272 -0.0046 5  MET B O   
305 C CB  . MET B 5  ? 0.1501 0.1191 0.1464 0.0086  -0.0213 -0.0037 5  MET B CB  
306 C CG  . MET B 5  ? 0.1385 0.1154 0.1400 0.0017  -0.0159 -0.0017 5  MET B CG  
307 S SD  . MET B 5  ? 0.1404 0.1112 0.1386 -0.0011 -0.0099 0.0001  5  MET B SD  
308 C CE  . MET B 5  ? 0.1553 0.1090 0.1383 -0.0006 -0.0082 0.0025  5  MET B CE  
309 N N   . PRO B 6  ? 0.1568 0.1350 0.1513 0.0039  -0.0347 -0.0047 6  PRO B N   
310 C CA  . PRO B 6  ? 0.1640 0.1378 0.1546 -0.0057 -0.0374 -0.0060 6  PRO B CA  
311 C C   . PRO B 6  ? 0.1643 0.1213 0.1479 -0.0087 -0.0293 -0.0037 6  PRO B C   
312 O O   . PRO B 6  ? 0.1583 0.1112 0.1397 -0.0035 -0.0226 -0.0013 6  PRO B O   
313 C CB  . PRO B 6  ? 0.1843 0.1441 0.1556 -0.0015 -0.0452 -0.0081 6  PRO B CB  
314 C CG  . PRO B 6  ? 0.1887 0.1424 0.1521 0.0099  -0.0454 -0.0045 6  PRO B CG  
315 C CD  . PRO B 6  ? 0.1731 0.1309 0.1487 0.0115  -0.0372 -0.0027 6  PRO B CD  
316 N N   . CYS B 7  ? 0.1771 0.1245 0.1576 -0.0172 -0.0312 -0.0044 7  CYS B N   
317 C CA  . CYS B 7  ? 0.1900 0.1145 0.1589 -0.0150 -0.0265 -0.0033 7  CYS B CA  
318 C C   . CYS B 7  ? 0.2178 0.1178 0.1662 -0.0144 -0.0308 -0.0102 7  CYS B C   
319 O O   . CYS B 7  ? 0.2277 0.1265 0.1729 -0.0235 -0.0397 -0.0149 7  CYS B O   
320 C CB  . CYS B 7  ? 0.1965 0.1163 0.1692 -0.0235 -0.0255 0.0022  7  CYS B CB  
321 S SG  . CYS B 7  ? 0.1717 0.1191 0.1601 -0.0218 -0.0194 0.0089  7  CYS B SG  
322 N N   . PHE B 8  ? 0.2301 0.1152 0.1656 -0.0029 -0.0245 -0.0122 8  PHE B N   
323 C CA  . PHE B 8  ? 0.2620 0.1244 0.1736 0.0025  -0.0256 -0.0208 8  PHE B CA  
324 C C   . PHE B 8  ? 0.2866 0.1224 0.1882 0.0107  -0.0227 -0.0235 8  PHE B C   
325 O O   . PHE B 8  ? 0.2758 0.1211 0.1872 0.0215  -0.0157 -0.0188 8  PHE B O   
326 C CB  . PHE B 8  ? 0.2585 0.1323 0.1625 0.0124  -0.0175 -0.0211 8  PHE B CB  
327 C CG  . PHE B 8  ? 0.2445 0.1345 0.1530 0.0076  -0.0209 -0.0162 8  PHE B CG  
328 C CD1 . PHE B 8  ? 0.2583 0.1451 0.1562 0.0029  -0.0330 -0.0197 8  PHE B CD1 
329 C CD2 . PHE B 8  ? 0.2233 0.1299 0.1451 0.0085  -0.0142 -0.0089 8  PHE B CD2 
330 C CE1 . PHE B 8  ? 0.2522 0.1513 0.1522 0.0039  -0.0380 -0.0147 8  PHE B CE1 
331 C CE2 . PHE B 8  ? 0.2206 0.1316 0.1414 0.0070  -0.0185 -0.0045 8  PHE B CE2 
332 C CZ  . PHE B 8  ? 0.2351 0.1418 0.1447 0.0070  -0.0304 -0.0068 8  PHE B CZ  
333 N N   . THR B 9  ? 0.3249 0.1265 0.2067 0.0058  -0.0303 -0.0314 9  THR B N   
334 C CA  . THR B 9  ? 0.3655 0.1276 0.2292 0.0166  -0.0297 -0.0357 9  THR B CA  
335 C C   . THR B 9  ? 0.3711 0.1384 0.2292 0.0428  -0.0188 -0.0404 9  THR B C   
336 O O   . THR B 9  ? 0.3835 0.1419 0.2440 0.0581  -0.0160 -0.0374 9  THR B O   
337 C CB  . THR B 9  ? 0.4147 0.1336 0.2505 0.0069  -0.0401 -0.0483 9  THR B CB  
338 O OG1 . THR B 9  ? 0.4129 0.1334 0.2597 -0.0201 -0.0497 -0.0432 9  THR B OG1 
339 C CG2 . THR B 9  ? 0.4701 0.1352 0.2798 0.0218  -0.0405 -0.0552 9  THR B CG2 
340 N N   . THR B 10 ? 0.3668 0.1518 0.2172 0.0483  -0.0127 -0.0472 10 THR B N   
341 C CA  . THR B 10 ? 0.3815 0.1752 0.2236 0.0715  -0.0002 -0.0545 10 THR B CA  
342 C C   . THR B 10 ? 0.3415 0.1856 0.2114 0.0757  0.0119  -0.0453 10 THR B C   
343 O O   . THR B 10 ? 0.3479 0.2134 0.2177 0.0914  0.0246  -0.0504 10 THR B O   
344 C CB  . THR B 10 ? 0.4132 0.1957 0.2234 0.0747  0.0021  -0.0679 10 THR B CB  
345 O OG1 . THR B 10 ? 0.3881 0.1963 0.2013 0.0601  0.0021  -0.0611 10 THR B OG1 
346 C CG2 . THR B 10 ? 0.4598 0.1910 0.2409 0.0687  -0.0118 -0.0803 10 THR B CG2 
347 N N   . ARG B 11 ? 0.3037 0.1684 0.1975 0.0610  0.0085  -0.0334 11 ARG B N   
348 C CA  . ARG B 11 ? 0.2730 0.1794 0.1923 0.0614  0.0173  -0.0261 11 ARG B CA  
349 C C   . ARG B 11 ? 0.2706 0.1850 0.2067 0.0743  0.0158  -0.0232 11 ARG B C   
350 O O   . ARG B 11 ? 0.2649 0.1650 0.2047 0.0685  0.0067  -0.0168 11 ARG B O   
351 C CB  . ARG B 11 ? 0.2439 0.1618 0.1752 0.0424  0.0129  -0.0173 11 ARG B CB  
352 C CG  . ARG B 11 ? 0.2225 0.1738 0.1715 0.0370  0.0214  -0.0118 11 ARG B CG  
353 C CD  . ARG B 11 ? 0.2068 0.1555 0.1575 0.0219  0.0160  -0.0057 11 ARG B CD  
354 N NE  . ARG B 11 ? 0.2217 0.1628 0.1527 0.0172  0.0194  -0.0046 11 ARG B NE  
355 C CZ  . ARG B 11 ? 0.2184 0.1558 0.1471 0.0077  0.0172  0.0018  11 ARG B CZ  
356 N NH1 . ARG B 11 ? 0.1977 0.1397 0.1435 0.0024  0.0120  0.0047  11 ARG B NH1 
357 N NH2 . ARG B 11 ? 0.2414 0.1672 0.1459 0.0052  0.0200  0.0052  11 ARG B NH2 
358 N N   . PRO B 12 ? 0.2781 0.2192 0.2239 0.0928  0.0249  -0.0275 12 PRO B N   
359 C CA  . PRO B 12 ? 0.2882 0.2331 0.2450 0.1122  0.0204  -0.0259 12 PRO B CA  
360 C C   . PRO B 12 ? 0.2582 0.2283 0.2387 0.1031  0.0139  -0.0149 12 PRO B C   
361 O O   . PRO B 12 ? 0.2729 0.2295 0.2519 0.1141  0.0048  -0.0097 12 PRO B O   
362 C CB  . PRO B 12 ? 0.3006 0.2814 0.2669 0.1352  0.0327  -0.0349 12 PRO B CB  
363 C CG  . PRO B 12 ? 0.2829 0.2952 0.2541 0.1182  0.0457  -0.0355 12 PRO B CG  
364 C CD  . PRO B 12 ? 0.2820 0.2554 0.2294 0.0973  0.0401  -0.0330 12 PRO B CD  
365 N N   . ASP B 13 ? 0.2244 0.2246 0.2210 0.0834  0.0175  -0.0114 13 ASP B N   
366 C CA  . ASP B 13 ? 0.2011 0.2229 0.2157 0.0731  0.0111  -0.0042 13 ASP B CA  
367 C C   . ASP B 13 ? 0.1844 0.1822 0.1898 0.0541  0.0051  0.0008  13 ASP B C   
368 O O   . ASP B 13 ? 0.1645 0.1796 0.1811 0.0418  0.0030  0.0035  13 ASP B O   
369 C CB  . ASP B 13 ? 0.1858 0.2560 0.2246 0.0636  0.0185  -0.0058 13 ASP B CB  
370 C CG  . ASP B 13 ? 0.1863 0.2510 0.2176 0.0450  0.0269  -0.0062 13 ASP B CG  
371 O OD1 . ASP B 13 ? 0.2051 0.2394 0.2140 0.0467  0.0293  -0.0080 13 ASP B OD1 
372 O OD2 . ASP B 13 ? 0.1822 0.2696 0.2269 0.0282  0.0301  -0.0045 13 ASP B OD2 
373 N N   . MET B 14 ? 0.1955 0.1556 0.1811 0.0520  0.0019  0.0007  14 MET B N   
374 C CA  . MET B 14 ? 0.1818 0.1293 0.1630 0.0349  -0.0023 0.0036  14 MET B CA  
375 C C   . MET B 14 ? 0.1706 0.1264 0.1588 0.0292  -0.0073 0.0105  14 MET B C   
376 O O   . MET B 14 ? 0.1533 0.1205 0.1477 0.0181  -0.0076 0.0108  14 MET B O   
377 C CB  . MET B 14 ? 0.2044 0.1160 0.1662 0.0318  -0.0064 0.0012  14 MET B CB  
378 C CG  . MET B 14 ? 0.1935 0.1038 0.1557 0.0154  -0.0104 0.0018  14 MET B CG  
379 S SD  . MET B 14 ? 0.1753 0.1025 0.1404 0.0117  -0.0072 -0.0014 14 MET B SD  
380 C CE  . MET B 14 ? 0.1506 0.1007 0.1336 0.0051  -0.0080 0.0029  14 MET B CE  
381 N N   . ALA B 15 ? 0.1862 0.1340 0.1693 0.0389  -0.0113 0.0159  15 ALA B N   
382 C CA  . ALA B 15 ? 0.1825 0.1390 0.1661 0.0340  -0.0156 0.0235  15 ALA B CA  
383 C C   . ALA B 15 ? 0.1579 0.1519 0.1580 0.0317  -0.0152 0.0203  15 ALA B C   
384 O O   . ALA B 15 ? 0.1476 0.1507 0.1481 0.0219  -0.0161 0.0209  15 ALA B O   
385 C CB  . ALA B 15 ? 0.2142 0.1512 0.1836 0.0474  -0.0213 0.0321  15 ALA B CB  
386 N N   . GLN B 16 ? 0.1529 0.1696 0.1666 0.0402  -0.0137 0.0156  16 GLN B N   
387 C CA  . GLN B 16 ? 0.1369 0.1890 0.1677 0.0341  -0.0144 0.0112  16 GLN B CA  
388 C C   . GLN B 16 ? 0.1219 0.1706 0.1542 0.0172  -0.0100 0.0064  16 GLN B C   
389 O O   . GLN B 16 ? 0.1172 0.1756 0.1519 0.0084  -0.0131 0.0033  16 GLN B O   
390 C CB  . GLN B 16 ? 0.1383 0.2219 0.1875 0.0432  -0.0116 0.0070  16 GLN B CB  
391 C CG  . GLN B 16 ? 0.1560 0.2539 0.2086 0.0650  -0.0190 0.0103  16 GLN B CG  
392 C CD  . GLN B 16 ? 0.1832 0.2474 0.2196 0.0843  -0.0179 0.0130  16 GLN B CD  
393 O OE1 . GLN B 16 ? 0.1905 0.2196 0.2115 0.0783  -0.0126 0.0120  16 GLN B OE1 
394 N NE2 . GLN B 16 ? 0.2062 0.2786 0.2439 0.1085  -0.0247 0.0154  16 GLN B NE2 
395 N N   . GLN B 17 ? 0.1220 0.1532 0.1488 0.0147  -0.0042 0.0053  17 GLN B N   
396 C CA  . GLN B 17 ? 0.1176 0.1380 0.1407 0.0031  -0.0019 0.0027  17 GLN B CA  
397 C C   . GLN B 17 ? 0.1155 0.1248 0.1319 0.0004  -0.0062 0.0029  17 GLN B C   
398 O O   . GLN B 17 ? 0.1145 0.1217 0.1305 -0.0051 -0.0071 -0.0010 17 GLN B O   
399 C CB  . GLN B 17 ? 0.1250 0.1296 0.1388 0.0036  0.0032  0.0027  17 GLN B CB  
400 C CG  . GLN B 17 ? 0.1314 0.1519 0.1504 0.0051  0.0113  0.0017  17 GLN B CG  
401 C CD  . GLN B 17 ? 0.1458 0.1490 0.1482 0.0036  0.0172  0.0022  17 GLN B CD  
402 O OE1 . GLN B 17 ? 0.1498 0.1305 0.1390 0.0013  0.0127  0.0032  17 GLN B OE1 
403 N NE2 . GLN B 17 ? 0.1567 0.1751 0.1596 0.0062  0.0272  0.0010  17 GLN B NE2 
404 N N   . CYS B 18 ? 0.1190 0.1211 0.1297 0.0040  -0.0083 0.0070  18 CYS B N   
405 C CA  . CYS B 18 ? 0.1187 0.1209 0.1266 -0.0004 -0.0096 0.0074  18 CYS B CA  
406 C C   . CYS B 18 ? 0.1195 0.1382 0.1277 -0.0011 -0.0110 0.0058  18 CYS B C   
407 O O   . CYS B 18 ? 0.1186 0.1431 0.1264 -0.0028 -0.0102 0.0006  18 CYS B O   
408 C CB  . CYS B 18 ? 0.1290 0.1192 0.1302 -0.0025 -0.0103 0.0135  18 CYS B CB  
409 S SG  . CYS B 18 ? 0.1297 0.1330 0.1316 -0.0114 -0.0086 0.0154  18 CYS B SG  
410 N N   . ARG B 19 ? 0.1258 0.1532 0.1334 0.0029  -0.0139 0.0090  19 ARG B N   
411 C CA  . ARG B 19 ? 0.1311 0.1761 0.1360 0.0024  -0.0177 0.0059  19 ARG B CA  
412 C C   . ARG B 19 ? 0.1274 0.1790 0.1394 -0.0036 -0.0189 -0.0053 19 ARG B C   
413 O O   . ARG B 19 ? 0.1343 0.1903 0.1395 -0.0061 -0.0210 -0.0127 19 ARG B O   
414 C CB  . ARG B 19 ? 0.1427 0.1982 0.1453 0.0104  -0.0237 0.0122  19 ARG B CB  
415 C CG  . ARG B 19 ? 0.1633 0.2013 0.1503 0.0156  -0.0240 0.0251  19 ARG B CG  
416 C CD  . ARG B 19 ? 0.1835 0.2259 0.1664 0.0295  -0.0320 0.0321  19 ARG B CD  
417 N NE  . ARG B 19 ? 0.2134 0.2238 0.1792 0.0356  -0.0323 0.0444  19 ARG B NE  
418 C CZ  . ARG B 19 ? 0.2317 0.2259 0.1963 0.0508  -0.0356 0.0478  19 ARG B CZ  
419 N NH1 . ARG B 19 ? 0.2213 0.2386 0.2050 0.0638  -0.0378 0.0403  19 ARG B NH1 
420 N NH2 . ARG B 19 ? 0.2675 0.2209 0.2102 0.0528  -0.0363 0.0586  19 ARG B NH2 
421 N N   . ALA B 20 ? 0.1237 0.1731 0.1458 -0.0069 -0.0171 -0.0067 20 ALA B N   
422 C CA  . ALA B 20 ? 0.1296 0.1748 0.1546 -0.0175 -0.0171 -0.0151 20 ALA B CA  
423 C C   . ALA B 20 ? 0.1379 0.1598 0.1518 -0.0169 -0.0160 -0.0199 20 ALA B C   
424 O O   . ALA B 20 ? 0.1516 0.1663 0.1587 -0.0205 -0.0192 -0.0294 20 ALA B O   
425 C CB  . ALA B 20 ? 0.1287 0.1734 0.1625 -0.0230 -0.0119 -0.0125 20 ALA B CB  
426 N N   . CYS B 21 ? 0.1340 0.1447 0.1457 -0.0108 -0.0127 -0.0147 21 CYS B N   
427 C CA  . CYS B 21 ? 0.1428 0.1397 0.1483 -0.0055 -0.0127 -0.0188 21 CYS B CA  
428 C C   . CYS B 21 ? 0.1471 0.1571 0.1489 -0.0007 -0.0132 -0.0253 21 CYS B C   
429 O O   . CYS B 21 ? 0.1636 0.1639 0.1587 0.0041  -0.0144 -0.0351 21 CYS B O   
430 C CB  . CYS B 21 ? 0.1368 0.1306 0.1441 -0.0010 -0.0116 -0.0125 21 CYS B CB  
431 S SG  . CYS B 21 ? 0.1529 0.1314 0.1554 0.0081  -0.0148 -0.0164 21 CYS B SG  
432 N N   . CYS B 22 ? 0.1392 0.1682 0.1415 -0.0011 -0.0119 -0.0198 22 CYS B N   
433 C CA  . CYS B 22 ? 0.1472 0.1928 0.1423 0.0022  -0.0094 -0.0232 22 CYS B CA  
434 C C   . CYS B 22 ? 0.1610 0.2151 0.1448 0.0005  -0.0134 -0.0293 22 CYS B C   
435 O O   . CYS B 22 ? 0.1701 0.2403 0.1427 0.0022  -0.0110 -0.0281 22 CYS B O   
436 C CB  . CYS B 22 ? 0.1415 0.1982 0.1376 -0.0003 -0.0052 -0.0113 22 CYS B CB  
437 S SG  . CYS B 22 ? 0.1327 0.1875 0.1417 -0.0004 -0.0030 -0.0089 22 CYS B SG  
438 N N   . LYS B 23 ? 0.1665 0.2117 0.1520 -0.0048 -0.0193 -0.0357 23 LYS B N   
439 C CA  . LYS B 23 ? 0.1840 0.2379 0.1600 -0.0088 -0.0262 -0.0451 23 LYS B CA  
440 C C   . LYS B 23 ? 0.1830 0.2607 0.1527 -0.0068 -0.0297 -0.0365 23 LYS B C   
441 O O   . LYS B 23 ? 0.2008 0.2898 0.1536 -0.0057 -0.0336 -0.0431 23 LYS B O   
442 C CB  . LYS B 23 ? 0.2097 0.2537 0.1696 -0.0040 -0.0254 -0.0615 23 LYS B CB  
443 C CG  . LYS B 23 ? 0.2222 0.2343 0.1835 -0.0019 -0.0245 -0.0690 23 LYS B CG  
444 C CD  . LYS B 23 ? 0.2621 0.2550 0.2037 0.0032  -0.0274 -0.0892 23 LYS B CD  
445 C CE  . LYS B 23 ? 0.2869 0.2362 0.2245 0.0055  -0.0293 -0.0951 23 LYS B CE  
446 N NZ  . LYS B 23 ? 0.3356 0.2554 0.2492 0.0112  -0.0340 -0.1169 23 LYS B NZ  
447 N N   . GLY B 24 ? 0.1694 0.2505 0.1485 -0.0046 -0.0290 -0.0218 24 GLY B N   
448 C CA  . GLY B 24 ? 0.1781 0.2732 0.1496 0.0007  -0.0344 -0.0106 24 GLY B CA  
449 C C   . GLY B 24 ? 0.1875 0.2756 0.1441 0.0042  -0.0282 0.0035  24 GLY B C   
450 O O   . GLY B 24 ? 0.2014 0.2897 0.1475 0.0096  -0.0330 0.0161  24 GLY B O   
451 N N   . ARG B 25 ? 0.1848 0.2672 0.1406 0.0007  -0.0182 0.0018  25 ARG B N   
452 C CA  . ARG B 25 ? 0.1966 0.2774 0.1416 -0.0024 -0.0103 0.0143  25 ARG B CA  
453 C C   . ARG B 25 ? 0.1826 0.2570 0.1439 -0.0072 -0.0029 0.0141  25 ARG B C   
454 O O   . ARG B 25 ? 0.1783 0.2659 0.1452 -0.0071 0.0034  0.0049  25 ARG B O   
455 C CB  . ARG B 25 ? 0.2168 0.3164 0.1416 -0.0033 -0.0047 0.0111  25 ARG B CB  
456 C CG  . ARG B 25 ? 0.2396 0.3395 0.1463 -0.0103 0.0030  0.0291  25 ARG B CG  
457 C CD  . ARG B 25 ? 0.2558 0.3814 0.1487 -0.0134 0.0152  0.0246  25 ARG B CD  
458 N NE  . ARG B 25 ? 0.2822 0.4082 0.1573 -0.0255 0.0245  0.0448  25 ARG B NE  
459 C CZ  . ARG B 25 ? 0.2992 0.4525 0.1653 -0.0336 0.0399  0.0463  25 ARG B CZ  
460 N NH1 . ARG B 25 ? 0.2921 0.4764 0.1662 -0.0257 0.0476  0.0264  25 ARG B NH1 
461 N NH2 . ARG B 25 ? 0.3296 0.4782 0.1776 -0.0497 0.0485  0.0680  25 ARG B NH2 
462 N N   . GLY B 26 ? 0.1788 0.2343 0.1464 -0.0089 -0.0048 0.0227  26 GLY B N   
463 C CA  . GLY B 26 ? 0.1706 0.2204 0.1500 -0.0155 -0.0005 0.0235  26 GLY B CA  
464 C C   . GLY B 26 ? 0.1819 0.2047 0.1571 -0.0182 -0.0037 0.0339  26 GLY B C   
465 O O   . GLY B 26 ? 0.1923 0.2017 0.1604 -0.0098 -0.0092 0.0381  26 GLY B O   
466 N N   . LYS B 27 ? 0.1850 0.2008 0.1645 -0.0288 -0.0010 0.0366  27 LYS B N   
467 C CA  . LYS B 27 ? 0.2070 0.1890 0.1765 -0.0339 -0.0042 0.0450  27 LYS B CA  
468 C C   . LYS B 27 ? 0.2000 0.1773 0.1809 -0.0419 -0.0057 0.0385  27 LYS B C   
469 O O   . LYS B 27 ? 0.1859 0.1907 0.1820 -0.0492 -0.0030 0.0331  27 LYS B O   
470 C CB  . LYS B 27 ? 0.2431 0.2130 0.1936 -0.0469 -0.0010 0.0602  27 LYS B CB  
471 C CG  . LYS B 27 ? 0.2819 0.2031 0.2141 -0.0506 -0.0059 0.0695  27 LYS B CG  
472 C CD  . LYS B 27 ? 0.3289 0.2291 0.2360 -0.0653 -0.0028 0.0877  27 LYS B CD  
473 C CE  . LYS B 27 ? 0.3758 0.2211 0.2650 -0.0771 -0.0071 0.0948  27 LYS B CE  
474 N NZ  . LYS B 27 ? 0.4336 0.2351 0.2862 -0.0765 -0.0093 0.1150  27 LYS B NZ  
475 N N   . CYS B 28 ? 0.2100 0.1543 0.1825 -0.0383 -0.0108 0.0379  28 CYS B N   
476 C CA  . CYS B 28 ? 0.2137 0.1479 0.1900 -0.0465 -0.0145 0.0312  28 CYS B CA  
477 C C   . CYS B 28 ? 0.2438 0.1635 0.2132 -0.0691 -0.0148 0.0380  28 CYS B C   
478 O O   . CYS B 28 ? 0.2769 0.1614 0.2259 -0.0731 -0.0154 0.0480  28 CYS B O   
479 C CB  . CYS B 28 ? 0.2227 0.1267 0.1880 -0.0336 -0.0187 0.0256  28 CYS B CB  
480 S SG  . CYS B 28 ? 0.1904 0.1162 0.1664 -0.0154 -0.0164 0.0178  28 CYS B SG  
481 N N   . PHE B 29 ? 0.2349 0.1833 0.2218 -0.0840 -0.0153 0.0331  29 PHE B N   
482 C CA  . PHE B 29 ? 0.2644 0.2045 0.2498 -0.1109 -0.0170 0.0366  29 PHE B CA  
483 C C   . PHE B 29 ? 0.2641 0.2020 0.2557 -0.1135 -0.0272 0.0236  29 PHE B C   
484 O O   . PHE B 29 ? 0.2378 0.2183 0.2518 -0.1106 -0.0297 0.0154  29 PHE B O   
485 C CB  . PHE B 29 ? 0.2561 0.2471 0.2618 -0.1277 -0.0085 0.0411  29 PHE B CB  
486 C CG  . PHE B 29 ? 0.2620 0.2571 0.2561 -0.1259 0.0019  0.0537  29 PHE B CG  
487 C CD1 . PHE B 29 ? 0.2311 0.2531 0.2308 -0.1042 0.0062  0.0498  29 PHE B CD1 
488 C CD2 . PHE B 29 ? 0.3061 0.2752 0.2796 -0.1475 0.0067  0.0697  29 PHE B CD2 
489 C CE1 . PHE B 29 ? 0.2406 0.2684 0.2258 -0.1026 0.0144  0.0599  29 PHE B CE1 
490 C CE2 . PHE B 29 ? 0.3175 0.2907 0.2744 -0.1452 0.0157  0.0829  29 PHE B CE2 
491 C CZ  . PHE B 29 ? 0.2834 0.2884 0.2463 -0.1219 0.0190  0.0768  29 PHE B CZ  
492 N N   . GLY B 30 ? 0.2977 0.1840 0.2662 -0.1158 -0.0342 0.0207  30 GLY B N   
493 C CA  . GLY B 30 ? 0.3027 0.1802 0.2678 -0.1147 -0.0446 0.0066  30 GLY B CA  
494 C C   . GLY B 30 ? 0.2636 0.1653 0.2364 -0.0892 -0.0443 -0.0002 30 GLY B C   
495 O O   . GLY B 30 ? 0.2517 0.1443 0.2177 -0.0695 -0.0382 0.0028  30 GLY B O   
496 N N   . PRO B 31 ? 0.2484 0.1826 0.2355 -0.0904 -0.0517 -0.0082 31 PRO B N   
497 C CA  . PRO B 31 ? 0.2252 0.1714 0.2119 -0.0682 -0.0525 -0.0124 31 PRO B CA  
498 C C   . PRO B 31 ? 0.1902 0.1711 0.1963 -0.0559 -0.0456 -0.0077 31 PRO B C   
499 O O   . PRO B 31 ? 0.1792 0.1656 0.1834 -0.0403 -0.0472 -0.0102 31 PRO B O   
500 C CB  . PRO B 31 ? 0.2363 0.1979 0.2252 -0.0740 -0.0665 -0.0219 31 PRO B CB  
501 C CG  . PRO B 31 ? 0.2408 0.2330 0.2529 -0.0978 -0.0698 -0.0215 31 PRO B CG  
502 C CD  . PRO B 31 ? 0.2578 0.2211 0.2620 -0.1127 -0.0606 -0.0130 31 PRO B CD  
503 N N   . GLN B 32 ? 0.1807 0.1799 0.2000 -0.0628 -0.0376 -0.0012 32 GLN B N   
504 C CA  . GLN B 32 ? 0.1555 0.1870 0.1903 -0.0512 -0.0314 -0.0001 32 GLN B CA  
505 C C   . GLN B 32 ? 0.1497 0.1701 0.1767 -0.0459 -0.0218 0.0065  32 GLN B C   
506 O O   . GLN B 32 ? 0.1648 0.1750 0.1850 -0.0573 -0.0176 0.0140  32 GLN B O   
507 C CB  . GLN B 32 ? 0.1514 0.2300 0.2109 -0.0619 -0.0302 -0.0012 32 GLN B CB  
508 C CG  . GLN B 32 ? 0.1571 0.2609 0.2314 -0.0681 -0.0419 -0.0085 32 GLN B CG  
509 C CD  . GLN B 32 ? 0.1514 0.3158 0.2574 -0.0775 -0.0391 -0.0104 32 GLN B CD  
510 O OE1 . GLN B 32 ? 0.1427 0.3299 0.2570 -0.0757 -0.0268 -0.0072 32 GLN B OE1 
511 N NE2 . GLN B 32 ? 0.1594 0.3548 0.2833 -0.0870 -0.0506 -0.0169 32 GLN B NE2 
512 N N   . CYS B 33 ? 0.1351 0.1566 0.1609 -0.0302 -0.0195 0.0042  33 CYS B N   
513 C CA  . CYS B 33 ? 0.1298 0.1515 0.1515 -0.0254 -0.0128 0.0077  33 CYS B CA  
514 C C   . CYS B 33 ? 0.1250 0.1801 0.1581 -0.0244 -0.0080 0.0051  33 CYS B C   
515 O O   . CYS B 33 ? 0.1187 0.1867 0.1593 -0.0130 -0.0095 -0.0027 33 CYS B O   
516 C CB  . CYS B 33 ? 0.1226 0.1305 0.1381 -0.0135 -0.0132 0.0048  33 CYS B CB  
517 S SG  . CYS B 33 ? 0.1169 0.1333 0.1307 -0.0087 -0.0091 0.0045  33 CYS B SG  
518 N N   . LEU B 34 ? 0.1342 0.2006 0.1652 -0.0349 -0.0017 0.0119  34 LEU B N   
519 C CA  . LEU B 34 ? 0.1343 0.2371 0.1730 -0.0345 0.0061  0.0092  34 LEU B CA  
520 C C   . LEU B 34 ? 0.1405 0.2394 0.1632 -0.0282 0.0102  0.0105  34 LEU B C   
521 O O   . LEU B 34 ? 0.1515 0.2316 0.1583 -0.0337 0.0101  0.0207  34 LEU B O   
522 C CB  . LEU B 34 ? 0.1473 0.2730 0.1934 -0.0545 0.0121  0.0164  34 LEU B CB  
523 C CG  . LEU B 34 ? 0.1487 0.2812 0.2107 -0.0663 0.0055  0.0145  34 LEU B CG  
524 C CD1 . LEU B 34 ? 0.1670 0.3257 0.2376 -0.0923 0.0127  0.0220  34 LEU B CD1 
525 C CD2 . LEU B 34 ? 0.1331 0.2923 0.2150 -0.0496 -0.0006 0.0016  34 LEU B CD2 
526 N N   . CYS B 35 ? 0.1380 0.2521 0.1627 -0.0149 0.0120  -0.0009 35 CYS B N   
527 C CA  . CYS B 35 ? 0.1496 0.2634 0.1578 -0.0097 0.0142  -0.0034 35 CYS B CA  
528 C C   . CYS B 35 ? 0.1686 0.3102 0.1686 -0.0173 0.0249  0.0020  35 CYS B C   
529 O O   . CYS B 35 ? 0.1672 0.3372 0.1805 -0.0245 0.0324  0.0034  35 CYS B O   
530 C CB  . CYS B 35 ? 0.1492 0.2613 0.1575 0.0057  0.0116  -0.0197 35 CYS B CB  
531 S SG  . CYS B 35 ? 0.1406 0.2182 0.1541 0.0112  0.0014  -0.0234 35 CYS B SG  
532 N N   . GLY B 36 ? 0.1885 0.3258 0.1660 -0.0172 0.0255  0.0059  36 GLY B N   
533 C CA  . GLY B 36 ? 0.2166 0.3779 0.1776 -0.0248 0.0366  0.0130  36 GLY B CA  
534 C C   . GLY B 36 ? 0.2404 0.3894 0.1905 -0.0433 0.0397  0.0349  36 GLY B C   
535 O O   . GLY B 36 ? 0.2626 0.4323 0.2004 -0.0552 0.0516  0.0441  36 GLY B O   
536 N N   . TYR B 37 ? 0.2444 0.3574 0.1963 -0.0460 0.0298  0.0429  37 TYR B N   
537 C CA  . TYR B 37 ? 0.2791 0.3629 0.2141 -0.0603 0.0292  0.0629  37 TYR B CA  
538 C C   . TYR B 37 ? 0.2940 0.3429 0.2111 -0.0479 0.0170  0.0693  37 TYR B C   
539 O O   . TYR B 37 ? 0.2697 0.3148 0.1988 -0.0338 0.0086  0.0581  37 TYR B O   
540 C CB  . TYR B 37 ? 0.2754 0.3474 0.2289 -0.0736 0.0281  0.0643  37 TYR B CB  
541 C CG  . TYR B 37 ? 0.2735 0.3891 0.2477 -0.0880 0.0391  0.0601  37 TYR B CG  
542 C CD1 . TYR B 37 ? 0.3070 0.4362 0.2717 -0.1117 0.0510  0.0743  37 TYR B CD1 
543 C CD2 . TYR B 37 ? 0.2440 0.3905 0.2470 -0.0772 0.0381  0.0426  37 TYR B CD2 
544 C CE1 . TYR B 37 ? 0.3049 0.4870 0.2945 -0.1254 0.0626  0.0694  37 TYR B CE1 
545 C CE2 . TYR B 37 ? 0.2429 0.4385 0.2693 -0.0858 0.0471  0.0373  37 TYR B CE2 
546 C CZ  . TYR B 37 ? 0.2708 0.4893 0.2938 -0.1103 0.0598  0.0498  37 TYR B CZ  
547 O OH  . TYR B 37 ? 0.2712 0.5505 0.3239 -0.1188 0.0696  0.0432  37 TYR B OH  
548 N N   . ASP B 38 ? 0.3419 0.3675 0.2293 -0.0533 0.0166  0.0882  38 ASP B N   
549 C CA  . ASP B 38 ? 0.3697 0.3631 0.2378 -0.0384 0.0039  0.0970  38 ASP B CA  
550 C C   . ASP B 38 ? 0.3997 0.3446 0.2612 -0.0424 -0.0009 0.1082  38 ASP B C   
551 O O   . ASP B 38 ? 0.4082 0.3302 0.2695 -0.0247 -0.0116 0.1069  38 ASP B O   
552 C CB  . ASP B 38 ? 0.4103 0.4037 0.2417 -0.0370 0.0037  0.1120  38 ASP B CB  
553 C CG  . ASP B 38 ? 0.3978 0.4361 0.2280 -0.0342 0.0090  0.0995  38 ASP B CG  
554 O OD1 . ASP B 38 ? 0.3651 0.4228 0.2169 -0.0227 0.0036  0.0797  38 ASP B OD1 
555 O OD2 . ASP B 38 ? 0.4273 0.4789 0.2325 -0.0443 0.0193  0.1089  38 ASP B OD2 
556 O OXT . ASP B 38 ? 0.4260 0.3537 0.2815 -0.0635 0.0061  0.1176  38 ASP B OXT 
# 
